data_5E2Y
#
_entry.id   5E2Y
#
_cell.length_a   70.796
_cell.length_b   235.766
_cell.length_c   71.524
_cell.angle_alpha   90.00
_cell.angle_beta   114.37
_cell.angle_gamma   90.00
#
_symmetry.space_group_name_H-M   'P 1 21 1'
#
loop_
_entity.id
_entity.type
_entity.pdbx_description
1 polymer Hemagglutinin
2 polymer Hemagglutinin
3 branched beta-L-fucopyranose-(1-3)-[2-acetamido-2-deoxy-beta-D-glucopyranose-(1-4)]2-acetamido-2-deoxy-beta-D-glucopyranose
4 branched beta-L-fucopyranose-(1-3)-[2-acetamido-2-deoxy-beta-D-glucopyranose-(1-4)][alpha-L-fucopyranose-(1-6)]2-acetamido-2-deoxy-beta-D-glucopyranose
5 non-polymer 2-acetamido-2-deoxy-beta-D-glucopyranose
6 water water
#
loop_
_entity_poly.entity_id
_entity_poly.type
_entity_poly.pdbx_seq_one_letter_code
_entity_poly.pdbx_strand_id
1 'polypeptide(L)'
;ADPGDQICIGYHANNSTEQVDTIMEKNVTVTHAQDILEKTHNGKLCNLDGVKPLILRDCSVAGWLLGNPMCDEFLNVPEW
SYIVEKINPANDLCYPGNFNDYEELKHLLSRINHFEKIQITPKNSWSDHEASGVSSACPYQGRSSFFRNVVWLTKKDNAY
PTIKRSYNNTNQEDLLVLWGIHHPNDATEQTRLYQNPTTYISVGTSTLNQKLVPKIATRSKVKGLSGRMEFFWTILKSND
AINFESNGNFIAPENAYKIVKKGDSTIMKSELEYGDCNTKCQTPIGAINSSMPFHNIHPLTIGECPKYVKSNRLVLATGL
RNSPQGERRRKKR
;
A,C,E
2 'polypeptide(L)'
;GLFGAIAGFIEGGWQGMVDGWYGYHHSNEQGSGYAADKESTQKAIDGVTNKVNSIIDKMNTQFEAVGREFNNLERRIENL
NKKMEDGFLDVWTYNAELLVLMENERTLDFHDSNVKNLYDKVRLQLRDNAKELGNGCFEFYHRCDNECMESVRNGTYDYP
QYSEEARLKREEISGRLVPR
;
B,D,F
#
loop_
_chem_comp.id
_chem_comp.type
_chem_comp.name
_chem_comp.formula
FUC L-saccharide, alpha linking alpha-L-fucopyranose 'C6 H12 O5'
FUL L-saccharide, beta linking beta-L-fucopyranose 'C6 H12 O5'
NAG D-saccharide, beta linking 2-acetamido-2-deoxy-beta-D-glucopyranose 'C8 H15 N O6'
#
# COMPACT_ATOMS: atom_id res chain seq x y z
N ASP A 2 66.31 -26.65 -0.76
CA ASP A 2 65.32 -27.35 -1.57
C ASP A 2 63.95 -27.25 -0.91
N PRO A 3 62.92 -26.84 -1.69
CA PRO A 3 61.52 -26.74 -1.27
C PRO A 3 60.98 -27.96 -0.52
N GLY A 4 60.33 -27.73 0.62
CA GLY A 4 59.88 -28.81 1.48
C GLY A 4 58.39 -29.09 1.34
N ASP A 5 57.76 -29.50 2.44
CA ASP A 5 56.34 -29.82 2.42
C ASP A 5 55.51 -28.55 2.51
N GLN A 6 54.37 -28.56 1.81
CA GLN A 6 53.55 -27.35 1.65
C GLN A 6 52.05 -27.61 1.83
N ILE A 7 51.35 -26.66 2.46
CA ILE A 7 49.88 -26.68 2.54
C ILE A 7 49.23 -25.38 2.05
N CYS A 8 48.16 -25.52 1.26
CA CYS A 8 47.42 -24.35 0.78
C CYS A 8 45.94 -24.46 1.13
N ILE A 9 45.32 -23.33 1.42
CA ILE A 9 43.90 -23.30 1.70
C ILE A 9 43.15 -22.51 0.62
N GLY A 10 42.08 -23.10 0.11
CA GLY A 10 41.36 -22.52 -1.01
C GLY A 10 39.90 -22.89 -1.09
N TYR A 11 39.23 -22.46 -2.14
CA TYR A 11 37.80 -22.65 -2.26
C TYR A 11 37.38 -23.24 -3.60
N HIS A 12 36.14 -23.67 -3.66
CA HIS A 12 35.60 -24.37 -4.82
C HIS A 12 35.48 -23.47 -6.06
N ALA A 13 35.54 -24.11 -7.23
CA ALA A 13 35.20 -23.48 -8.51
C ALA A 13 34.70 -24.56 -9.46
N ASN A 14 33.91 -24.17 -10.46
CA ASN A 14 33.40 -25.14 -11.43
C ASN A 14 33.08 -24.49 -12.78
N ASN A 15 32.32 -25.22 -13.58
CA ASN A 15 32.04 -24.82 -14.96
C ASN A 15 30.71 -24.09 -15.10
N SER A 16 30.16 -23.68 -13.95
CA SER A 16 28.87 -23.00 -13.89
C SER A 16 28.88 -21.65 -14.63
N THR A 17 27.71 -21.29 -15.19
CA THR A 17 27.56 -20.09 -15.99
C THR A 17 26.44 -19.23 -15.39
N GLU A 18 25.79 -19.77 -14.36
CA GLU A 18 24.69 -19.08 -13.70
C GLU A 18 25.14 -17.75 -13.14
N GLN A 19 24.38 -16.70 -13.47
CA GLN A 19 24.72 -15.35 -13.03
C GLN A 19 23.72 -14.87 -11.97
N VAL A 20 24.13 -13.87 -11.20
CA VAL A 20 23.36 -13.41 -10.08
C VAL A 20 23.59 -11.90 -9.98
N ASP A 21 22.60 -11.15 -9.52
CA ASP A 21 22.80 -9.72 -9.37
C ASP A 21 22.98 -9.39 -7.90
N THR A 22 23.66 -8.27 -7.64
CA THR A 22 23.90 -7.74 -6.30
C THR A 22 23.76 -6.23 -6.42
N ILE A 23 23.74 -5.53 -5.29
CA ILE A 23 23.59 -4.09 -5.30
C ILE A 23 24.69 -3.36 -6.10
N MET A 24 25.96 -3.72 -5.87
CA MET A 24 27.07 -3.01 -6.50
C MET A 24 27.51 -3.64 -7.83
N GLU A 25 27.05 -4.85 -8.11
CA GLU A 25 27.52 -5.53 -9.30
C GLU A 25 26.48 -6.43 -9.97
N LYS A 26 26.41 -6.32 -11.30
CA LYS A 26 25.47 -7.13 -12.08
C LYS A 26 26.19 -8.29 -12.78
N ASN A 27 25.46 -9.36 -13.09
CA ASN A 27 26.01 -10.50 -13.81
C ASN A 27 27.24 -11.15 -13.19
N VAL A 28 27.19 -11.41 -11.89
CA VAL A 28 28.27 -12.10 -11.20
C VAL A 28 28.10 -13.59 -11.38
N THR A 29 29.07 -14.25 -12.01
CA THR A 29 28.98 -15.69 -12.19
C THR A 29 29.24 -16.37 -10.84
N VAL A 30 28.42 -17.35 -10.53
CA VAL A 30 28.43 -17.98 -9.22
C VAL A 30 28.45 -19.49 -9.40
N THR A 31 29.01 -20.21 -8.43
CA THR A 31 29.15 -21.65 -8.54
C THR A 31 27.80 -22.35 -8.45
N HIS A 32 26.94 -21.85 -7.55
CA HIS A 32 25.61 -22.42 -7.36
C HIS A 32 24.56 -21.32 -7.19
N ALA A 33 23.50 -21.41 -7.97
CA ALA A 33 22.42 -20.44 -7.85
C ALA A 33 21.06 -21.15 -7.86
N GLN A 34 20.09 -20.51 -7.23
CA GLN A 34 18.75 -21.05 -7.14
C GLN A 34 17.74 -20.08 -7.72
N ASP A 35 17.05 -20.52 -8.76
CA ASP A 35 15.97 -19.74 -9.34
C ASP A 35 14.72 -19.91 -8.49
N ILE A 36 14.05 -18.81 -8.15
CA ILE A 36 12.85 -18.88 -7.30
C ILE A 36 11.62 -18.23 -7.96
N LEU A 37 11.68 -18.00 -9.27
CA LEU A 37 10.58 -17.35 -9.99
C LEU A 37 9.96 -18.20 -11.08
N GLU A 38 8.75 -18.73 -10.83
CA GLU A 38 8.05 -19.54 -11.82
C GLU A 38 7.55 -18.67 -12.97
N LYS A 39 7.84 -19.10 -14.19
CA LYS A 39 7.56 -18.27 -15.36
C LYS A 39 6.76 -19.01 -16.39
N THR A 40 6.25 -20.18 -16.07
CA THR A 40 5.55 -20.99 -17.08
C THR A 40 4.20 -21.48 -16.58
N HIS A 41 3.29 -21.66 -17.53
CA HIS A 41 1.96 -22.19 -17.28
C HIS A 41 1.51 -23.04 -18.47
N ASN A 42 0.48 -23.86 -18.29
CA ASN A 42 0.06 -24.74 -19.35
C ASN A 42 -0.88 -24.09 -20.38
N GLY A 43 -1.30 -22.85 -20.12
CA GLY A 43 -2.12 -22.18 -21.11
C GLY A 43 -3.53 -22.74 -21.23
N LYS A 44 -3.99 -23.41 -20.17
CA LYS A 44 -5.34 -23.98 -20.15
C LYS A 44 -6.16 -23.61 -18.93
N LEU A 45 -7.48 -23.76 -19.07
CA LEU A 45 -8.43 -23.67 -17.97
C LEU A 45 -8.73 -25.05 -17.40
N CYS A 46 -8.44 -25.25 -16.12
CA CYS A 46 -8.54 -26.57 -15.52
C CYS A 46 -9.53 -26.69 -14.39
N ASN A 47 -9.61 -27.89 -13.85
CA ASN A 47 -10.31 -28.08 -12.61
C ASN A 47 -9.45 -27.48 -11.53
N LEU A 48 -10.10 -27.04 -10.47
CA LEU A 48 -9.44 -26.59 -9.27
C LEU A 48 -9.75 -27.65 -8.21
N ASP A 49 -8.69 -28.31 -7.71
CA ASP A 49 -8.77 -29.63 -7.09
C ASP A 49 -9.58 -30.55 -7.95
N GLY A 50 -10.62 -31.14 -7.43
CA GLY A 50 -11.35 -32.03 -8.31
C GLY A 50 -12.44 -31.30 -9.06
N VAL A 51 -12.56 -29.98 -8.85
CA VAL A 51 -13.79 -29.29 -9.22
C VAL A 51 -13.75 -28.47 -10.51
N LYS A 52 -14.69 -28.75 -11.40
CA LYS A 52 -14.72 -28.07 -12.67
C LYS A 52 -15.22 -26.64 -12.50
N PRO A 53 -14.64 -25.70 -13.26
CA PRO A 53 -15.21 -24.37 -13.28
C PRO A 53 -16.50 -24.35 -14.07
N LEU A 54 -17.31 -23.34 -13.77
CA LEU A 54 -18.44 -23.00 -14.60
C LEU A 54 -17.87 -22.18 -15.74
N ILE A 55 -17.88 -22.77 -16.92
CA ILE A 55 -17.42 -22.10 -18.11
C ILE A 55 -18.63 -21.67 -18.96
N LEU A 56 -18.90 -20.37 -18.94
CA LEU A 56 -19.90 -19.76 -19.80
C LEU A 56 -19.25 -19.67 -21.14
N ARG A 57 -19.95 -19.93 -22.24
CA ARG A 57 -19.21 -19.86 -23.51
C ARG A 57 -19.27 -18.44 -23.98
N ASP A 58 -20.29 -18.17 -24.78
CA ASP A 58 -20.58 -16.83 -25.23
C ASP A 58 -21.75 -16.30 -24.40
N CYS A 59 -21.94 -16.86 -23.20
CA CYS A 59 -23.00 -16.41 -22.31
C CYS A 59 -22.44 -15.55 -21.21
N SER A 60 -23.17 -14.50 -20.84
CA SER A 60 -22.78 -13.66 -19.71
C SER A 60 -23.48 -14.16 -18.43
N VAL A 61 -23.07 -13.64 -17.27
CA VAL A 61 -23.70 -14.01 -16.01
C VAL A 61 -25.21 -13.69 -16.04
N ALA A 62 -25.53 -12.54 -16.57
CA ALA A 62 -26.90 -12.10 -16.70
C ALA A 62 -27.66 -13.00 -17.64
N GLY A 63 -27.00 -13.45 -18.73
CA GLY A 63 -27.64 -14.32 -19.72
C GLY A 63 -28.01 -15.64 -19.09
N TRP A 64 -27.07 -16.14 -18.29
CA TRP A 64 -27.28 -17.37 -17.56
C TRP A 64 -28.42 -17.28 -16.57
N LEU A 65 -28.38 -16.30 -15.68
CA LEU A 65 -29.31 -16.26 -14.54
C LEU A 65 -30.74 -15.98 -15.00
N LEU A 66 -30.89 -15.06 -15.95
CA LEU A 66 -32.20 -14.73 -16.48
C LEU A 66 -32.74 -15.83 -17.39
N GLY A 67 -31.82 -16.60 -17.97
CA GLY A 67 -32.24 -17.68 -18.83
C GLY A 67 -32.42 -17.27 -20.28
N ASN A 68 -31.44 -16.53 -20.81
CA ASN A 68 -31.33 -16.29 -22.24
C ASN A 68 -31.44 -17.64 -23.00
N PRO A 69 -32.34 -17.72 -24.01
CA PRO A 69 -32.60 -18.97 -24.73
C PRO A 69 -31.36 -19.56 -25.43
N MET A 70 -30.36 -18.74 -25.70
CA MET A 70 -29.10 -19.18 -26.28
C MET A 70 -28.16 -19.72 -25.21
N CYS A 71 -28.64 -19.84 -23.97
CA CYS A 71 -27.79 -20.30 -22.87
C CYS A 71 -28.35 -21.52 -22.17
N ASP A 72 -29.09 -22.34 -22.92
CA ASP A 72 -29.79 -23.47 -22.32
C ASP A 72 -28.80 -24.51 -21.79
N GLU A 73 -27.54 -24.38 -22.18
CA GLU A 73 -26.50 -25.23 -21.62
C GLU A 73 -26.44 -25.06 -20.10
N PHE A 74 -26.90 -23.90 -19.61
CA PHE A 74 -26.71 -23.61 -18.21
C PHE A 74 -27.98 -23.57 -17.38
N LEU A 75 -29.04 -24.26 -17.81
CA LEU A 75 -30.27 -24.25 -17.01
C LEU A 75 -30.13 -24.78 -15.59
N ASN A 76 -29.25 -25.76 -15.39
CA ASN A 76 -29.05 -26.31 -14.05
C ASN A 76 -27.61 -26.76 -13.83
N VAL A 77 -26.76 -25.82 -13.44
CA VAL A 77 -25.35 -26.13 -13.39
C VAL A 77 -24.98 -26.78 -12.07
N PRO A 78 -24.00 -27.70 -12.10
CA PRO A 78 -23.48 -28.28 -10.85
C PRO A 78 -22.54 -27.34 -10.14
N GLU A 79 -22.21 -27.66 -8.88
CA GLU A 79 -21.24 -26.91 -8.09
C GLU A 79 -19.98 -26.67 -8.91
N TRP A 80 -19.47 -25.44 -8.88
CA TRP A 80 -18.28 -25.01 -9.63
C TRP A 80 -17.19 -24.50 -8.70
N SER A 81 -15.98 -24.36 -9.22
CA SER A 81 -14.84 -23.89 -8.44
C SER A 81 -14.57 -22.42 -8.68
N TYR A 82 -14.80 -22.02 -9.92
CA TYR A 82 -14.72 -20.63 -10.28
C TYR A 82 -15.52 -20.41 -11.55
N ILE A 83 -15.77 -19.16 -11.88
CA ILE A 83 -16.53 -18.89 -13.08
C ILE A 83 -15.67 -18.25 -14.14
N VAL A 84 -15.83 -18.70 -15.39
CA VAL A 84 -15.14 -18.06 -16.51
C VAL A 84 -16.12 -17.42 -17.50
N GLU A 85 -15.86 -16.14 -17.79
CA GLU A 85 -16.73 -15.33 -18.62
C GLU A 85 -15.86 -14.60 -19.63
N LYS A 86 -16.35 -14.40 -20.85
CA LYS A 86 -15.56 -13.68 -21.85
C LYS A 86 -15.61 -12.18 -21.66
N ILE A 87 -14.71 -11.45 -22.35
CA ILE A 87 -14.68 -10.01 -22.18
C ILE A 87 -15.95 -9.44 -22.79
N ASN A 88 -16.36 -9.92 -23.96
CA ASN A 88 -17.57 -9.39 -24.55
C ASN A 88 -18.50 -10.51 -24.95
N PRO A 89 -19.12 -11.15 -23.97
CA PRO A 89 -19.98 -12.30 -24.28
C PRO A 89 -21.07 -11.90 -25.26
N ALA A 90 -21.42 -12.79 -26.16
CA ALA A 90 -22.37 -12.49 -27.22
C ALA A 90 -23.81 -12.64 -26.74
N ASN A 91 -24.03 -13.56 -25.81
CA ASN A 91 -25.36 -13.82 -25.29
C ASN A 91 -25.54 -13.25 -23.89
N ASP A 92 -26.07 -12.03 -23.83
CA ASP A 92 -26.27 -11.27 -22.61
C ASP A 92 -27.77 -11.05 -22.46
N LEU A 93 -28.22 -9.79 -22.37
CA LEU A 93 -29.65 -9.51 -22.43
C LEU A 93 -30.14 -9.54 -23.88
N CYS A 94 -30.89 -10.56 -24.26
CA CYS A 94 -31.31 -10.64 -25.65
C CYS A 94 -32.22 -9.44 -25.94
N TYR A 95 -33.25 -9.22 -25.11
CA TYR A 95 -34.06 -8.00 -25.16
C TYR A 95 -33.26 -6.84 -24.58
N PRO A 96 -33.26 -5.69 -25.28
CA PRO A 96 -32.41 -4.59 -24.78
C PRO A 96 -32.93 -4.00 -23.45
N GLY A 97 -32.01 -3.47 -22.64
CA GLY A 97 -32.38 -2.84 -21.39
C GLY A 97 -31.23 -2.98 -20.41
N ASN A 98 -31.51 -3.04 -19.12
CA ASN A 98 -30.40 -3.12 -18.19
C ASN A 98 -30.73 -4.03 -17.00
N PHE A 99 -29.68 -4.44 -16.29
CA PHE A 99 -29.74 -5.28 -15.12
C PHE A 99 -29.30 -4.43 -13.96
N ASN A 100 -30.24 -4.09 -13.10
CA ASN A 100 -30.00 -3.22 -11.97
C ASN A 100 -29.03 -3.82 -10.97
N ASP A 101 -28.08 -3.00 -10.51
CA ASP A 101 -27.05 -3.47 -9.60
C ASP A 101 -26.30 -4.72 -10.06
N TYR A 102 -25.96 -4.76 -11.34
CA TYR A 102 -25.30 -5.93 -11.92
C TYR A 102 -23.97 -6.23 -11.26
N GLU A 103 -23.17 -5.21 -10.94
CA GLU A 103 -21.84 -5.46 -10.38
C GLU A 103 -21.92 -6.02 -8.94
N GLU A 104 -22.90 -5.57 -8.14
CA GLU A 104 -23.10 -6.10 -6.79
C GLU A 104 -23.60 -7.53 -6.88
N LEU A 105 -24.37 -7.83 -7.93
CA LEU A 105 -24.77 -9.21 -8.13
C LEU A 105 -23.55 -10.02 -8.46
N LYS A 106 -22.69 -9.48 -9.31
CA LYS A 106 -21.52 -10.26 -9.72
C LYS A 106 -20.58 -10.52 -8.54
N HIS A 107 -20.49 -9.56 -7.62
CA HIS A 107 -19.61 -9.70 -6.46
C HIS A 107 -20.22 -10.72 -5.49
N LEU A 108 -21.54 -10.75 -5.37
CA LEU A 108 -22.17 -11.81 -4.58
C LEU A 108 -21.90 -13.18 -5.19
N LEU A 109 -21.89 -13.22 -6.52
CA LEU A 109 -21.70 -14.48 -7.24
C LEU A 109 -20.28 -15.01 -7.03
N SER A 110 -19.31 -14.13 -6.85
CA SER A 110 -17.94 -14.57 -6.61
C SER A 110 -17.77 -15.15 -5.22
N ARG A 111 -18.81 -15.10 -4.38
CA ARG A 111 -18.73 -15.67 -3.03
C ARG A 111 -19.60 -16.92 -2.90
N ILE A 112 -20.06 -17.45 -4.04
CA ILE A 112 -21.00 -18.59 -4.13
C ILE A 112 -20.46 -19.72 -5.02
N ASN A 113 -20.59 -20.97 -4.54
CA ASN A 113 -20.11 -22.11 -5.30
C ASN A 113 -21.20 -22.97 -5.92
N HIS A 114 -22.42 -22.82 -5.45
CA HIS A 114 -23.47 -23.69 -5.96
C HIS A 114 -24.87 -23.09 -5.75
N PHE A 115 -25.65 -23.07 -6.83
CA PHE A 115 -27.08 -22.72 -6.83
C PHE A 115 -27.90 -24.00 -6.99
N GLU A 116 -29.15 -24.00 -6.57
CA GLU A 116 -30.13 -25.02 -6.99
C GLU A 116 -31.36 -24.26 -7.50
N LYS A 117 -31.66 -24.38 -8.79
CA LYS A 117 -32.77 -23.64 -9.37
C LYS A 117 -34.10 -24.24 -8.99
N ILE A 118 -35.03 -23.43 -8.52
CA ILE A 118 -36.37 -23.95 -8.26
C ILE A 118 -37.45 -23.13 -8.94
N GLN A 119 -38.60 -23.76 -9.12
CA GLN A 119 -39.74 -23.08 -9.70
C GLN A 119 -40.56 -22.48 -8.58
N ILE A 120 -40.85 -21.19 -8.66
CA ILE A 120 -41.58 -20.58 -7.56
C ILE A 120 -42.98 -20.13 -7.98
N THR A 121 -43.22 -20.11 -9.29
CA THR A 121 -44.57 -19.89 -9.82
C THR A 121 -44.79 -20.84 -11.00
N PRO A 122 -45.78 -21.75 -10.87
CA PRO A 122 -46.04 -22.53 -12.09
C PRO A 122 -46.56 -21.62 -13.24
N LYS A 123 -46.03 -21.73 -14.46
CA LYS A 123 -46.44 -20.83 -15.57
C LYS A 123 -47.94 -20.95 -15.89
N ASN A 124 -48.54 -22.07 -15.49
CA ASN A 124 -49.96 -22.32 -15.70
C ASN A 124 -50.79 -21.86 -14.51
N SER A 125 -50.33 -20.80 -13.82
CA SER A 125 -51.06 -20.22 -12.71
C SER A 125 -51.55 -18.82 -13.06
N TRP A 126 -51.27 -18.39 -14.29
CA TRP A 126 -51.77 -17.11 -14.73
C TRP A 126 -53.04 -17.34 -15.51
N SER A 127 -54.15 -17.36 -14.81
CA SER A 127 -55.37 -17.78 -15.45
C SER A 127 -56.13 -16.57 -15.98
N ASP A 128 -55.73 -15.37 -15.58
CA ASP A 128 -56.38 -14.18 -16.10
C ASP A 128 -55.43 -13.29 -16.89
N HIS A 129 -54.24 -13.79 -17.18
CA HIS A 129 -53.30 -13.04 -17.99
C HIS A 129 -52.74 -14.03 -18.98
N GLU A 130 -52.22 -13.50 -20.09
CA GLU A 130 -51.53 -14.33 -21.06
C GLU A 130 -50.05 -14.39 -20.66
N ALA A 131 -49.51 -15.60 -20.52
CA ALA A 131 -48.13 -15.78 -20.07
C ALA A 131 -47.24 -16.38 -21.14
N SER A 132 -47.32 -15.85 -22.35
CA SER A 132 -46.66 -16.45 -23.52
C SER A 132 -45.88 -15.41 -24.30
N GLY A 133 -45.49 -14.34 -23.60
CA GLY A 133 -44.78 -13.23 -24.20
C GLY A 133 -43.52 -13.69 -24.89
N VAL A 134 -43.23 -13.09 -26.04
CA VAL A 134 -42.15 -13.57 -26.86
C VAL A 134 -41.54 -12.41 -27.68
N SER A 135 -40.32 -12.59 -28.19
CA SER A 135 -39.67 -11.50 -28.92
C SER A 135 -38.65 -11.96 -29.98
N SER A 136 -38.58 -11.24 -31.08
CA SER A 136 -37.62 -11.58 -32.12
C SER A 136 -36.18 -11.27 -31.69
N ALA A 137 -36.02 -10.52 -30.61
CA ALA A 137 -34.68 -10.22 -30.11
C ALA A 137 -34.19 -11.38 -29.24
N CYS A 138 -35.11 -12.31 -28.94
CA CYS A 138 -34.81 -13.49 -28.14
C CYS A 138 -35.09 -14.79 -28.91
N PRO A 139 -34.31 -15.07 -29.97
CA PRO A 139 -34.59 -16.27 -30.76
C PRO A 139 -34.16 -17.56 -30.08
N TYR A 140 -34.86 -18.66 -30.34
CA TYR A 140 -34.44 -19.94 -29.80
C TYR A 140 -34.11 -20.95 -30.91
N GLN A 141 -35.13 -21.32 -31.70
CA GLN A 141 -34.92 -22.27 -32.81
C GLN A 141 -35.28 -21.57 -34.13
N GLY A 142 -34.64 -20.44 -34.41
CA GLY A 142 -35.01 -19.63 -35.56
C GLY A 142 -36.32 -18.90 -35.28
N ARG A 143 -36.90 -19.12 -34.10
CA ARG A 143 -38.18 -18.49 -33.75
C ARG A 143 -38.09 -17.60 -32.51
N SER A 144 -39.13 -16.77 -32.32
CA SER A 144 -39.14 -15.88 -31.18
C SER A 144 -39.32 -16.64 -29.91
N SER A 145 -38.48 -16.32 -28.94
CA SER A 145 -38.60 -16.90 -27.64
C SER A 145 -38.52 -15.79 -26.59
N PHE A 146 -38.10 -16.17 -25.39
CA PHE A 146 -37.98 -15.22 -24.32
C PHE A 146 -37.14 -15.85 -23.24
N PHE A 147 -36.70 -15.05 -22.27
CA PHE A 147 -35.96 -15.58 -21.12
C PHE A 147 -36.76 -16.70 -20.47
N ARG A 148 -36.05 -17.70 -19.93
CA ARG A 148 -36.71 -18.91 -19.42
C ARG A 148 -37.02 -18.80 -17.95
N ASN A 149 -36.35 -17.87 -17.26
CA ASN A 149 -36.50 -17.77 -15.82
C ASN A 149 -37.44 -16.63 -15.35
N VAL A 150 -37.89 -15.79 -16.28
CA VAL A 150 -38.95 -14.81 -16.01
C VAL A 150 -39.98 -14.95 -17.13
N VAL A 151 -41.19 -14.48 -16.88
CA VAL A 151 -42.28 -14.59 -17.87
C VAL A 151 -42.88 -13.23 -18.19
N TRP A 152 -43.09 -12.97 -19.47
CA TRP A 152 -43.69 -11.73 -19.97
C TRP A 152 -45.20 -11.80 -19.98
N LEU A 153 -45.85 -11.17 -19.01
CA LEU A 153 -47.32 -11.21 -18.90
C LEU A 153 -47.92 -10.08 -19.70
N THR A 154 -48.99 -10.36 -20.42
CA THR A 154 -49.69 -9.33 -21.20
C THR A 154 -51.19 -9.49 -20.97
N LYS A 155 -52.01 -8.61 -21.55
CA LYS A 155 -53.44 -8.70 -21.26
C LYS A 155 -54.11 -9.92 -21.93
N LYS A 156 -55.14 -10.42 -21.26
CA LYS A 156 -55.96 -11.54 -21.72
C LYS A 156 -57.38 -11.02 -21.88
N ASP A 157 -57.99 -11.42 -23.00
CA ASP A 157 -59.20 -10.79 -23.49
C ASP A 157 -58.85 -9.34 -23.75
N ASN A 158 -59.45 -8.41 -23.02
CA ASN A 158 -58.97 -7.03 -23.14
C ASN A 158 -58.84 -6.42 -21.77
N ALA A 159 -58.27 -7.21 -20.87
CA ALA A 159 -58.11 -6.80 -19.50
C ALA A 159 -56.79 -7.26 -18.92
N TYR A 160 -56.30 -6.49 -17.96
CA TYR A 160 -55.13 -6.83 -17.17
C TYR A 160 -55.55 -6.63 -15.72
N PRO A 161 -56.11 -7.69 -15.13
CA PRO A 161 -56.50 -7.65 -13.73
C PRO A 161 -55.27 -7.38 -12.89
N THR A 162 -55.46 -6.71 -11.75
CA THR A 162 -54.34 -6.42 -10.86
C THR A 162 -53.79 -7.69 -10.29
N ILE A 163 -52.48 -7.88 -10.46
CA ILE A 163 -51.83 -9.05 -9.90
C ILE A 163 -51.42 -8.75 -8.48
N LYS A 164 -51.87 -9.61 -7.57
CA LYS A 164 -51.41 -9.61 -6.21
C LYS A 164 -50.89 -10.99 -5.91
N ARG A 165 -49.59 -11.16 -6.00
CA ARG A 165 -48.99 -12.47 -5.77
C ARG A 165 -47.90 -12.41 -4.73
N SER A 166 -47.83 -13.45 -3.90
CA SER A 166 -46.89 -13.49 -2.79
C SER A 166 -46.15 -14.83 -2.81
N TYR A 167 -44.88 -14.84 -2.41
CA TYR A 167 -44.17 -16.11 -2.30
C TYR A 167 -43.33 -16.17 -1.02
N ASN A 168 -43.48 -17.24 -0.23
CA ASN A 168 -42.77 -17.39 1.04
C ASN A 168 -41.58 -18.34 0.93
N ASN A 169 -40.38 -17.86 1.27
CA ASN A 169 -39.20 -18.72 1.17
C ASN A 169 -39.17 -19.74 2.28
N THR A 170 -39.89 -20.83 2.05
CA THR A 170 -39.98 -21.87 3.05
C THR A 170 -38.74 -22.74 3.05
N ASN A 171 -37.81 -22.47 2.14
CA ASN A 171 -36.59 -23.23 2.09
C ASN A 171 -35.68 -22.75 3.19
N GLN A 172 -34.64 -23.51 3.48
CA GLN A 172 -33.71 -23.15 4.52
C GLN A 172 -32.65 -22.23 3.92
N GLU A 173 -32.38 -22.38 2.63
CA GLU A 173 -31.37 -21.53 2.00
C GLU A 173 -31.98 -20.20 1.46
N ASP A 174 -31.14 -19.15 1.41
CA ASP A 174 -31.57 -17.88 0.80
C ASP A 174 -31.86 -18.05 -0.68
N LEU A 175 -32.75 -17.21 -1.19
CA LEU A 175 -33.20 -17.29 -2.56
C LEU A 175 -32.81 -16.04 -3.29
N LEU A 176 -32.18 -16.23 -4.45
CA LEU A 176 -31.97 -15.14 -5.37
C LEU A 176 -33.18 -15.07 -6.30
N VAL A 177 -33.95 -13.99 -6.24
CA VAL A 177 -35.18 -13.83 -7.01
C VAL A 177 -35.01 -12.69 -8.02
N LEU A 178 -35.43 -12.94 -9.26
CA LEU A 178 -35.27 -12.01 -10.39
C LEU A 178 -36.61 -11.60 -10.98
N TRP A 179 -36.74 -10.35 -11.40
CA TRP A 179 -37.94 -9.87 -12.07
C TRP A 179 -37.57 -8.65 -12.88
N GLY A 180 -38.55 -8.13 -13.61
CA GLY A 180 -38.29 -7.02 -14.48
C GLY A 180 -39.52 -6.14 -14.69
N ILE A 181 -39.30 -5.02 -15.37
CA ILE A 181 -40.37 -4.16 -15.79
C ILE A 181 -40.12 -3.82 -17.26
N HIS A 182 -41.19 -3.76 -18.05
CA HIS A 182 -41.08 -3.45 -19.45
C HIS A 182 -41.38 -1.99 -19.67
N HIS A 183 -40.46 -1.30 -20.36
CA HIS A 183 -40.68 0.09 -20.78
C HIS A 183 -41.01 0.14 -22.25
N PRO A 184 -42.29 0.36 -22.62
CA PRO A 184 -42.65 0.48 -24.04
C PRO A 184 -42.20 1.79 -24.67
N ASN A 185 -42.38 1.93 -25.98
CA ASN A 185 -41.92 3.15 -26.64
C ASN A 185 -43.05 4.19 -26.84
N ASP A 186 -44.32 3.76 -26.76
CA ASP A 186 -45.43 4.72 -26.94
C ASP A 186 -46.73 4.24 -26.28
N ALA A 187 -47.67 5.16 -26.15
CA ALA A 187 -48.93 4.89 -25.43
C ALA A 187 -49.77 3.79 -26.08
N THR A 188 -49.63 3.65 -27.40
CA THR A 188 -50.41 2.70 -28.16
C THR A 188 -49.96 1.27 -27.85
N GLU A 189 -48.65 1.06 -27.80
CA GLU A 189 -48.09 -0.26 -27.47
C GLU A 189 -48.47 -0.62 -26.02
N GLN A 190 -48.48 0.39 -25.14
CA GLN A 190 -48.85 0.16 -23.74
C GLN A 190 -50.22 -0.48 -23.64
N THR A 191 -51.17 0.11 -24.35
CA THR A 191 -52.56 -0.35 -24.34
C THR A 191 -52.70 -1.67 -25.11
N ARG A 192 -51.85 -1.85 -26.13
CA ARG A 192 -51.88 -3.07 -26.90
C ARG A 192 -51.42 -4.26 -26.04
N LEU A 193 -50.44 -4.04 -25.18
CA LEU A 193 -49.91 -5.15 -24.38
C LEU A 193 -50.62 -5.33 -23.03
N TYR A 194 -50.98 -4.21 -22.40
CA TYR A 194 -51.41 -4.26 -21.00
C TYR A 194 -52.78 -3.61 -20.73
N GLN A 195 -53.40 -3.08 -21.79
CA GLN A 195 -54.71 -2.41 -21.68
C GLN A 195 -54.66 -1.16 -20.80
N ASN A 196 -54.27 -1.32 -19.54
CA ASN A 196 -54.18 -0.20 -18.62
C ASN A 196 -53.10 0.78 -19.02
N PRO A 197 -53.45 2.06 -19.10
CA PRO A 197 -52.49 3.05 -19.59
C PRO A 197 -51.51 3.46 -18.50
N THR A 198 -51.96 3.46 -17.24
CA THR A 198 -51.14 3.92 -16.12
C THR A 198 -50.89 2.79 -15.11
N THR A 199 -49.66 2.28 -15.13
CA THR A 199 -49.35 1.04 -14.42
C THR A 199 -48.18 1.19 -13.48
N TYR A 200 -48.04 0.20 -12.61
CA TYR A 200 -46.97 0.16 -11.63
C TYR A 200 -46.55 -1.26 -11.28
N ILE A 201 -45.41 -1.38 -10.62
CA ILE A 201 -45.04 -2.65 -10.03
C ILE A 201 -44.57 -2.44 -8.60
N SER A 202 -45.17 -3.13 -7.65
CA SER A 202 -44.69 -3.03 -6.28
C SER A 202 -44.06 -4.31 -5.82
N VAL A 203 -42.90 -4.19 -5.19
CA VAL A 203 -42.29 -5.39 -4.66
C VAL A 203 -41.96 -5.19 -3.20
N GLY A 204 -42.33 -6.17 -2.39
CA GLY A 204 -42.14 -6.08 -0.95
C GLY A 204 -41.55 -7.28 -0.26
N THR A 205 -40.72 -6.99 0.72
CA THR A 205 -39.92 -7.95 1.47
C THR A 205 -39.81 -7.40 2.91
N SER A 206 -39.14 -8.09 3.82
CA SER A 206 -38.88 -7.49 5.12
C SER A 206 -37.96 -6.25 4.94
N THR A 207 -37.17 -6.22 3.87
CA THR A 207 -36.21 -5.12 3.62
C THR A 207 -36.42 -4.38 2.30
N LEU A 208 -36.96 -5.06 1.30
CA LEU A 208 -37.17 -4.45 0.01
C LEU A 208 -38.50 -3.70 0.03
N ASN A 209 -38.52 -2.50 -0.52
CA ASN A 209 -39.72 -1.71 -0.56
C ASN A 209 -39.68 -0.90 -1.87
N GLN A 210 -40.02 -1.57 -2.95
CA GLN A 210 -39.83 -1.03 -4.28
C GLN A 210 -41.14 -0.69 -4.99
N LYS A 211 -41.16 0.41 -5.73
CA LYS A 211 -42.29 0.73 -6.61
C LYS A 211 -41.77 1.25 -7.96
N LEU A 212 -42.02 0.49 -9.02
CA LEU A 212 -41.57 0.85 -10.35
C LEU A 212 -42.73 1.36 -11.19
N VAL A 213 -42.43 2.29 -12.09
CA VAL A 213 -43.44 2.83 -13.01
C VAL A 213 -42.80 2.91 -14.36
N PRO A 214 -43.47 2.37 -15.39
CA PRO A 214 -42.87 2.29 -16.72
C PRO A 214 -42.54 3.64 -17.25
N LYS A 215 -41.51 3.71 -18.06
CA LYS A 215 -41.09 4.92 -18.73
C LYS A 215 -41.44 4.79 -20.21
N ILE A 216 -42.60 5.28 -20.58
CA ILE A 216 -43.10 5.18 -21.96
C ILE A 216 -42.60 6.38 -22.76
N ALA A 217 -41.73 6.14 -23.74
CA ALA A 217 -41.03 7.23 -24.41
C ALA A 217 -40.38 6.82 -25.72
N THR A 218 -39.93 7.79 -26.50
CA THR A 218 -39.28 7.49 -27.78
C THR A 218 -37.78 7.26 -27.58
N ARG A 219 -37.24 6.17 -28.15
CA ARG A 219 -35.79 5.92 -28.04
C ARG A 219 -35.18 5.14 -29.21
N SER A 220 -33.86 5.13 -29.27
CA SER A 220 -33.14 4.50 -30.38
C SER A 220 -33.42 2.99 -30.51
N LYS A 221 -33.37 2.49 -31.73
CA LYS A 221 -33.56 1.06 -31.92
C LYS A 221 -32.27 0.34 -31.56
N VAL A 222 -32.42 -0.62 -30.65
CA VAL A 222 -31.36 -1.55 -30.32
C VAL A 222 -31.93 -2.93 -30.70
N LYS A 223 -31.22 -3.63 -31.59
CA LYS A 223 -31.67 -4.90 -32.14
C LYS A 223 -33.10 -4.85 -32.63
N GLY A 224 -33.44 -3.79 -33.36
CA GLY A 224 -34.76 -3.66 -33.97
C GLY A 224 -35.86 -3.23 -33.02
N LEU A 225 -35.51 -3.07 -31.75
CA LEU A 225 -36.52 -2.70 -30.76
C LEU A 225 -36.23 -1.37 -30.11
N SER A 226 -37.29 -0.64 -29.81
CA SER A 226 -37.13 0.62 -29.10
C SER A 226 -37.73 0.49 -27.69
N GLY A 227 -38.29 -0.70 -27.39
CA GLY A 227 -38.66 -1.00 -26.03
C GLY A 227 -37.42 -1.27 -25.18
N ARG A 228 -37.61 -1.36 -23.87
CA ARG A 228 -36.53 -1.70 -22.97
C ARG A 228 -37.07 -2.57 -21.89
N MET A 229 -36.23 -3.50 -21.43
CA MET A 229 -36.52 -4.27 -20.23
C MET A 229 -35.46 -4.03 -19.20
N GLU A 230 -35.95 -3.71 -18.01
CA GLU A 230 -35.11 -3.47 -16.87
C GLU A 230 -35.31 -4.55 -15.82
N PHE A 231 -34.22 -5.18 -15.39
CA PHE A 231 -34.29 -6.25 -14.42
C PHE A 231 -33.76 -5.89 -13.03
N PHE A 232 -34.32 -6.52 -12.01
CA PHE A 232 -33.98 -6.25 -10.62
C PHE A 232 -33.75 -7.55 -9.93
N TRP A 233 -33.03 -7.52 -8.84
CA TRP A 233 -32.82 -8.77 -8.10
C TRP A 233 -32.79 -8.50 -6.60
N THR A 234 -33.17 -9.51 -5.84
CA THR A 234 -33.05 -9.45 -4.40
C THR A 234 -32.67 -10.82 -3.82
N ILE A 235 -32.14 -10.81 -2.59
CA ILE A 235 -31.92 -12.02 -1.84
C ILE A 235 -32.99 -12.20 -0.81
N LEU A 236 -33.91 -13.11 -1.07
CA LEU A 236 -34.99 -13.42 -0.14
C LEU A 236 -34.50 -14.36 0.94
N LYS A 237 -34.41 -13.85 2.16
CA LYS A 237 -33.92 -14.64 3.30
C LYS A 237 -34.88 -15.83 3.57
N SER A 238 -34.33 -16.87 4.20
CA SER A 238 -35.15 -18.00 4.62
C SER A 238 -36.32 -17.58 5.50
N ASN A 239 -37.51 -18.06 5.17
CA ASN A 239 -38.72 -17.82 5.96
C ASN A 239 -39.27 -16.41 5.79
N ASP A 240 -38.70 -15.62 4.88
CA ASP A 240 -39.23 -14.30 4.57
C ASP A 240 -40.13 -14.48 3.36
N ALA A 241 -40.96 -13.49 3.07
CA ALA A 241 -41.85 -13.61 1.92
C ALA A 241 -41.65 -12.42 1.01
N ILE A 242 -41.89 -12.59 -0.28
CA ILE A 242 -41.79 -11.51 -1.24
C ILE A 242 -43.17 -11.25 -1.80
N ASN A 243 -43.54 -10.00 -2.00
CA ASN A 243 -44.91 -9.67 -2.40
C ASN A 243 -44.94 -8.82 -3.67
N PHE A 244 -45.67 -9.28 -4.68
CA PHE A 244 -45.73 -8.56 -5.94
C PHE A 244 -47.10 -8.04 -6.18
N GLU A 245 -47.20 -6.76 -6.53
CA GLU A 245 -48.45 -6.24 -7.03
C GLU A 245 -48.17 -5.51 -8.34
N SER A 246 -49.05 -5.68 -9.31
CA SER A 246 -48.83 -5.04 -10.58
C SER A 246 -50.11 -4.98 -11.38
N ASN A 247 -50.27 -3.89 -12.12
CA ASN A 247 -51.34 -3.84 -13.10
C ASN A 247 -50.78 -3.65 -14.54
N GLY A 248 -49.57 -4.14 -14.81
CA GLY A 248 -49.04 -4.18 -16.16
C GLY A 248 -47.54 -4.02 -16.22
N ASN A 249 -46.94 -4.37 -17.35
CA ASN A 249 -45.50 -4.15 -17.60
C ASN A 249 -44.59 -5.00 -16.69
N PHE A 250 -45.20 -6.00 -16.07
CA PHE A 250 -44.56 -6.86 -15.13
C PHE A 250 -43.88 -8.05 -15.83
N ILE A 251 -42.58 -8.23 -15.62
CA ILE A 251 -41.92 -9.45 -16.04
C ILE A 251 -41.75 -10.34 -14.80
N ALA A 252 -42.61 -11.34 -14.64
CA ALA A 252 -42.73 -12.01 -13.34
C ALA A 252 -41.68 -13.11 -13.13
N PRO A 253 -41.26 -13.31 -11.87
CA PRO A 253 -40.32 -14.42 -11.58
C PRO A 253 -40.92 -15.76 -11.92
N GLU A 254 -40.22 -16.62 -12.63
CA GLU A 254 -40.66 -17.99 -12.85
C GLU A 254 -39.80 -18.96 -12.06
N ASN A 255 -38.48 -18.78 -12.20
CA ASN A 255 -37.54 -19.59 -11.45
C ASN A 255 -36.71 -18.73 -10.53
N ALA A 256 -36.29 -19.27 -9.41
CA ALA A 256 -35.33 -18.58 -8.56
C ALA A 256 -34.21 -19.53 -8.13
N TYR A 257 -33.15 -18.97 -7.54
CA TYR A 257 -31.96 -19.76 -7.21
C TYR A 257 -31.71 -19.86 -5.73
N LYS A 258 -31.65 -21.08 -5.21
CA LYS A 258 -31.25 -21.33 -3.83
C LYS A 258 -29.75 -21.26 -3.70
N ILE A 259 -29.26 -20.52 -2.73
CA ILE A 259 -27.83 -20.41 -2.50
C ILE A 259 -27.44 -21.56 -1.62
N VAL A 260 -26.80 -22.56 -2.21
CA VAL A 260 -26.57 -23.82 -1.52
C VAL A 260 -25.24 -23.88 -0.83
N LYS A 261 -24.22 -23.35 -1.46
CA LYS A 261 -22.89 -23.34 -0.88
C LYS A 261 -22.17 -22.00 -1.08
N LYS A 262 -21.64 -21.39 -0.03
CA LYS A 262 -20.75 -20.26 -0.27
C LYS A 262 -19.32 -20.69 -0.08
N GLY A 263 -18.39 -19.91 -0.63
CA GLY A 263 -16.97 -20.20 -0.50
C GLY A 263 -16.17 -19.25 -1.37
N ASP A 264 -14.89 -19.53 -1.53
CA ASP A 264 -14.09 -18.72 -2.43
C ASP A 264 -14.30 -19.18 -3.87
N SER A 265 -14.43 -18.20 -4.74
CA SER A 265 -14.41 -18.41 -6.19
C SER A 265 -14.19 -17.01 -6.67
N THR A 266 -14.17 -16.84 -7.97
CA THR A 266 -14.07 -15.54 -8.56
C THR A 266 -14.67 -15.70 -9.92
N ILE A 267 -14.87 -14.59 -10.60
CA ILE A 267 -15.24 -14.64 -11.99
C ILE A 267 -14.00 -14.23 -12.75
N MET A 268 -13.49 -15.15 -13.56
CA MET A 268 -12.33 -14.88 -14.36
C MET A 268 -12.76 -14.48 -15.76
N LYS A 269 -12.07 -13.49 -16.32
CA LYS A 269 -12.30 -13.08 -17.68
C LYS A 269 -11.27 -13.76 -18.56
N SER A 270 -11.73 -14.63 -19.44
CA SER A 270 -10.80 -15.34 -20.30
C SER A 270 -11.41 -15.75 -21.63
N GLU A 271 -10.57 -15.87 -22.65
CA GLU A 271 -11.09 -16.26 -23.96
C GLU A 271 -10.91 -17.76 -24.16
N LEU A 272 -10.18 -18.35 -23.21
CA LEU A 272 -9.86 -19.75 -23.23
C LEU A 272 -11.12 -20.61 -23.03
N GLU A 273 -11.03 -21.89 -23.39
CA GLU A 273 -12.12 -22.86 -23.23
C GLU A 273 -11.63 -23.95 -22.29
N TYR A 274 -12.51 -24.84 -21.86
CA TYR A 274 -12.13 -25.91 -20.93
C TYR A 274 -10.94 -26.69 -21.43
N GLY A 275 -10.16 -27.26 -20.51
CA GLY A 275 -8.88 -27.84 -20.90
C GLY A 275 -8.67 -29.29 -20.53
N ASP A 276 -9.64 -29.84 -19.82
CA ASP A 276 -9.64 -31.27 -19.45
C ASP A 276 -8.40 -31.61 -18.60
N CYS A 277 -7.88 -30.62 -17.90
CA CYS A 277 -6.77 -30.82 -16.99
C CYS A 277 -7.19 -30.54 -15.55
N ASN A 278 -6.22 -30.51 -14.65
CA ASN A 278 -6.45 -30.28 -13.23
C ASN A 278 -5.34 -29.44 -12.61
N THR A 279 -5.65 -28.60 -11.60
CA THR A 279 -4.63 -27.78 -10.92
C THR A 279 -4.96 -27.44 -9.50
N LYS A 280 -3.97 -26.82 -8.86
CA LYS A 280 -4.12 -26.28 -7.54
C LYS A 280 -4.07 -24.76 -7.65
N CYS A 281 -3.76 -24.28 -8.84
CA CYS A 281 -3.58 -22.86 -9.10
C CYS A 281 -3.96 -22.46 -10.52
N GLN A 282 -4.91 -21.55 -10.67
CA GLN A 282 -5.43 -21.16 -11.98
C GLN A 282 -5.34 -19.64 -12.25
N THR A 283 -4.93 -19.27 -13.45
CA THR A 283 -4.92 -17.86 -13.84
C THR A 283 -5.77 -17.69 -15.11
N PRO A 284 -6.13 -16.45 -15.46
CA PRO A 284 -6.98 -16.33 -16.65
C PRO A 284 -6.34 -16.80 -17.93
N ILE A 285 -5.02 -16.97 -17.94
CA ILE A 285 -4.31 -17.33 -19.16
C ILE A 285 -3.62 -18.70 -19.13
N GLY A 286 -3.83 -19.44 -18.04
CA GLY A 286 -3.29 -20.79 -17.92
C GLY A 286 -3.05 -21.18 -16.48
N ALA A 287 -2.97 -22.49 -16.24
CA ALA A 287 -2.76 -23.00 -14.89
C ALA A 287 -1.27 -23.18 -14.57
N ILE A 288 -0.96 -23.21 -13.27
CA ILE A 288 0.41 -23.26 -12.75
C ILE A 288 0.66 -24.50 -11.88
N ASN A 289 1.70 -25.27 -12.20
CA ASN A 289 2.10 -26.40 -11.34
C ASN A 289 3.52 -26.18 -10.92
N SER A 290 3.69 -25.57 -9.75
CA SER A 290 5.02 -25.24 -9.30
C SER A 290 5.17 -25.19 -7.78
N SER A 291 6.42 -25.19 -7.35
CA SER A 291 6.78 -25.08 -5.95
C SER A 291 7.60 -23.81 -5.75
N MET A 292 7.81 -23.08 -6.84
CA MET A 292 8.47 -21.78 -6.74
C MET A 292 7.71 -20.87 -5.78
N PRO A 293 8.43 -20.00 -5.06
CA PRO A 293 7.73 -19.13 -4.11
C PRO A 293 7.21 -17.86 -4.79
N PHE A 294 7.65 -17.62 -6.01
CA PHE A 294 7.18 -16.50 -6.81
C PHE A 294 6.75 -16.93 -8.21
N HIS A 295 5.95 -16.10 -8.86
CA HIS A 295 5.64 -16.34 -10.27
C HIS A 295 5.32 -14.98 -10.84
N ASN A 296 5.30 -14.89 -12.17
CA ASN A 296 5.08 -13.59 -12.80
C ASN A 296 4.08 -13.71 -13.94
N ILE A 297 3.18 -14.68 -13.84
CA ILE A 297 2.29 -14.98 -14.97
C ILE A 297 1.04 -14.11 -15.02
N HIS A 298 0.40 -13.89 -13.88
CA HIS A 298 -0.79 -13.03 -13.87
C HIS A 298 -1.10 -12.64 -12.44
N PRO A 299 -1.52 -11.38 -12.23
CA PRO A 299 -1.81 -10.95 -10.86
C PRO A 299 -3.09 -11.59 -10.32
N LEU A 300 -4.03 -11.94 -11.20
CA LEU A 300 -5.28 -12.53 -10.75
C LEU A 300 -5.32 -14.07 -10.81
N THR A 301 -5.10 -14.72 -9.68
CA THR A 301 -5.08 -16.18 -9.61
C THR A 301 -6.12 -16.70 -8.62
N ILE A 302 -6.45 -17.99 -8.69
CA ILE A 302 -7.27 -18.60 -7.65
C ILE A 302 -6.70 -19.97 -7.30
N GLY A 303 -6.70 -20.29 -6.00
CA GLY A 303 -6.17 -21.54 -5.54
C GLY A 303 -4.89 -21.35 -4.74
N GLU A 304 -4.17 -22.44 -4.54
CA GLU A 304 -2.89 -22.40 -3.84
C GLU A 304 -1.81 -21.96 -4.85
N CYS A 305 -1.40 -20.70 -4.76
CA CYS A 305 -0.50 -20.14 -5.78
C CYS A 305 0.75 -19.49 -5.20
N PRO A 306 1.80 -19.35 -6.03
CA PRO A 306 3.00 -18.57 -5.68
C PRO A 306 2.64 -17.10 -5.51
N LYS A 307 3.59 -16.25 -5.14
CA LYS A 307 3.24 -14.85 -4.94
C LYS A 307 3.55 -14.11 -6.23
N TYR A 308 2.63 -13.31 -6.73
CA TYR A 308 2.87 -12.63 -7.99
C TYR A 308 3.87 -11.48 -7.83
N VAL A 309 4.77 -11.37 -8.80
CA VAL A 309 5.70 -10.23 -8.89
C VAL A 309 5.85 -9.85 -10.36
N LYS A 310 6.23 -8.59 -10.62
CA LYS A 310 6.43 -8.07 -11.98
C LYS A 310 7.83 -8.34 -12.51
N SER A 311 8.59 -9.16 -11.81
CA SER A 311 9.99 -9.36 -12.18
C SER A 311 10.09 -10.30 -13.36
N ASN A 312 11.08 -10.06 -14.20
CA ASN A 312 11.36 -10.94 -15.32
C ASN A 312 12.30 -12.06 -14.90
N ARG A 313 13.05 -11.80 -13.83
CA ARG A 313 14.09 -12.69 -13.36
C ARG A 313 14.33 -12.50 -11.87
N LEU A 314 14.54 -13.60 -11.17
CA LEU A 314 14.77 -13.51 -9.74
C LEU A 314 15.61 -14.71 -9.34
N VAL A 315 16.93 -14.50 -9.29
CA VAL A 315 17.83 -15.61 -8.99
C VAL A 315 18.59 -15.35 -7.71
N LEU A 316 18.56 -16.33 -6.83
CA LEU A 316 19.24 -16.25 -5.56
C LEU A 316 20.62 -16.85 -5.69
N ALA A 317 21.59 -16.24 -5.04
CA ALA A 317 22.94 -16.80 -4.96
C ALA A 317 23.06 -17.73 -3.74
N THR A 318 23.49 -18.98 -3.99
CA THR A 318 23.77 -19.92 -2.90
C THR A 318 25.28 -20.19 -2.78
N GLY A 319 25.94 -20.30 -3.93
CA GLY A 319 27.35 -20.59 -3.95
C GLY A 319 28.26 -19.38 -3.89
N LEU A 320 29.47 -19.56 -4.42
CA LEU A 320 30.52 -18.55 -4.32
C LEU A 320 30.78 -17.91 -5.68
N ARG A 321 31.56 -16.84 -5.68
CA ARG A 321 31.93 -16.18 -6.92
C ARG A 321 32.76 -17.16 -7.72
N ASN A 322 32.47 -17.31 -9.00
CA ASN A 322 33.16 -18.34 -9.76
C ASN A 322 34.23 -17.75 -10.66
N SER A 323 35.39 -18.41 -10.68
CA SER A 323 36.56 -17.91 -11.38
C SER A 323 36.54 -18.23 -12.88
N PRO A 324 36.92 -17.24 -13.71
CA PRO A 324 36.94 -17.41 -15.17
C PRO A 324 37.88 -18.50 -15.65
N GLY B 1 36.43 -8.70 -2.95
CA GLY B 1 35.45 -8.82 -1.88
C GLY B 1 35.73 -7.93 -0.69
N LEU B 2 34.92 -8.06 0.36
CA LEU B 2 35.06 -7.22 1.55
C LEU B 2 36.18 -7.74 2.46
N PHE B 3 36.70 -8.92 2.14
CA PHE B 3 37.64 -9.60 3.01
C PHE B 3 38.96 -9.90 2.33
N GLY B 4 38.99 -9.86 1.00
CA GLY B 4 40.24 -9.98 0.28
C GLY B 4 40.69 -11.41 0.09
N ALA B 5 39.85 -12.36 0.48
CA ALA B 5 40.19 -13.77 0.33
C ALA B 5 39.86 -14.29 -1.06
N ILE B 6 38.56 -14.51 -1.33
CA ILE B 6 38.15 -14.99 -2.65
C ILE B 6 38.40 -13.90 -3.68
N ALA B 7 39.12 -14.24 -4.75
CA ALA B 7 39.53 -13.31 -5.82
C ALA B 7 40.28 -12.10 -5.24
N GLY B 8 41.05 -12.37 -4.18
CA GLY B 8 41.82 -11.36 -3.49
C GLY B 8 43.25 -11.84 -3.30
N PHE B 9 43.67 -12.08 -2.05
CA PHE B 9 45.05 -12.49 -1.84
C PHE B 9 45.24 -13.93 -2.32
N ILE B 10 44.14 -14.67 -2.44
CA ILE B 10 44.16 -15.92 -3.22
C ILE B 10 43.14 -15.84 -4.37
N GLU B 11 43.63 -15.70 -5.61
CA GLU B 11 42.72 -15.68 -6.76
C GLU B 11 42.37 -17.09 -7.24
N GLY B 12 41.22 -17.21 -7.88
CA GLY B 12 40.79 -18.45 -8.50
C GLY B 12 40.44 -19.55 -7.50
N GLY B 13 39.55 -20.43 -7.93
CA GLY B 13 39.11 -21.56 -7.12
C GLY B 13 39.71 -22.85 -7.62
N TRP B 14 39.51 -23.91 -6.85
CA TRP B 14 40.11 -25.18 -7.19
C TRP B 14 39.10 -26.07 -7.92
N GLN B 15 39.28 -26.12 -9.24
CA GLN B 15 38.44 -26.92 -10.13
C GLN B 15 38.46 -28.39 -9.73
N GLY B 16 39.61 -28.86 -9.26
CA GLY B 16 39.82 -30.26 -8.95
C GLY B 16 39.27 -30.65 -7.59
N MET B 17 38.75 -29.65 -6.86
CA MET B 17 38.18 -29.87 -5.54
C MET B 17 36.67 -29.99 -5.60
N VAL B 18 36.14 -31.21 -5.40
CA VAL B 18 34.74 -31.47 -5.68
C VAL B 18 33.88 -31.87 -4.46
N ASP B 19 34.48 -31.86 -3.28
CA ASP B 19 33.80 -32.37 -2.08
C ASP B 19 33.13 -31.28 -1.25
N GLY B 20 33.53 -30.03 -1.46
CA GLY B 20 32.96 -28.93 -0.69
C GLY B 20 33.18 -27.56 -1.31
N TRP B 21 32.94 -26.54 -0.51
CA TRP B 21 33.11 -25.16 -0.95
C TRP B 21 34.50 -24.67 -0.61
N TYR B 22 34.92 -24.94 0.63
CA TYR B 22 36.25 -24.56 1.11
C TYR B 22 37.04 -25.76 1.65
N GLY B 23 38.36 -25.71 1.48
CA GLY B 23 39.21 -26.80 1.95
C GLY B 23 40.70 -26.58 1.74
N TYR B 24 41.43 -27.69 1.65
CA TYR B 24 42.89 -27.66 1.65
C TYR B 24 43.49 -28.41 0.46
N HIS B 25 44.60 -27.87 -0.04
CA HIS B 25 45.47 -28.57 -0.99
C HIS B 25 46.83 -28.76 -0.31
N HIS B 26 47.33 -29.99 -0.29
CA HIS B 26 48.60 -30.33 0.35
C HIS B 26 49.56 -31.01 -0.63
N SER B 27 50.86 -30.84 -0.42
CA SER B 27 51.86 -31.50 -1.27
C SER B 27 53.14 -31.87 -0.53
N ASN B 28 53.22 -33.12 -0.09
CA ASN B 28 54.48 -33.65 0.46
C ASN B 28 54.90 -34.85 -0.38
N GLU B 29 55.83 -35.66 0.13
CA GLU B 29 56.35 -36.80 -0.63
C GLU B 29 55.24 -37.82 -0.89
N GLN B 30 54.29 -37.89 0.04
CA GLN B 30 53.11 -38.73 -0.14
C GLN B 30 52.13 -38.03 -1.05
N GLY B 31 52.60 -37.75 -2.27
CA GLY B 31 51.81 -37.14 -3.32
C GLY B 31 51.08 -35.87 -2.97
N SER B 32 50.18 -35.46 -3.87
CA SER B 32 49.36 -34.27 -3.66
C SER B 32 47.92 -34.70 -3.44
N GLY B 33 47.05 -33.74 -3.18
CA GLY B 33 45.64 -34.04 -3.01
C GLY B 33 44.87 -32.93 -2.34
N TYR B 34 43.55 -32.98 -2.52
CA TYR B 34 42.64 -32.03 -1.91
C TYR B 34 41.87 -32.67 -0.78
N ALA B 35 41.40 -31.84 0.15
CA ALA B 35 40.55 -32.33 1.22
C ALA B 35 39.65 -31.18 1.59
N ALA B 36 38.35 -31.45 1.66
CA ALA B 36 37.41 -30.37 1.93
C ALA B 36 37.31 -30.16 3.43
N ASP B 37 37.20 -28.92 3.85
CA ASP B 37 36.86 -28.68 5.25
C ASP B 37 35.35 -28.79 5.32
N LYS B 38 34.87 -29.92 5.80
CA LYS B 38 33.42 -30.12 5.89
C LYS B 38 32.85 -29.29 7.02
N GLU B 39 33.62 -29.08 8.07
CA GLU B 39 33.12 -28.31 9.22
C GLU B 39 32.78 -26.89 8.81
N SER B 40 33.63 -26.28 7.98
CA SER B 40 33.41 -24.90 7.57
C SER B 40 32.44 -24.81 6.39
N THR B 41 32.24 -25.92 5.68
CA THR B 41 31.30 -25.94 4.56
C THR B 41 29.90 -26.30 5.09
N GLN B 42 29.85 -27.02 6.20
CA GLN B 42 28.59 -27.40 6.79
C GLN B 42 27.92 -26.20 7.44
N LYS B 43 28.71 -25.39 8.15
CA LYS B 43 28.17 -24.16 8.76
C LYS B 43 27.66 -23.21 7.69
N ALA B 44 28.26 -23.29 6.51
CA ALA B 44 27.92 -22.40 5.42
C ALA B 44 26.71 -22.88 4.61
N ILE B 45 26.56 -24.19 4.44
CA ILE B 45 25.37 -24.70 3.75
C ILE B 45 24.14 -24.53 4.64
N ASP B 46 24.33 -24.67 5.95
CA ASP B 46 23.26 -24.43 6.91
C ASP B 46 22.94 -22.93 6.97
N GLY B 47 23.95 -22.10 6.81
CA GLY B 47 23.78 -20.66 6.85
C GLY B 47 23.04 -20.10 5.66
N VAL B 48 23.37 -20.61 4.47
CA VAL B 48 22.76 -20.14 3.23
C VAL B 48 21.35 -20.71 3.07
N THR B 49 21.16 -21.96 3.48
CA THR B 49 19.87 -22.63 3.35
C THR B 49 18.81 -21.97 4.21
N ASN B 50 19.19 -21.61 5.42
CA ASN B 50 18.29 -20.94 6.36
C ASN B 50 17.87 -19.57 5.84
N LYS B 51 18.81 -18.87 5.20
CA LYS B 51 18.53 -17.56 4.62
C LYS B 51 17.44 -17.66 3.53
N VAL B 52 17.61 -18.62 2.63
CA VAL B 52 16.66 -18.89 1.53
C VAL B 52 15.25 -19.20 2.06
N ASN B 53 15.16 -20.01 3.10
CA ASN B 53 13.88 -20.35 3.71
C ASN B 53 13.25 -19.16 4.45
N SER B 54 14.08 -18.30 5.03
CA SER B 54 13.64 -17.15 5.83
C SER B 54 13.12 -15.97 5.02
N ILE B 55 13.53 -15.90 3.76
CA ILE B 55 13.06 -14.87 2.84
C ILE B 55 11.75 -15.29 2.19
N ILE B 56 11.68 -16.57 1.83
CA ILE B 56 10.50 -17.13 1.20
C ILE B 56 9.33 -17.13 2.20
N ASP B 57 9.65 -17.42 3.45
CA ASP B 57 8.65 -17.57 4.50
C ASP B 57 8.13 -16.22 4.98
N LYS B 58 8.91 -15.16 4.75
CA LYS B 58 8.52 -13.82 5.23
C LYS B 58 7.54 -13.16 4.26
N MET B 59 7.28 -13.84 3.15
CA MET B 59 6.38 -13.30 2.14
C MET B 59 5.21 -14.24 1.85
N ASN B 60 4.93 -15.15 2.79
CA ASN B 60 3.81 -16.09 2.62
C ASN B 60 2.46 -15.37 2.67
N THR B 61 2.35 -14.37 3.54
CA THR B 61 1.17 -13.51 3.61
C THR B 61 1.50 -12.18 2.94
N GLN B 62 0.87 -11.95 1.80
CA GLN B 62 1.24 -10.86 0.91
C GLN B 62 0.03 -10.50 0.02
N PHE B 63 0.05 -9.30 -0.56
CA PHE B 63 -1.12 -8.79 -1.28
C PHE B 63 -1.47 -9.63 -2.49
N GLU B 64 -2.74 -10.04 -2.54
CA GLU B 64 -3.32 -10.70 -3.70
C GLU B 64 -4.49 -9.90 -4.29
N ALA B 65 -4.41 -9.62 -5.59
CA ALA B 65 -5.44 -8.83 -6.25
C ALA B 65 -6.70 -9.66 -6.57
N VAL B 66 -7.87 -9.02 -6.51
CA VAL B 66 -9.09 -9.70 -6.91
C VAL B 66 -9.83 -8.84 -7.94
N GLY B 67 -10.46 -9.50 -8.91
CA GLY B 67 -11.25 -8.80 -9.90
C GLY B 67 -12.49 -8.19 -9.23
N ARG B 68 -12.69 -6.90 -9.48
CA ARG B 68 -13.92 -6.23 -9.09
C ARG B 68 -14.40 -5.49 -10.29
N GLU B 69 -15.71 -5.38 -10.46
CA GLU B 69 -16.24 -4.75 -11.64
C GLU B 69 -17.03 -3.53 -11.24
N PHE B 70 -17.10 -2.55 -12.13
CA PHE B 70 -17.74 -1.28 -11.88
C PHE B 70 -18.45 -0.86 -13.13
N ASN B 71 -19.57 -0.16 -13.03
CA ASN B 71 -20.23 0.28 -14.27
C ASN B 71 -19.64 1.61 -14.74
N ASN B 72 -20.21 2.12 -15.81
CA ASN B 72 -19.72 3.28 -16.53
C ASN B 72 -19.75 4.64 -15.78
N LEU B 73 -20.54 4.75 -14.70
CA LEU B 73 -20.55 5.99 -13.90
C LEU B 73 -19.83 5.73 -12.58
N GLU B 74 -18.93 4.76 -12.59
CA GLU B 74 -18.08 4.47 -11.43
C GLU B 74 -16.60 4.47 -11.79
N ARG B 75 -16.22 5.30 -12.76
CA ARG B 75 -14.86 5.35 -13.24
C ARG B 75 -13.91 5.82 -12.14
N ARG B 76 -14.40 6.65 -11.22
CA ARG B 76 -13.54 7.09 -10.13
C ARG B 76 -13.18 5.94 -9.20
N ILE B 77 -14.17 5.12 -8.85
CA ILE B 77 -13.85 4.07 -7.91
C ILE B 77 -13.11 2.95 -8.60
N GLU B 78 -13.45 2.70 -9.85
CA GLU B 78 -12.71 1.75 -10.66
C GLU B 78 -11.24 2.15 -10.75
N ASN B 79 -10.96 3.44 -10.90
CA ASN B 79 -9.58 3.90 -10.97
C ASN B 79 -8.86 3.77 -9.65
N LEU B 80 -9.59 4.07 -8.56
CA LEU B 80 -9.10 3.89 -7.20
C LEU B 80 -8.72 2.44 -6.97
N ASN B 81 -9.60 1.53 -7.39
CA ASN B 81 -9.33 0.12 -7.25
C ASN B 81 -8.12 -0.32 -8.08
N LYS B 82 -7.96 0.25 -9.27
CA LYS B 82 -6.86 -0.12 -10.13
C LYS B 82 -5.54 0.37 -9.58
N LYS B 83 -5.51 1.63 -9.16
CA LYS B 83 -4.29 2.22 -8.59
C LYS B 83 -3.85 1.52 -7.30
N MET B 84 -4.81 1.09 -6.50
CA MET B 84 -4.49 0.40 -5.26
C MET B 84 -3.85 -0.98 -5.52
N GLU B 85 -4.36 -1.67 -6.53
CA GLU B 85 -3.92 -3.02 -6.80
C GLU B 85 -2.58 -3.02 -7.52
N ASP B 86 -2.39 -2.09 -8.44
CA ASP B 86 -1.07 -1.94 -9.02
C ASP B 86 -0.11 -1.51 -7.92
N GLY B 87 -0.61 -0.65 -7.04
CA GLY B 87 0.16 -0.05 -6.00
C GLY B 87 0.79 -1.07 -5.10
N PHE B 88 0.00 -2.06 -4.70
CA PHE B 88 0.55 -3.11 -3.88
C PHE B 88 1.47 -4.06 -4.67
N LEU B 89 1.19 -4.33 -5.95
CA LEU B 89 2.05 -5.23 -6.72
C LEU B 89 3.44 -4.61 -6.85
N ASP B 90 3.50 -3.30 -7.07
CA ASP B 90 4.78 -2.59 -7.18
C ASP B 90 5.55 -2.63 -5.85
N VAL B 91 4.85 -2.41 -4.73
CA VAL B 91 5.47 -2.47 -3.39
C VAL B 91 6.09 -3.85 -3.10
N TRP B 92 5.37 -4.92 -3.41
CA TRP B 92 5.86 -6.28 -3.14
C TRP B 92 6.87 -6.75 -4.17
N THR B 93 6.84 -6.18 -5.38
CA THR B 93 7.85 -6.46 -6.40
C THR B 93 9.17 -5.83 -6.00
N TYR B 94 9.10 -4.60 -5.55
CA TYR B 94 10.27 -3.90 -5.02
C TYR B 94 10.82 -4.68 -3.83
N ASN B 95 9.95 -5.10 -2.93
CA ASN B 95 10.41 -5.83 -1.75
C ASN B 95 11.12 -7.15 -2.09
N ALA B 96 10.74 -7.79 -3.19
CA ALA B 96 11.31 -9.09 -3.53
C ALA B 96 12.65 -8.94 -4.25
N GLU B 97 12.71 -8.04 -5.21
CA GLU B 97 13.92 -7.82 -5.97
C GLU B 97 15.00 -7.27 -5.07
N LEU B 98 14.62 -6.36 -4.17
CA LEU B 98 15.60 -5.71 -3.33
C LEU B 98 16.10 -6.68 -2.29
N LEU B 99 15.24 -7.57 -1.84
CA LEU B 99 15.69 -8.52 -0.85
C LEU B 99 16.69 -9.47 -1.48
N VAL B 100 16.47 -9.80 -2.75
CA VAL B 100 17.41 -10.69 -3.44
C VAL B 100 18.77 -9.99 -3.70
N LEU B 101 18.73 -8.79 -4.25
CA LEU B 101 19.92 -8.00 -4.49
C LEU B 101 20.75 -7.82 -3.22
N MET B 102 20.09 -7.64 -2.08
CA MET B 102 20.81 -7.38 -0.85
C MET B 102 21.39 -8.64 -0.21
N GLU B 103 20.67 -9.75 -0.31
CA GLU B 103 21.17 -10.94 0.35
C GLU B 103 22.15 -11.70 -0.53
N ASN B 104 22.04 -11.51 -1.84
CA ASN B 104 23.07 -12.00 -2.78
C ASN B 104 24.42 -11.38 -2.50
N GLU B 105 24.43 -10.07 -2.28
CA GLU B 105 25.65 -9.36 -1.89
C GLU B 105 26.23 -9.97 -0.61
N ARG B 106 25.37 -10.27 0.34
CA ARG B 106 25.80 -10.73 1.63
C ARG B 106 26.04 -12.23 1.69
N THR B 107 25.59 -12.95 0.66
CA THR B 107 25.89 -14.37 0.53
C THR B 107 27.35 -14.53 0.08
N LEU B 108 27.76 -13.68 -0.86
CA LEU B 108 29.12 -13.71 -1.36
C LEU B 108 30.14 -13.30 -0.30
N ASP B 109 29.83 -12.23 0.44
CA ASP B 109 30.75 -11.74 1.47
C ASP B 109 30.79 -12.68 2.67
N PHE B 110 29.78 -13.53 2.75
CA PHE B 110 29.74 -14.56 3.77
C PHE B 110 30.80 -15.60 3.44
N HIS B 111 30.94 -15.91 2.15
CA HIS B 111 31.88 -16.94 1.74
C HIS B 111 33.37 -16.62 1.85
N ASP B 112 33.82 -15.44 1.42
CA ASP B 112 35.24 -15.11 1.59
C ASP B 112 35.54 -14.96 3.10
N SER B 113 34.58 -14.46 3.86
CA SER B 113 34.74 -14.38 5.31
C SER B 113 35.01 -15.78 5.87
N ASN B 114 34.36 -16.78 5.26
CA ASN B 114 34.53 -18.15 5.71
C ASN B 114 35.90 -18.68 5.26
N VAL B 115 36.37 -18.19 4.12
CA VAL B 115 37.67 -18.57 3.60
C VAL B 115 38.78 -17.89 4.43
N LYS B 116 38.61 -16.59 4.69
CA LYS B 116 39.55 -15.83 5.50
C LYS B 116 39.61 -16.31 6.95
N ASN B 117 38.47 -16.67 7.51
CA ASN B 117 38.50 -17.15 8.88
C ASN B 117 39.20 -18.49 8.93
N LEU B 118 39.11 -19.25 7.84
CA LEU B 118 39.71 -20.57 7.78
C LEU B 118 41.22 -20.48 7.54
N TYR B 119 41.62 -19.50 6.72
CA TYR B 119 43.04 -19.21 6.51
C TYR B 119 43.71 -18.87 7.82
N ASP B 120 43.09 -17.99 8.59
CA ASP B 120 43.61 -17.59 9.88
C ASP B 120 43.48 -18.68 10.95
N LYS B 121 42.80 -19.78 10.63
CA LYS B 121 42.67 -20.87 11.60
C LYS B 121 43.96 -21.68 11.63
N VAL B 122 44.62 -21.79 10.47
CA VAL B 122 45.88 -22.53 10.38
C VAL B 122 47.07 -21.58 10.58
N ARG B 123 46.94 -20.34 10.13
CA ARG B 123 48.00 -19.35 10.31
C ARG B 123 48.31 -19.13 11.78
N LEU B 124 47.30 -19.18 12.63
CA LEU B 124 47.47 -18.94 14.06
C LEU B 124 47.93 -20.20 14.79
N GLN B 125 48.00 -21.31 14.07
CA GLN B 125 48.50 -22.57 14.60
C GLN B 125 50.00 -22.77 14.35
N LEU B 126 50.44 -22.46 13.15
CA LEU B 126 51.83 -22.71 12.76
C LEU B 126 52.77 -21.59 13.21
N ARG B 127 52.31 -20.35 13.16
CA ARG B 127 53.12 -19.20 13.56
C ARG B 127 54.46 -19.18 12.82
N ASP B 128 55.54 -19.42 13.56
CA ASP B 128 56.88 -19.41 12.99
C ASP B 128 57.37 -20.82 12.60
N ASN B 129 56.48 -21.81 12.71
CA ASN B 129 56.73 -23.15 12.19
C ASN B 129 56.39 -23.20 10.69
N ALA B 130 55.99 -22.06 10.15
CA ALA B 130 55.64 -21.97 8.75
C ALA B 130 55.85 -20.57 8.21
N LYS B 131 56.07 -20.47 6.91
CA LYS B 131 56.27 -19.17 6.28
C LYS B 131 55.02 -18.87 5.43
N GLU B 132 54.40 -17.72 5.67
CA GLU B 132 53.27 -17.28 4.87
C GLU B 132 53.74 -16.77 3.51
N LEU B 133 53.34 -17.46 2.45
CA LEU B 133 53.71 -17.05 1.11
C LEU B 133 52.92 -15.83 0.66
N GLY B 134 51.71 -15.68 1.20
CA GLY B 134 50.88 -14.51 0.93
C GLY B 134 49.88 -14.71 -0.19
N ASN B 135 49.70 -15.97 -0.60
CA ASN B 135 48.75 -16.31 -1.66
C ASN B 135 47.81 -17.40 -1.20
N GLY B 136 47.82 -17.66 0.10
CA GLY B 136 46.96 -18.66 0.70
C GLY B 136 47.72 -19.91 1.07
N CYS B 137 49.02 -19.93 0.78
CA CYS B 137 49.83 -21.11 1.01
C CYS B 137 50.90 -20.91 2.08
N PHE B 138 51.21 -22.00 2.77
CA PHE B 138 52.30 -21.99 3.74
C PHE B 138 53.30 -23.09 3.42
N GLU B 139 54.55 -22.78 3.11
CA GLU B 139 55.53 -23.87 3.10
C GLU B 139 56.09 -23.91 4.52
N PHE B 140 55.59 -24.86 5.32
CA PHE B 140 55.98 -24.96 6.72
C PHE B 140 57.40 -25.49 6.83
N TYR B 141 57.96 -25.40 8.02
CA TYR B 141 59.39 -25.64 8.24
C TYR B 141 59.77 -27.05 8.69
N HIS B 142 58.94 -28.06 8.42
CA HIS B 142 59.29 -29.42 8.84
C HIS B 142 58.56 -30.56 8.10
N ARG B 143 58.69 -31.77 8.64
CA ARG B 143 58.18 -32.97 7.99
C ARG B 143 56.78 -33.31 8.48
N CYS B 144 55.91 -33.57 7.50
CA CYS B 144 54.51 -33.81 7.78
C CYS B 144 53.93 -34.94 6.93
N ASP B 145 53.63 -36.06 7.56
CA ASP B 145 53.00 -37.18 6.87
C ASP B 145 51.51 -36.86 6.69
N ASN B 146 50.71 -37.90 6.53
CA ASN B 146 49.28 -37.68 6.32
C ASN B 146 48.49 -37.99 7.60
N GLU B 147 49.01 -37.47 8.71
CA GLU B 147 48.36 -37.46 10.03
C GLU B 147 48.76 -36.17 10.75
N CYS B 148 49.86 -35.58 10.30
CA CYS B 148 50.26 -34.23 10.69
C CYS B 148 49.28 -33.24 10.07
N MET B 149 48.98 -33.45 8.79
CA MET B 149 48.00 -32.68 8.07
C MET B 149 46.63 -32.82 8.74
N GLU B 150 46.33 -34.03 9.21
CA GLU B 150 45.08 -34.31 9.92
C GLU B 150 44.93 -33.50 11.23
N SER B 151 46.03 -33.27 11.95
CA SER B 151 45.97 -32.56 13.21
C SER B 151 45.59 -31.08 13.05
N VAL B 152 45.98 -30.48 11.93
CA VAL B 152 45.68 -29.07 11.70
C VAL B 152 44.30 -28.93 11.06
N ARG B 153 43.86 -29.98 10.36
CA ARG B 153 42.54 -29.94 9.73
C ARG B 153 41.43 -30.04 10.77
N ASN B 154 41.75 -30.62 11.93
CA ASN B 154 40.78 -30.69 13.02
C ASN B 154 41.17 -29.80 14.20
N GLY B 155 42.28 -29.08 14.08
CA GLY B 155 42.73 -28.15 15.10
C GLY B 155 43.20 -28.72 16.43
N THR B 156 43.98 -29.81 16.40
CA THR B 156 44.52 -30.43 17.61
C THR B 156 46.04 -30.31 17.62
N TYR B 157 46.56 -29.66 16.57
CA TYR B 157 48.00 -29.45 16.32
C TYR B 157 48.75 -28.89 17.53
N ASP B 158 49.61 -29.72 18.12
CA ASP B 158 50.47 -29.35 19.23
C ASP B 158 51.74 -28.67 18.71
N TYR B 159 51.96 -27.42 19.12
CA TYR B 159 53.05 -26.60 18.56
C TYR B 159 54.47 -27.13 18.84
N PRO B 160 54.87 -27.30 20.12
CA PRO B 160 56.28 -27.67 20.34
C PRO B 160 56.65 -29.04 19.79
N GLN B 161 55.65 -29.83 19.41
CA GLN B 161 55.86 -31.19 18.91
C GLN B 161 56.75 -31.23 17.67
N TYR B 162 56.87 -30.10 16.97
CA TYR B 162 57.73 -30.03 15.79
C TYR B 162 58.48 -28.71 15.72
N SER B 163 58.51 -27.97 16.83
CA SER B 163 59.16 -26.65 16.84
C SER B 163 60.65 -26.74 16.54
N GLU B 164 61.32 -27.77 17.05
CA GLU B 164 62.77 -27.88 16.94
C GLU B 164 63.29 -28.16 15.54
N GLU B 165 62.68 -29.11 14.83
CA GLU B 165 63.03 -29.38 13.42
C GLU B 165 62.97 -28.11 12.61
N ALA B 166 61.92 -27.34 12.86
CA ALA B 166 61.69 -26.05 12.23
C ALA B 166 62.72 -25.06 12.74
N ARG B 167 62.97 -25.09 14.04
CA ARG B 167 63.91 -24.18 14.65
C ARG B 167 65.29 -24.32 14.02
N LEU B 168 65.73 -25.57 13.84
CA LEU B 168 67.01 -25.86 13.18
C LEU B 168 66.97 -25.39 11.73
N LYS B 169 65.81 -25.55 11.09
CA LYS B 169 65.66 -25.15 9.71
C LYS B 169 65.67 -23.61 9.59
N ARG B 170 65.09 -22.94 10.58
CA ARG B 170 65.17 -21.48 10.66
C ARG B 170 66.62 -21.09 10.91
N GLU B 171 67.32 -21.92 11.68
CA GLU B 171 68.73 -21.68 11.91
C GLU B 171 69.52 -22.08 10.66
N GLU B 172 68.99 -23.05 9.90
CA GLU B 172 69.59 -23.48 8.63
C GLU B 172 69.48 -22.42 7.54
N ILE B 173 68.38 -21.67 7.55
CA ILE B 173 68.20 -20.55 6.63
C ILE B 173 69.05 -19.38 7.14
N SER B 174 69.31 -19.39 8.45
CA SER B 174 70.12 -18.37 9.10
C SER B 174 71.61 -18.77 9.07
N GLY B 175 72.00 -19.44 7.99
CA GLY B 175 73.37 -19.89 7.80
C GLY B 175 73.92 -19.56 6.42
N ASP C 2 61.22 -20.15 32.71
CA ASP C 2 59.86 -20.23 33.22
C ASP C 2 58.95 -19.16 32.59
N PRO C 3 57.74 -19.56 32.15
CA PRO C 3 56.66 -18.78 31.56
C PRO C 3 56.34 -17.46 32.28
N GLY C 4 56.18 -16.39 31.51
CA GLY C 4 56.03 -15.06 32.08
C GLY C 4 54.62 -14.49 32.13
N ASP C 5 54.55 -13.17 31.96
CA ASP C 5 53.30 -12.42 32.08
C ASP C 5 52.40 -12.46 30.84
N GLN C 6 51.10 -12.39 31.06
CA GLN C 6 50.13 -12.58 29.99
C GLN C 6 49.02 -11.52 29.98
N ILE C 7 48.59 -11.09 28.78
CA ILE C 7 47.39 -10.27 28.65
C ILE C 7 46.43 -10.89 27.60
N CYS C 8 45.13 -10.90 27.92
CA CYS C 8 44.14 -11.52 27.05
C CYS C 8 43.02 -10.56 26.66
N ILE C 9 42.51 -10.67 25.44
CA ILE C 9 41.38 -9.83 25.05
C ILE C 9 40.15 -10.71 24.84
N GLY C 10 39.06 -10.33 25.48
CA GLY C 10 37.87 -11.16 25.44
C GLY C 10 36.60 -10.35 25.60
N TYR C 11 35.48 -11.05 25.64
CA TYR C 11 34.19 -10.39 25.64
C TYR C 11 33.28 -10.89 26.73
N HIS C 12 32.20 -10.14 26.97
CA HIS C 12 31.25 -10.43 28.03
C HIS C 12 30.45 -11.72 27.77
N ALA C 13 30.04 -12.35 28.86
CA ALA C 13 29.11 -13.46 28.80
C ALA C 13 28.32 -13.48 30.09
N ASN C 14 27.15 -14.10 30.06
CA ASN C 14 26.36 -14.20 31.27
C ASN C 14 25.43 -15.40 31.23
N ASN C 15 24.47 -15.40 32.15
CA ASN C 15 23.57 -16.53 32.32
C ASN C 15 22.21 -16.24 31.68
N SER C 16 22.14 -15.18 30.87
CA SER C 16 20.91 -14.79 30.16
C SER C 16 20.48 -15.87 29.18
N THR C 17 19.18 -15.94 28.92
CA THR C 17 18.62 -17.02 28.12
C THR C 17 17.86 -16.49 26.90
N GLU C 18 17.71 -15.17 26.83
CA GLU C 18 16.93 -14.53 25.78
C GLU C 18 17.44 -14.81 24.38
N GLN C 19 16.52 -15.22 23.50
CA GLN C 19 16.87 -15.58 22.14
C GLN C 19 16.40 -14.49 21.20
N VAL C 20 17.00 -14.49 20.02
CA VAL C 20 16.78 -13.44 19.05
C VAL C 20 16.86 -14.08 17.69
N ASP C 21 16.11 -13.59 16.71
CA ASP C 21 16.19 -14.16 15.38
C ASP C 21 17.04 -13.31 14.44
N THR C 22 17.62 -14.00 13.45
CA THR C 22 18.51 -13.37 12.48
C THR C 22 18.23 -14.04 11.14
N ILE C 23 18.75 -13.47 10.04
CA ILE C 23 18.52 -14.06 8.71
C ILE C 23 19.01 -15.51 8.59
N MET C 24 20.24 -15.79 9.04
CA MET C 24 20.84 -17.10 8.80
C MET C 24 20.56 -18.12 9.91
N GLU C 25 20.16 -17.65 11.07
CA GLU C 25 19.93 -18.55 12.19
C GLU C 25 18.85 -18.01 13.11
N LYS C 26 18.03 -18.93 13.61
CA LYS C 26 16.94 -18.62 14.53
C LYS C 26 17.39 -18.94 15.94
N ASN C 27 16.75 -18.30 16.91
CA ASN C 27 16.97 -18.55 18.34
C ASN C 27 18.42 -18.45 18.80
N VAL C 28 19.14 -17.41 18.39
CA VAL C 28 20.51 -17.25 18.85
C VAL C 28 20.44 -16.59 20.22
N THR C 29 21.01 -17.26 21.22
CA THR C 29 21.01 -16.74 22.58
C THR C 29 21.99 -15.57 22.67
N VAL C 30 21.55 -14.50 23.32
CA VAL C 30 22.29 -13.24 23.34
C VAL C 30 22.34 -12.70 24.79
N THR C 31 23.37 -11.91 25.11
CA THR C 31 23.57 -11.38 26.47
C THR C 31 22.55 -10.31 26.85
N HIS C 32 22.24 -9.42 25.90
CA HIS C 32 21.33 -8.31 26.13
C HIS C 32 20.39 -8.10 24.94
N ALA C 33 19.11 -7.97 25.23
CA ALA C 33 18.12 -7.70 24.20
C ALA C 33 17.12 -6.62 24.67
N GLN C 34 16.48 -5.94 23.72
CA GLN C 34 15.46 -4.95 24.05
C GLN C 34 14.20 -5.36 23.31
N ASP C 35 13.17 -5.69 24.08
CA ASP C 35 11.89 -6.03 23.52
C ASP C 35 11.18 -4.73 23.16
N ILE C 36 10.57 -4.68 21.98
CA ILE C 36 9.87 -3.48 21.53
C ILE C 36 8.42 -3.74 21.11
N LEU C 37 7.88 -4.91 21.49
CA LEU C 37 6.52 -5.27 21.10
C LEU C 37 5.57 -5.46 22.29
N GLU C 38 4.68 -4.47 22.46
CA GLU C 38 3.65 -4.53 23.48
C GLU C 38 2.59 -5.55 23.12
N LYS C 39 2.26 -6.44 24.06
CA LYS C 39 1.33 -7.54 23.73
C LYS C 39 0.18 -7.65 24.73
N THR C 40 0.06 -6.68 25.63
CA THR C 40 -0.92 -6.77 26.71
C THR C 40 -1.80 -5.55 26.80
N HIS C 41 -3.05 -5.78 27.20
CA HIS C 41 -4.04 -4.72 27.41
C HIS C 41 -4.84 -5.05 28.65
N ASN C 42 -5.52 -4.04 29.19
CA ASN C 42 -6.22 -4.22 30.45
C ASN C 42 -7.59 -4.87 30.27
N GLY C 43 -7.99 -5.03 29.01
CA GLY C 43 -9.22 -5.71 28.66
C GLY C 43 -10.51 -4.98 28.97
N LYS C 44 -10.43 -3.66 29.19
CA LYS C 44 -11.63 -2.85 29.50
C LYS C 44 -11.74 -1.48 28.79
N LEU C 45 -12.94 -0.91 28.79
CA LEU C 45 -13.20 0.41 28.20
C LEU C 45 -12.97 1.55 29.17
N CYS C 46 -12.05 2.44 28.83
CA CYS C 46 -11.57 3.43 29.77
C CYS C 46 -11.80 4.82 29.24
N ASN C 47 -11.49 5.83 30.03
CA ASN C 47 -11.50 7.20 29.53
C ASN C 47 -10.31 7.48 28.62
N LEU C 48 -10.44 8.48 27.75
CA LEU C 48 -9.31 8.94 26.95
C LEU C 48 -8.92 10.30 27.46
N ASP C 49 -7.69 10.40 27.97
CA ASP C 49 -7.32 11.47 28.89
C ASP C 49 -8.36 11.55 29.98
N GLY C 50 -8.92 12.74 30.18
CA GLY C 50 -9.91 12.88 31.22
C GLY C 50 -11.33 12.65 30.78
N VAL C 51 -11.55 12.34 29.51
CA VAL C 51 -12.90 12.39 28.91
C VAL C 51 -13.56 11.02 28.74
N LYS C 52 -14.78 10.89 29.25
CA LYS C 52 -15.50 9.63 29.21
C LYS C 52 -16.04 9.36 27.79
N PRO C 53 -15.98 8.10 27.35
CA PRO C 53 -16.62 7.68 26.10
C PRO C 53 -18.13 7.66 26.21
N LEU C 54 -18.80 7.77 25.07
CA LEU C 54 -20.22 7.51 25.00
C LEU C 54 -20.43 6.00 24.84
N ILE C 55 -20.91 5.32 25.89
CA ILE C 55 -21.17 3.90 25.74
C ILE C 55 -22.66 3.69 25.56
N LEU C 56 -23.06 3.45 24.32
CA LEU C 56 -24.44 3.08 24.03
C LEU C 56 -24.53 1.64 24.54
N ARG C 57 -25.62 1.29 25.19
CA ARG C 57 -25.65 -0.05 25.76
C ARG C 57 -26.17 -0.99 24.70
N ASP C 58 -27.47 -1.20 24.70
CA ASP C 58 -28.08 -1.98 23.66
C ASP C 58 -28.71 -1.04 22.61
N CYS C 59 -28.25 0.21 22.60
CA CYS C 59 -28.73 1.18 21.63
C CYS C 59 -27.75 1.39 20.48
N SER C 60 -28.31 1.58 19.28
CA SER C 60 -27.50 1.90 18.12
C SER C 60 -27.47 3.41 17.98
N VAL C 61 -26.60 3.94 17.13
CA VAL C 61 -26.56 5.39 16.89
C VAL C 61 -27.90 5.88 16.38
N ALA C 62 -28.56 5.12 15.50
CA ALA C 62 -29.87 5.54 15.00
C ALA C 62 -30.88 5.62 16.15
N GLY C 63 -30.88 4.61 17.03
CA GLY C 63 -31.78 4.56 18.17
C GLY C 63 -31.54 5.77 19.07
N TRP C 64 -30.28 6.13 19.27
CA TRP C 64 -29.93 7.31 20.05
C TRP C 64 -30.46 8.62 19.48
N LEU C 65 -30.17 8.91 18.22
CA LEU C 65 -30.47 10.23 17.61
C LEU C 65 -31.96 10.42 17.36
N LEU C 66 -32.62 9.38 16.86
CA LEU C 66 -34.05 9.45 16.58
C LEU C 66 -34.77 9.46 17.90
N GLY C 67 -34.16 8.83 18.91
CA GLY C 67 -34.73 8.84 20.23
C GLY C 67 -35.69 7.68 20.48
N ASN C 68 -35.24 6.46 20.18
CA ASN C 68 -35.96 5.26 20.60
C ASN C 68 -36.29 5.36 22.10
N PRO C 69 -37.56 5.10 22.46
CA PRO C 69 -38.01 5.27 23.86
C PRO C 69 -37.16 4.45 24.84
N MET C 70 -36.50 3.40 24.34
CA MET C 70 -35.62 2.60 25.18
C MET C 70 -34.22 3.24 25.34
N CYS C 71 -34.02 4.43 24.82
CA CYS C 71 -32.69 5.03 24.83
C CYS C 71 -32.74 6.34 25.53
N ASP C 72 -33.67 6.45 26.48
CA ASP C 72 -33.86 7.72 27.15
C ASP C 72 -32.63 8.05 27.98
N GLU C 73 -31.80 7.04 28.25
CA GLU C 73 -30.50 7.24 28.93
C GLU C 73 -29.63 8.22 28.13
N PHE C 74 -29.86 8.31 26.82
CA PHE C 74 -28.98 9.14 25.99
C PHE C 74 -29.67 10.36 25.44
N LEU C 75 -30.74 10.80 26.08
CA LEU C 75 -31.50 11.97 25.60
C LEU C 75 -30.69 13.25 25.56
N ASN C 76 -29.74 13.39 26.48
CA ASN C 76 -28.88 14.56 26.47
C ASN C 76 -27.50 14.18 26.99
N VAL C 77 -26.65 13.66 26.11
CA VAL C 77 -25.38 13.11 26.56
C VAL C 77 -24.31 14.18 26.65
N PRO C 78 -23.40 14.01 27.62
CA PRO C 78 -22.31 14.98 27.72
C PRO C 78 -21.28 14.72 26.65
N GLU C 79 -20.38 15.69 26.51
CA GLU C 79 -19.24 15.57 25.62
C GLU C 79 -18.56 14.20 25.76
N TRP C 80 -18.25 13.59 24.62
CA TRP C 80 -17.65 12.28 24.64
C TRP C 80 -16.28 12.29 23.95
N SER C 81 -15.49 11.26 24.21
CA SER C 81 -14.17 11.13 23.60
C SER C 81 -14.26 10.17 22.43
N TYR C 82 -15.06 9.11 22.57
CA TYR C 82 -15.31 8.18 21.45
C TYR C 82 -16.63 7.47 21.72
N ILE C 83 -17.18 6.77 20.72
CA ILE C 83 -18.47 6.09 20.90
C ILE C 83 -18.36 4.57 20.85
N VAL C 84 -18.98 3.90 21.80
CA VAL C 84 -18.96 2.44 21.84
C VAL C 84 -20.33 1.93 21.51
N GLU C 85 -20.42 1.04 20.53
CA GLU C 85 -21.70 0.51 20.08
C GLU C 85 -21.51 -0.98 19.91
N LYS C 86 -22.53 -1.78 20.20
CA LYS C 86 -22.42 -3.22 20.04
C LYS C 86 -22.57 -3.58 18.56
N ILE C 87 -22.27 -4.84 18.23
CA ILE C 87 -22.28 -5.33 16.86
C ILE C 87 -23.71 -5.38 16.31
N ASN C 88 -24.62 -5.85 17.15
CA ASN C 88 -26.03 -5.92 16.78
C ASN C 88 -26.91 -5.34 17.93
N PRO C 89 -26.89 -4.00 18.10
CA PRO C 89 -27.64 -3.39 19.21
C PRO C 89 -29.14 -3.68 19.11
N ALA C 90 -29.80 -3.86 20.25
CA ALA C 90 -31.20 -4.29 20.31
C ALA C 90 -32.17 -3.14 20.08
N ASN C 91 -31.75 -1.97 20.51
CA ASN C 91 -32.57 -0.78 20.40
C ASN C 91 -32.08 0.10 19.28
N ASP C 92 -32.70 -0.12 18.12
CA ASP C 92 -32.35 0.58 16.90
C ASP C 92 -33.60 1.31 16.36
N LEU C 93 -33.98 1.06 15.12
CA LEU C 93 -35.24 1.57 14.63
C LEU C 93 -36.32 0.64 15.16
N CYS C 94 -37.07 1.15 16.13
CA CYS C 94 -38.11 0.35 16.72
C CYS C 94 -39.18 0.05 15.66
N TYR C 95 -39.74 1.07 15.00
CA TYR C 95 -40.63 0.83 13.85
C TYR C 95 -39.79 0.38 12.65
N PRO C 96 -40.26 -0.63 11.94
CA PRO C 96 -39.42 -1.14 10.85
C PRO C 96 -39.27 -0.15 9.72
N GLY C 97 -38.13 -0.19 9.05
CA GLY C 97 -37.87 0.72 7.95
C GLY C 97 -36.39 0.88 7.80
N ASN C 98 -35.94 2.06 7.39
CA ASN C 98 -34.50 2.23 7.25
C ASN C 98 -34.08 3.68 7.48
N PHE C 99 -32.79 3.87 7.68
CA PHE C 99 -32.20 5.17 7.88
C PHE C 99 -31.38 5.49 6.63
N ASN C 100 -31.83 6.47 5.87
CA ASN C 100 -31.18 6.86 4.64
C ASN C 100 -29.76 7.45 4.78
N ASP C 101 -28.83 6.95 3.95
CA ASP C 101 -27.43 7.32 4.03
C ASP C 101 -26.91 7.21 5.47
N TYR C 102 -27.22 6.11 6.14
CA TYR C 102 -26.80 5.94 7.55
C TYR C 102 -25.26 5.92 7.79
N GLU C 103 -24.54 5.24 6.90
CA GLU C 103 -23.11 5.06 7.08
C GLU C 103 -22.42 6.42 6.90
N GLU C 104 -22.96 7.26 6.02
CA GLU C 104 -22.39 8.60 5.83
C GLU C 104 -22.64 9.47 7.07
N LEU C 105 -23.78 9.29 7.72
CA LEU C 105 -24.03 9.97 8.99
C LEU C 105 -23.11 9.47 10.07
N LYS C 106 -22.93 8.15 10.11
CA LYS C 106 -22.06 7.58 11.15
C LYS C 106 -20.64 8.11 10.95
N HIS C 107 -20.27 8.35 9.70
CA HIS C 107 -18.93 8.83 9.38
C HIS C 107 -18.71 10.27 9.82
N LEU C 108 -19.76 11.07 9.68
CA LEU C 108 -19.75 12.47 10.07
C LEU C 108 -19.55 12.54 11.59
N LEU C 109 -20.06 11.50 12.23
CA LEU C 109 -20.07 11.40 13.68
C LEU C 109 -18.67 11.27 14.25
N SER C 110 -17.76 10.74 13.44
CA SER C 110 -16.38 10.53 13.85
C SER C 110 -15.56 11.81 13.95
N ARG C 111 -16.16 12.95 13.60
CA ARG C 111 -15.51 14.25 13.83
C ARG C 111 -16.31 15.13 14.82
N ILE C 112 -17.21 14.50 15.55
CA ILE C 112 -18.07 15.24 16.46
C ILE C 112 -17.88 14.67 17.86
N ASN C 113 -17.69 15.56 18.84
CA ASN C 113 -17.48 15.17 20.24
C ASN C 113 -18.67 15.53 21.16
N HIS C 114 -19.51 16.45 20.70
CA HIS C 114 -20.64 16.87 21.50
C HIS C 114 -21.77 17.48 20.66
N PHE C 115 -22.98 16.99 20.92
CA PHE C 115 -24.19 17.57 20.38
C PHE C 115 -24.81 18.39 21.52
N GLU C 116 -25.58 19.40 21.15
CA GLU C 116 -26.46 20.07 22.09
C GLU C 116 -27.83 20.12 21.43
N LYS C 117 -28.77 19.40 22.03
CA LYS C 117 -30.09 19.23 21.42
C LYS C 117 -30.96 20.47 21.54
N ILE C 118 -31.60 20.86 20.46
CA ILE C 118 -32.49 21.98 20.56
C ILE C 118 -33.87 21.62 20.04
N GLN C 119 -34.86 22.38 20.48
CA GLN C 119 -36.21 22.15 20.04
C GLN C 119 -36.46 23.00 18.83
N ILE C 120 -36.98 22.41 17.75
CA ILE C 120 -37.24 23.25 16.64
C ILE C 120 -38.75 23.39 16.37
N THR C 121 -39.56 22.47 16.88
CA THR C 121 -41.00 22.65 16.77
C THR C 121 -41.65 22.12 18.06
N PRO C 122 -42.27 23.02 18.86
CA PRO C 122 -42.95 22.61 20.10
C PRO C 122 -44.11 21.71 19.76
N LYS C 123 -44.28 20.61 20.48
CA LYS C 123 -45.28 19.62 20.09
C LYS C 123 -46.71 20.22 20.10
N ASN C 124 -46.88 21.30 20.84
CA ASN C 124 -48.18 21.95 20.89
C ASN C 124 -48.36 22.98 19.80
N SER C 125 -47.71 22.76 18.66
CA SER C 125 -47.89 23.67 17.51
C SER C 125 -48.64 22.94 16.42
N TRP C 126 -49.02 21.69 16.68
CA TRP C 126 -49.82 20.99 15.71
C TRP C 126 -51.27 21.11 16.17
N SER C 127 -51.93 22.17 15.73
CA SER C 127 -53.29 22.46 16.18
C SER C 127 -54.28 21.97 15.15
N ASP C 128 -53.80 21.62 13.97
CA ASP C 128 -54.70 21.10 12.95
C ASP C 128 -54.39 19.68 12.51
N HIS C 129 -53.52 19.03 13.28
CA HIS C 129 -53.16 17.64 13.07
C HIS C 129 -53.08 16.96 14.41
N GLU C 130 -53.20 15.65 14.42
CA GLU C 130 -52.93 14.88 15.63
C GLU C 130 -51.44 14.55 15.69
N ALA C 131 -50.83 14.83 16.83
CA ALA C 131 -49.42 14.60 17.02
C ALA C 131 -49.22 13.51 18.08
N SER C 132 -49.96 12.42 17.97
CA SER C 132 -49.97 11.49 19.08
C SER C 132 -49.76 10.09 18.57
N GLY C 133 -49.16 10.01 17.39
CA GLY C 133 -48.89 8.73 16.77
C GLY C 133 -47.99 7.86 17.62
N VAL C 134 -48.38 6.60 17.69
CA VAL C 134 -47.78 5.71 18.66
C VAL C 134 -47.79 4.30 18.05
N SER C 135 -46.90 3.43 18.48
CA SER C 135 -46.80 2.12 17.85
C SER C 135 -46.33 1.05 18.80
N SER C 136 -46.94 -0.12 18.71
CA SER C 136 -46.56 -1.22 19.60
C SER C 136 -45.18 -1.74 19.28
N ALA C 137 -44.61 -1.30 18.16
CA ALA C 137 -43.25 -1.69 17.79
C ALA C 137 -42.22 -0.86 18.55
N CYS C 138 -42.70 0.20 19.20
CA CYS C 138 -41.84 1.08 20.02
C CYS C 138 -42.32 1.18 21.46
N PRO C 139 -42.29 0.07 22.21
CA PRO C 139 -42.84 0.16 23.58
C PRO C 139 -41.94 0.95 24.53
N TYR C 140 -42.54 1.59 25.54
CA TYR C 140 -41.77 2.35 26.53
C TYR C 140 -41.93 1.78 27.95
N GLN C 141 -43.11 1.82 28.54
CA GLN C 141 -43.15 1.15 29.86
C GLN C 141 -44.32 0.19 29.85
N GLY C 142 -44.26 -0.78 28.95
CA GLY C 142 -45.37 -1.67 28.70
C GLY C 142 -46.44 -1.12 27.77
N ARG C 143 -46.27 0.10 27.27
CA ARG C 143 -47.29 0.66 26.38
C ARG C 143 -46.72 1.10 25.01
N SER C 144 -47.59 1.35 24.03
CA SER C 144 -47.09 1.80 22.72
C SER C 144 -46.56 3.22 22.84
N SER C 145 -45.37 3.43 22.31
CA SER C 145 -44.78 4.76 22.30
C SER C 145 -44.24 5.04 20.91
N PHE C 146 -43.24 5.93 20.83
CA PHE C 146 -42.69 6.34 19.55
C PHE C 146 -41.36 7.08 19.76
N PHE C 147 -40.60 7.32 18.69
CA PHE C 147 -39.35 8.08 18.80
C PHE C 147 -39.56 9.43 19.45
N ARG C 148 -38.62 9.91 20.24
CA ARG C 148 -38.90 11.13 21.00
C ARG C 148 -38.52 12.40 20.24
N ASN C 149 -37.69 12.26 19.21
CA ASN C 149 -37.14 13.40 18.50
C ASN C 149 -37.86 13.70 17.18
N VAL C 150 -38.76 12.81 16.79
CA VAL C 150 -39.59 13.06 15.62
C VAL C 150 -41.06 12.84 15.99
N VAL C 151 -41.98 13.47 15.27
CA VAL C 151 -43.40 13.34 15.63
C VAL C 151 -44.26 12.75 14.50
N TRP C 152 -45.04 11.73 14.82
CA TRP C 152 -45.90 11.07 13.86
C TRP C 152 -47.26 11.82 13.78
N LEU C 153 -47.44 12.63 12.72
CA LEU C 153 -48.66 13.42 12.57
C LEU C 153 -49.74 12.65 11.84
N THR C 154 -50.99 12.74 12.28
CA THR C 154 -52.06 12.07 11.52
C THR C 154 -53.20 13.06 11.36
N LYS C 155 -54.27 12.63 10.69
CA LYS C 155 -55.36 13.53 10.35
C LYS C 155 -56.10 13.98 11.59
N LYS C 156 -56.66 15.17 11.51
CA LYS C 156 -57.47 15.66 12.61
C LYS C 156 -58.85 15.94 12.06
N ASP C 157 -59.85 15.54 12.85
CA ASP C 157 -61.23 15.46 12.37
C ASP C 157 -61.24 14.49 11.21
N ASN C 158 -61.49 15.00 10.03
CA ASN C 158 -61.26 14.15 8.87
C ASN C 158 -60.52 14.94 7.85
N ALA C 159 -59.51 15.66 8.31
CA ALA C 159 -58.74 16.48 7.41
C ALA C 159 -57.26 16.44 7.77
N TYR C 160 -56.43 16.63 6.75
CA TYR C 160 -55.00 16.81 6.89
C TYR C 160 -54.62 18.02 6.04
N PRO C 161 -54.77 19.22 6.62
CA PRO C 161 -54.35 20.43 5.89
C PRO C 161 -52.86 20.40 5.54
N THR C 162 -52.49 21.07 4.46
CA THR C 162 -51.09 21.14 4.09
C THR C 162 -50.26 21.86 5.14
N ILE C 163 -49.17 21.21 5.53
CA ILE C 163 -48.20 21.70 6.48
C ILE C 163 -47.14 22.50 5.77
N LYS C 164 -46.90 23.73 6.20
CA LYS C 164 -45.80 24.51 5.66
C LYS C 164 -45.00 25.03 6.83
N ARG C 165 -43.90 24.40 7.19
CA ARG C 165 -43.19 24.89 8.36
C ARG C 165 -41.74 25.14 7.97
N SER C 166 -41.15 26.18 8.57
CA SER C 166 -39.83 26.64 8.18
C SER C 166 -38.98 26.86 9.40
N TYR C 167 -37.66 26.65 9.30
CA TYR C 167 -36.78 26.97 10.42
C TYR C 167 -35.48 27.59 9.95
N ASN C 168 -35.08 28.74 10.49
CA ASN C 168 -33.81 29.38 10.11
C ASN C 168 -32.75 29.20 11.18
N ASN C 169 -31.67 28.50 10.86
CA ASN C 169 -30.63 28.24 11.87
C ASN C 169 -29.83 29.49 12.24
N THR C 170 -30.31 30.19 13.24
CA THR C 170 -29.67 31.41 13.70
C THR C 170 -28.46 31.12 14.58
N ASN C 171 -28.16 29.86 14.88
CA ASN C 171 -27.00 29.55 15.72
C ASN C 171 -25.69 29.66 14.96
N GLN C 172 -24.58 29.64 15.69
CA GLN C 172 -23.27 29.79 15.06
C GLN C 172 -22.84 28.46 14.51
N GLU C 173 -23.28 27.40 15.21
CA GLU C 173 -22.95 26.04 14.85
C GLU C 173 -23.94 25.44 13.85
N ASP C 174 -23.46 24.46 13.10
CA ASP C 174 -24.27 23.70 12.17
C ASP C 174 -25.31 22.85 12.92
N LEU C 175 -26.37 22.51 12.21
CA LEU C 175 -27.49 21.74 12.75
C LEU C 175 -27.68 20.41 12.07
N LEU C 176 -27.80 19.36 12.86
CA LEU C 176 -28.25 18.06 12.36
C LEU C 176 -29.77 17.95 12.48
N VAL C 177 -30.45 17.83 11.36
CA VAL C 177 -31.91 17.74 11.38
C VAL C 177 -32.41 16.39 10.84
N LEU C 178 -33.32 15.75 11.58
CA LEU C 178 -33.91 14.48 11.21
C LEU C 178 -35.43 14.57 10.93
N TRP C 179 -35.89 13.79 9.96
CA TRP C 179 -37.32 13.70 9.67
C TRP C 179 -37.62 12.41 8.95
N GLY C 180 -38.90 12.16 8.68
CA GLY C 180 -39.24 10.87 8.11
C GLY C 180 -40.51 10.80 7.27
N ILE C 181 -40.69 9.66 6.61
CA ILE C 181 -41.89 9.39 5.84
C ILE C 181 -42.40 8.02 6.21
N HIS C 182 -43.73 7.86 6.30
CA HIS C 182 -44.38 6.58 6.59
C HIS C 182 -44.97 5.91 5.35
N HIS C 183 -44.59 4.66 5.08
CA HIS C 183 -45.18 3.89 3.96
C HIS C 183 -46.19 2.90 4.51
N PRO C 184 -47.49 3.18 4.30
CA PRO C 184 -48.59 2.29 4.71
C PRO C 184 -48.71 0.98 3.90
N ASN C 185 -49.67 0.14 4.25
CA ASN C 185 -49.81 -1.18 3.63
C ASN C 185 -50.81 -1.21 2.50
N ASP C 186 -51.75 -0.29 2.52
CA ASP C 186 -52.84 -0.28 1.55
C ASP C 186 -53.52 1.08 1.52
N ALA C 187 -54.29 1.33 0.48
CA ALA C 187 -54.93 2.64 0.30
C ALA C 187 -55.91 2.95 1.43
N THR C 188 -56.45 1.93 2.06
CA THR C 188 -57.43 2.13 3.10
C THR C 188 -56.73 2.73 4.33
N GLU C 189 -55.56 2.19 4.68
CA GLU C 189 -54.82 2.70 5.83
C GLU C 189 -54.35 4.12 5.58
N GLN C 190 -53.97 4.42 4.34
CA GLN C 190 -53.55 5.77 3.97
C GLN C 190 -54.66 6.80 4.28
N THR C 191 -55.88 6.54 3.83
CA THR C 191 -56.93 7.52 4.05
C THR C 191 -57.34 7.50 5.51
N ARG C 192 -57.21 6.35 6.20
CA ARG C 192 -57.57 6.30 7.61
C ARG C 192 -56.66 7.19 8.46
N LEU C 193 -55.37 7.22 8.13
CA LEU C 193 -54.44 8.01 8.93
C LEU C 193 -54.30 9.46 8.47
N TYR C 194 -54.39 9.68 7.17
CA TYR C 194 -53.97 10.93 6.59
C TYR C 194 -55.02 11.62 5.69
N GLN C 195 -56.16 10.96 5.52
CA GLN C 195 -57.29 11.44 4.71
C GLN C 195 -56.92 11.54 3.23
N ASN C 196 -55.92 12.35 2.91
CA ASN C 196 -55.52 12.54 1.52
C ASN C 196 -54.92 11.26 0.92
N PRO C 197 -55.42 10.86 -0.26
CA PRO C 197 -54.99 9.61 -0.92
C PRO C 197 -53.66 9.75 -1.66
N THR C 198 -53.35 10.95 -2.15
CA THR C 198 -52.11 11.18 -2.89
C THR C 198 -51.33 12.29 -2.20
N THR C 199 -50.20 11.92 -1.59
CA THR C 199 -49.47 12.79 -0.66
C THR C 199 -47.98 12.96 -1.01
N TYR C 200 -47.33 13.97 -0.43
CA TYR C 200 -45.92 14.26 -0.72
C TYR C 200 -45.24 14.87 0.49
N ILE C 201 -43.90 14.91 0.44
CA ILE C 201 -43.14 15.66 1.39
C ILE C 201 -42.01 16.33 0.67
N SER C 202 -41.96 17.65 0.74
CA SER C 202 -40.87 18.40 0.15
C SER C 202 -40.04 18.99 1.24
N VAL C 203 -38.74 18.87 1.09
CA VAL C 203 -37.82 19.44 2.04
C VAL C 203 -36.82 20.25 1.25
N GLY C 204 -36.62 21.50 1.67
CA GLY C 204 -35.74 22.39 0.97
C GLY C 204 -34.76 23.12 1.85
N THR C 205 -33.56 23.30 1.30
CA THR C 205 -32.42 23.90 1.97
C THR C 205 -31.71 24.68 0.87
N SER C 206 -30.62 25.40 1.17
CA SER C 206 -29.85 26.04 0.10
C SER C 206 -29.28 25.00 -0.87
N THR C 207 -29.09 23.78 -0.37
CA THR C 207 -28.52 22.66 -1.15
C THR C 207 -29.47 21.48 -1.32
N LEU C 208 -30.38 21.31 -0.37
CA LEU C 208 -31.29 20.18 -0.45
C LEU C 208 -32.54 20.58 -1.24
N ASN C 209 -33.04 19.69 -2.08
CA ASN C 209 -34.25 19.92 -2.86
C ASN C 209 -34.94 18.57 -2.98
N GLN C 210 -35.57 18.13 -1.89
CA GLN C 210 -36.02 16.74 -1.82
C GLN C 210 -37.54 16.63 -1.96
N LYS C 211 -38.02 15.61 -2.65
CA LYS C 211 -39.44 15.32 -2.72
C LYS C 211 -39.72 13.83 -2.58
N LEU C 212 -40.37 13.46 -1.47
CA LEU C 212 -40.75 12.07 -1.16
C LEU C 212 -42.22 11.83 -1.37
N VAL C 213 -42.52 10.59 -1.74
CA VAL C 213 -43.89 10.18 -1.99
C VAL C 213 -44.02 8.78 -1.39
N PRO C 214 -45.09 8.51 -0.63
CA PRO C 214 -45.25 7.21 0.02
C PRO C 214 -45.29 6.07 -0.99
N LYS C 215 -44.81 4.91 -0.57
CA LYS C 215 -44.90 3.71 -1.37
C LYS C 215 -45.88 2.78 -0.72
N ILE C 216 -47.15 2.90 -1.12
CA ILE C 216 -48.24 2.13 -0.50
C ILE C 216 -48.35 0.80 -1.17
N ALA C 217 -48.02 -0.25 -0.42
CA ALA C 217 -47.80 -1.56 -1.02
C ALA C 217 -47.85 -2.66 0.05
N THR C 218 -47.95 -3.92 -0.39
CA THR C 218 -47.98 -5.05 0.52
C THR C 218 -46.58 -5.57 0.87
N ARG C 219 -46.33 -5.80 2.17
CA ARG C 219 -45.04 -6.36 2.65
C ARG C 219 -45.18 -7.28 3.87
N SER C 220 -44.15 -8.08 4.09
CA SER C 220 -44.09 -9.02 5.17
C SER C 220 -44.08 -8.32 6.53
N LYS C 221 -44.60 -8.99 7.56
CA LYS C 221 -44.57 -8.38 8.87
C LYS C 221 -43.16 -8.42 9.44
N VAL C 222 -42.68 -7.27 9.87
CA VAL C 222 -41.47 -7.15 10.67
C VAL C 222 -41.90 -6.55 12.00
N LYS C 223 -41.67 -7.29 13.09
CA LYS C 223 -42.17 -6.94 14.42
C LYS C 223 -43.68 -6.75 14.38
N GLY C 224 -44.37 -7.64 13.66
CA GLY C 224 -45.82 -7.69 13.59
C GLY C 224 -46.47 -6.62 12.73
N LEU C 225 -45.64 -5.73 12.20
CA LEU C 225 -46.12 -4.63 11.36
C LEU C 225 -45.58 -4.80 9.96
N SER C 226 -46.39 -4.42 8.98
CA SER C 226 -45.96 -4.47 7.61
C SER C 226 -45.81 -3.06 7.01
N GLY C 227 -46.11 -2.03 7.79
CA GLY C 227 -45.78 -0.68 7.42
C GLY C 227 -44.30 -0.45 7.57
N ARG C 228 -43.79 0.66 7.03
CA ARG C 228 -42.38 1.01 7.10
C ARG C 228 -42.25 2.49 7.33
N MET C 229 -41.20 2.89 8.02
CA MET C 229 -40.83 4.29 8.10
C MET C 229 -39.43 4.47 7.62
N GLU C 230 -39.27 5.44 6.74
CA GLU C 230 -37.97 5.75 6.23
C GLU C 230 -37.51 7.11 6.75
N PHE C 231 -36.33 7.15 7.34
CA PHE C 231 -35.84 8.38 7.90
C PHE C 231 -34.72 9.05 7.11
N PHE C 232 -34.69 10.37 7.18
CA PHE C 232 -33.73 11.20 6.44
C PHE C 232 -33.12 12.20 7.39
N TRP C 233 -31.99 12.73 6.97
CA TRP C 233 -31.19 13.67 7.74
C TRP C 233 -30.51 14.67 6.80
N THR C 234 -30.21 15.85 7.31
CA THR C 234 -29.36 16.83 6.63
C THR C 234 -28.61 17.64 7.69
N ILE C 235 -27.51 18.27 7.26
CA ILE C 235 -26.79 19.24 8.07
C ILE C 235 -27.20 20.63 7.64
N LEU C 236 -27.96 21.31 8.48
CA LEU C 236 -28.36 22.68 8.19
C LEU C 236 -27.24 23.62 8.67
N LYS C 237 -26.53 24.25 7.72
CA LYS C 237 -25.44 25.16 8.09
C LYS C 237 -25.96 26.42 8.83
N SER C 238 -25.08 27.04 9.60
CA SER C 238 -25.37 28.31 10.24
C SER C 238 -25.80 29.34 9.19
N ASN C 239 -26.91 29.99 9.49
CA ASN C 239 -27.56 31.04 8.69
C ASN C 239 -28.41 30.52 7.54
N ASP C 240 -28.51 29.21 7.38
CA ASP C 240 -29.39 28.67 6.33
C ASP C 240 -30.73 28.27 6.92
N ALA C 241 -31.73 28.07 6.06
CA ALA C 241 -33.06 27.68 6.51
C ALA C 241 -33.52 26.39 5.83
N ILE C 242 -34.36 25.63 6.54
CA ILE C 242 -34.92 24.40 6.00
C ILE C 242 -36.43 24.56 5.85
N ASN C 243 -37.00 24.03 4.78
CA ASN C 243 -38.43 24.19 4.50
C ASN C 243 -39.17 22.87 4.28
N PHE C 244 -40.23 22.63 5.06
CA PHE C 244 -41.00 21.38 4.96
C PHE C 244 -42.40 21.68 4.47
N GLU C 245 -42.85 20.97 3.45
CA GLU C 245 -44.24 20.97 3.00
C GLU C 245 -44.77 19.54 2.85
N SER C 246 -46.01 19.28 3.29
CA SER C 246 -46.55 17.95 3.27
C SER C 246 -48.04 17.96 3.43
N ASN C 247 -48.72 17.01 2.78
CA ASN C 247 -50.16 16.78 2.99
C ASN C 247 -50.47 15.37 3.50
N GLY C 248 -49.50 14.74 4.18
CA GLY C 248 -49.68 13.45 4.81
C GLY C 248 -48.35 12.70 4.84
N ASN C 249 -48.27 11.66 5.66
CA ASN C 249 -47.13 10.70 5.77
C ASN C 249 -45.82 11.25 6.28
N PHE C 250 -45.88 12.47 6.82
CA PHE C 250 -44.72 13.19 7.30
C PHE C 250 -44.45 12.81 8.76
N ILE C 251 -43.22 12.39 9.07
CA ILE C 251 -42.85 12.21 10.47
C ILE C 251 -41.99 13.40 10.80
N ALA C 252 -42.57 14.38 11.51
CA ALA C 252 -41.98 15.72 11.59
C ALA C 252 -40.87 15.85 12.61
N PRO C 253 -39.89 16.73 12.33
CA PRO C 253 -38.80 16.99 13.27
C PRO C 253 -39.34 17.56 14.55
N GLU C 254 -38.91 17.07 15.70
CA GLU C 254 -39.26 17.78 16.94
C GLU C 254 -38.01 18.40 17.50
N ASN C 255 -36.97 17.57 17.64
CA ASN C 255 -35.67 18.01 18.13
C ASN C 255 -34.59 17.84 17.07
N ALA C 256 -33.60 18.74 17.10
CA ALA C 256 -32.45 18.71 16.21
C ALA C 256 -31.16 18.89 17.03
N TYR C 257 -29.99 18.68 16.45
CA TYR C 257 -28.74 18.70 17.24
C TYR C 257 -27.75 19.78 16.82
N LYS C 258 -27.34 20.65 17.75
CA LYS C 258 -26.27 21.57 17.38
C LYS C 258 -24.95 20.82 17.48
N ILE C 259 -24.12 20.94 16.45
CA ILE C 259 -22.80 20.34 16.51
C ILE C 259 -21.88 21.34 17.21
N VAL C 260 -21.68 21.12 18.50
CA VAL C 260 -21.05 22.14 19.34
C VAL C 260 -19.56 21.88 19.40
N LYS C 261 -19.15 20.61 19.38
CA LYS C 261 -17.72 20.38 19.46
C LYS C 261 -17.28 19.38 18.41
N LYS C 262 -16.31 19.80 17.62
CA LYS C 262 -15.66 18.97 16.61
C LYS C 262 -14.32 18.52 17.17
N GLY C 263 -13.84 17.36 16.75
CA GLY C 263 -12.57 16.86 17.22
C GLY C 263 -12.39 15.43 16.76
N ASP C 264 -11.39 14.72 17.28
CA ASP C 264 -11.20 13.31 16.91
C ASP C 264 -12.10 12.36 17.73
N SER C 265 -12.69 11.41 17.02
CA SER C 265 -13.53 10.38 17.62
C SER C 265 -13.66 9.19 16.65
N THR C 266 -14.30 8.13 17.11
CA THR C 266 -14.63 6.99 16.26
C THR C 266 -15.81 6.22 16.84
N ILE C 267 -16.34 5.30 16.06
CA ILE C 267 -17.30 4.39 16.62
C ILE C 267 -16.64 3.05 16.70
N MET C 268 -16.45 2.59 17.93
CA MET C 268 -15.82 1.31 18.20
C MET C 268 -16.89 0.23 18.34
N LYS C 269 -16.67 -0.92 17.74
CA LYS C 269 -17.56 -2.06 17.96
C LYS C 269 -16.99 -2.97 19.04
N SER C 270 -17.66 -3.00 20.18
CA SER C 270 -17.24 -3.78 21.32
C SER C 270 -18.45 -4.25 22.09
N GLU C 271 -18.30 -5.38 22.78
CA GLU C 271 -19.35 -5.88 23.66
C GLU C 271 -19.08 -5.45 25.09
N LEU C 272 -17.92 -4.86 25.33
CA LEU C 272 -17.53 -4.44 26.68
C LEU C 272 -18.36 -3.27 27.20
N GLU C 273 -18.24 -3.04 28.51
CA GLU C 273 -18.93 -1.96 29.22
C GLU C 273 -17.87 -1.09 29.87
N TYR C 274 -18.27 0.06 30.42
CA TYR C 274 -17.32 0.98 31.07
C TYR C 274 -16.45 0.32 32.14
N GLY C 275 -15.29 0.91 32.42
CA GLY C 275 -14.30 0.31 33.30
C GLY C 275 -13.77 1.18 34.44
N ASP C 276 -14.19 2.44 34.48
CA ASP C 276 -13.78 3.38 35.54
C ASP C 276 -12.26 3.55 35.64
N CYS C 277 -11.55 3.28 34.54
CA CYS C 277 -10.11 3.46 34.51
C CYS C 277 -9.81 4.63 33.58
N ASN C 278 -8.54 4.84 33.30
CA ASN C 278 -8.17 5.94 32.44
C ASN C 278 -7.03 5.44 31.56
N THR C 279 -6.95 5.95 30.33
CA THR C 279 -5.91 5.52 29.42
C THR C 279 -5.57 6.65 28.44
N LYS C 280 -4.49 6.45 27.68
CA LYS C 280 -4.10 7.41 26.65
C LYS C 280 -4.26 6.75 25.30
N CYS C 281 -4.55 5.45 25.33
CA CYS C 281 -4.68 4.65 24.13
C CYS C 281 -5.71 3.56 24.33
N GLN C 282 -6.74 3.56 23.49
CA GLN C 282 -7.85 2.63 23.64
C GLN C 282 -8.10 1.81 22.40
N THR C 283 -8.38 0.51 22.58
CA THR C 283 -8.83 -0.37 21.51
C THR C 283 -10.14 -1.02 21.88
N PRO C 284 -10.85 -1.59 20.89
CA PRO C 284 -12.15 -2.21 21.17
C PRO C 284 -12.13 -3.34 22.21
N ILE C 285 -10.96 -3.90 22.51
CA ILE C 285 -10.88 -5.03 23.42
C ILE C 285 -10.05 -4.74 24.67
N GLY C 286 -9.60 -3.51 24.84
CA GLY C 286 -8.84 -3.14 26.02
C GLY C 286 -7.95 -1.93 25.78
N ALA C 287 -7.48 -1.31 26.85
CA ALA C 287 -6.63 -0.13 26.75
C ALA C 287 -5.13 -0.50 26.75
N ILE C 288 -4.30 0.43 26.30
CA ILE C 288 -2.86 0.21 26.22
C ILE C 288 -2.13 1.26 27.05
N ASN C 289 -1.32 0.78 27.98
CA ASN C 289 -0.39 1.59 28.73
C ASN C 289 0.98 1.02 28.48
N SER C 290 1.72 1.61 27.56
CA SER C 290 3.05 1.08 27.30
C SER C 290 3.99 2.13 26.75
N SER C 291 5.26 1.75 26.70
CA SER C 291 6.30 2.61 26.16
C SER C 291 6.87 1.98 24.91
N MET C 292 6.40 0.76 24.61
CA MET C 292 6.77 0.05 23.39
C MET C 292 6.39 0.87 22.17
N PRO C 293 7.19 0.78 21.10
CA PRO C 293 6.93 1.51 19.85
C PRO C 293 6.04 0.74 18.90
N PHE C 294 5.83 -0.55 19.20
CA PHE C 294 4.90 -1.37 18.45
C PHE C 294 3.95 -2.04 19.45
N HIS C 295 2.81 -2.53 18.95
CA HIS C 295 1.91 -3.37 19.73
C HIS C 295 1.20 -4.30 18.77
N ASN C 296 0.54 -5.33 19.28
CA ASN C 296 -0.15 -6.27 18.40
C ASN C 296 -1.56 -6.64 18.89
N ILE C 297 -2.22 -5.77 19.64
CA ILE C 297 -3.50 -6.19 20.22
C ILE C 297 -4.71 -5.95 19.28
N HIS C 298 -4.75 -4.80 18.59
CA HIS C 298 -5.85 -4.50 17.68
C HIS C 298 -5.43 -3.37 16.71
N PRO C 299 -5.89 -3.45 15.46
CA PRO C 299 -5.60 -2.42 14.45
C PRO C 299 -6.33 -1.10 14.65
N LEU C 300 -7.50 -1.14 15.30
CA LEU C 300 -8.31 0.06 15.53
C LEU C 300 -8.01 0.62 16.91
N THR C 301 -7.26 1.70 16.96
CA THR C 301 -6.93 2.29 18.23
C THR C 301 -7.36 3.73 18.14
N ILE C 302 -7.46 4.41 19.28
CA ILE C 302 -7.65 5.84 19.22
C ILE C 302 -6.78 6.49 20.31
N GLY C 303 -6.11 7.57 19.95
CA GLY C 303 -5.24 8.27 20.86
C GLY C 303 -3.76 8.13 20.55
N GLU C 304 -2.92 8.45 21.52
CA GLU C 304 -1.48 8.34 21.38
C GLU C 304 -1.06 6.88 21.62
N CYS C 305 -0.79 6.16 20.53
CA CYS C 305 -0.58 4.71 20.54
C CYS C 305 0.71 4.25 19.90
N PRO C 306 1.15 3.02 20.24
CA PRO C 306 2.19 2.38 19.43
C PRO C 306 1.66 2.04 18.03
N LYS C 307 2.53 1.55 17.14
CA LYS C 307 2.13 1.23 15.79
C LYS C 307 1.73 -0.22 15.69
N TYR C 308 0.58 -0.48 15.07
CA TYR C 308 0.08 -1.84 15.02
C TYR C 308 0.86 -2.69 14.02
N VAL C 309 1.17 -3.91 14.44
CA VAL C 309 1.81 -4.92 13.61
C VAL C 309 1.18 -6.27 13.90
N LYS C 310 1.25 -7.20 12.94
CA LYS C 310 0.75 -8.56 13.13
C LYS C 310 1.78 -9.53 13.78
N SER C 311 2.90 -9.03 14.30
CA SER C 311 3.94 -9.95 14.74
C SER C 311 3.65 -10.53 16.11
N ASN C 312 4.04 -11.80 16.30
CA ASN C 312 3.87 -12.44 17.61
C ASN C 312 5.04 -12.13 18.51
N ARG C 313 6.17 -11.79 17.90
CA ARG C 313 7.40 -11.55 18.66
C ARG C 313 8.27 -10.56 17.90
N LEU C 314 8.83 -9.61 18.63
CA LEU C 314 9.64 -8.61 17.98
C LEU C 314 10.70 -8.10 18.96
N VAL C 315 11.85 -8.78 18.95
CA VAL C 315 12.96 -8.52 19.87
C VAL C 315 14.25 -8.13 19.14
N LEU C 316 14.84 -7.03 19.60
CA LEU C 316 16.11 -6.49 19.08
C LEU C 316 17.29 -7.04 19.86
N ALA C 317 18.39 -7.33 19.15
CA ALA C 317 19.64 -7.68 19.82
C ALA C 317 20.42 -6.40 20.12
N THR C 318 20.78 -6.23 21.38
CA THR C 318 21.60 -5.10 21.80
C THR C 318 22.99 -5.60 22.22
N GLY C 319 23.02 -6.74 22.92
CA GLY C 319 24.29 -7.31 23.36
C GLY C 319 24.87 -8.25 22.33
N LEU C 320 25.78 -9.10 22.75
CA LEU C 320 26.47 -9.95 21.79
C LEU C 320 26.06 -11.40 22.01
N ARG C 321 26.50 -12.27 21.11
CA ARG C 321 26.14 -13.68 21.16
C ARG C 321 26.63 -14.27 22.47
N ASN C 322 25.80 -15.10 23.11
CA ASN C 322 26.08 -15.58 24.46
C ASN C 322 26.63 -17.01 24.46
N SER C 323 27.68 -17.22 25.25
CA SER C 323 28.42 -18.48 25.22
C SER C 323 27.82 -19.58 26.11
N PRO C 324 27.79 -20.80 25.58
CA PRO C 324 27.26 -22.01 26.25
C PRO C 324 28.01 -22.36 27.53
N GLY D 1 31.56 -16.06 13.74
CA GLY D 1 31.06 -14.77 13.27
C GLY D 1 31.65 -14.38 11.92
N LEU D 2 31.32 -13.18 11.46
CA LEU D 2 31.75 -12.74 10.14
C LEU D 2 33.20 -12.26 10.15
N PHE D 3 33.76 -12.14 11.36
CA PHE D 3 35.09 -11.57 11.57
C PHE D 3 36.03 -12.54 12.29
N GLY D 4 35.46 -13.58 12.90
CA GLY D 4 36.23 -14.67 13.50
C GLY D 4 36.70 -14.50 14.93
N ALA D 5 36.27 -13.43 15.58
CA ALA D 5 36.65 -13.19 16.97
C ALA D 5 35.68 -13.96 17.91
N ILE D 6 34.43 -13.50 18.02
CA ILE D 6 33.45 -14.19 18.87
C ILE D 6 33.15 -15.58 18.32
N ALA D 7 33.31 -16.59 19.18
CA ALA D 7 33.16 -18.00 18.85
C ALA D 7 34.05 -18.43 17.67
N GLY D 8 35.24 -17.83 17.62
CA GLY D 8 36.22 -18.15 16.58
C GLY D 8 37.60 -18.40 17.16
N PHE D 9 38.57 -17.53 16.85
CA PHE D 9 39.95 -17.74 17.29
C PHE D 9 40.07 -17.47 18.78
N ILE D 10 39.08 -16.77 19.31
CA ILE D 10 38.94 -16.65 20.75
C ILE D 10 37.61 -17.33 21.09
N GLU D 11 37.73 -18.47 21.77
CA GLU D 11 36.59 -19.27 22.16
C GLU D 11 35.94 -18.64 23.37
N GLY D 12 34.64 -18.79 23.50
CA GLY D 12 33.98 -18.49 24.77
C GLY D 12 33.99 -17.06 25.29
N GLY D 13 33.00 -16.74 26.12
CA GLY D 13 32.94 -15.45 26.77
C GLY D 13 33.34 -15.57 28.22
N TRP D 14 33.58 -14.42 28.86
CA TRP D 14 34.06 -14.37 30.24
C TRP D 14 32.95 -14.08 31.22
N GLN D 15 32.51 -15.12 31.92
CA GLN D 15 31.49 -14.96 32.96
C GLN D 15 31.96 -13.94 34.00
N GLY D 16 33.26 -13.93 34.28
CA GLY D 16 33.83 -13.13 35.35
C GLY D 16 34.06 -11.68 35.02
N MET D 17 33.82 -11.29 33.78
CA MET D 17 33.97 -9.90 33.37
C MET D 17 32.62 -9.20 33.34
N VAL D 18 32.37 -8.31 34.30
CA VAL D 18 31.04 -7.77 34.50
C VAL D 18 30.95 -6.26 34.29
N ASP D 19 32.05 -5.64 33.91
CA ASP D 19 32.13 -4.18 33.88
C ASP D 19 31.80 -3.61 32.50
N GLY D 20 31.92 -4.44 31.47
CA GLY D 20 31.67 -4.00 30.11
C GLY D 20 31.41 -5.14 29.15
N TRP D 21 31.48 -4.84 27.86
CA TRP D 21 31.25 -5.83 26.82
C TRP D 21 32.56 -6.48 26.42
N TYR D 22 33.58 -5.65 26.24
CA TYR D 22 34.90 -6.12 25.85
C TYR D 22 35.97 -5.66 26.83
N GLY D 23 37.01 -6.46 27.00
CA GLY D 23 38.08 -6.11 27.92
C GLY D 23 39.27 -7.04 27.97
N TYR D 24 39.96 -7.04 29.11
CA TYR D 24 41.23 -7.73 29.26
C TYR D 24 41.29 -8.66 30.47
N HIS D 25 41.93 -9.80 30.30
CA HIS D 25 42.32 -10.64 31.44
C HIS D 25 43.84 -10.70 31.47
N HIS D 26 44.41 -10.40 32.64
CA HIS D 26 45.86 -10.35 32.77
C HIS D 26 46.33 -11.33 33.84
N SER D 27 47.58 -11.77 33.70
CA SER D 27 48.20 -12.69 34.64
C SER D 27 49.68 -12.35 34.79
N ASN D 28 49.99 -11.58 35.83
CA ASN D 28 51.36 -11.33 36.21
C ASN D 28 51.60 -11.81 37.65
N GLU D 29 52.72 -11.41 38.24
CA GLU D 29 53.06 -11.82 39.61
C GLU D 29 52.08 -11.21 40.61
N GLN D 30 51.55 -10.04 40.27
CA GLN D 30 50.47 -9.43 41.03
C GLN D 30 49.13 -10.03 40.60
N GLY D 31 48.99 -11.35 40.77
CA GLY D 31 47.77 -12.09 40.52
C GLY D 31 47.06 -11.91 39.19
N SER D 32 45.82 -12.39 39.14
CA SER D 32 44.98 -12.31 37.96
C SER D 32 43.85 -11.30 38.14
N GLY D 33 43.04 -11.12 37.10
CA GLY D 33 41.90 -10.24 37.18
C GLY D 33 41.31 -9.80 35.84
N TYR D 34 40.06 -9.34 35.88
CA TYR D 34 39.37 -8.85 34.69
C TYR D 34 39.28 -7.33 34.77
N ALA D 35 39.27 -6.67 33.62
CA ALA D 35 39.17 -5.22 33.55
C ALA D 35 38.54 -4.82 32.22
N ALA D 36 37.58 -3.89 32.27
CA ALA D 36 36.84 -3.50 31.07
C ALA D 36 37.55 -2.43 30.24
N ASP D 37 37.36 -2.50 28.92
CA ASP D 37 37.81 -1.43 28.03
C ASP D 37 36.79 -0.29 27.99
N LYS D 38 37.16 0.85 28.58
CA LYS D 38 36.26 1.97 28.76
C LYS D 38 35.89 2.68 27.45
N GLU D 39 36.87 2.87 26.57
CA GLU D 39 36.66 3.59 25.30
C GLU D 39 35.79 2.81 24.31
N SER D 40 36.05 1.51 24.21
CA SER D 40 35.42 0.64 23.22
C SER D 40 34.02 0.15 23.61
N THR D 41 33.69 0.22 24.89
CA THR D 41 32.37 -0.22 25.31
C THR D 41 31.38 0.94 25.15
N GLN D 42 31.86 2.18 25.26
CA GLN D 42 30.97 3.30 25.05
C GLN D 42 30.68 3.53 23.57
N LYS D 43 31.69 3.38 22.72
CA LYS D 43 31.48 3.51 21.28
C LYS D 43 30.47 2.47 20.82
N ALA D 44 30.44 1.34 21.51
CA ALA D 44 29.55 0.26 21.12
C ALA D 44 28.15 0.51 21.71
N ILE D 45 28.10 1.10 22.90
CA ILE D 45 26.83 1.47 23.52
C ILE D 45 26.20 2.64 22.75
N ASP D 46 27.05 3.54 22.25
CA ASP D 46 26.56 4.64 21.43
C ASP D 46 26.06 4.10 20.09
N GLY D 47 26.72 3.05 19.59
CA GLY D 47 26.35 2.46 18.33
C GLY D 47 25.03 1.70 18.37
N VAL D 48 24.83 0.89 19.40
CA VAL D 48 23.61 0.08 19.48
C VAL D 48 22.42 0.93 19.91
N THR D 49 22.64 1.86 20.83
CA THR D 49 21.55 2.69 21.33
C THR D 49 20.99 3.59 20.24
N ASN D 50 21.88 4.18 19.45
CA ASN D 50 21.46 5.06 18.36
C ASN D 50 20.69 4.29 17.30
N LYS D 51 21.15 3.08 16.97
CA LYS D 51 20.47 2.23 16.00
C LYS D 51 19.06 1.90 16.46
N VAL D 52 18.94 1.55 17.74
CA VAL D 52 17.65 1.24 18.34
C VAL D 52 16.68 2.41 18.18
N ASN D 53 17.16 3.62 18.41
CA ASN D 53 16.32 4.80 18.25
C ASN D 53 15.98 5.10 16.78
N SER D 54 16.91 4.80 15.88
CA SER D 54 16.70 5.08 14.46
C SER D 54 15.73 4.09 13.86
N ILE D 55 15.56 2.96 14.54
CA ILE D 55 14.60 1.96 14.10
C ILE D 55 13.20 2.34 14.59
N ILE D 56 13.11 2.88 15.80
CA ILE D 56 11.81 3.26 16.36
C ILE D 56 11.19 4.42 15.58
N ASP D 57 12.01 5.41 15.24
CA ASP D 57 11.50 6.60 14.55
C ASP D 57 11.28 6.43 13.05
N LYS D 58 11.85 5.38 12.45
CA LYS D 58 11.65 5.17 11.01
C LYS D 58 10.31 4.49 10.77
N MET D 59 9.60 4.19 11.86
CA MET D 59 8.27 3.60 11.81
C MET D 59 7.22 4.48 12.49
N ASN D 60 7.57 5.74 12.77
CA ASN D 60 6.64 6.65 13.46
C ASN D 60 5.49 7.06 12.54
N THR D 61 5.79 7.20 11.25
CA THR D 61 4.75 7.45 10.27
C THR D 61 4.54 6.12 9.54
N GLN D 62 3.36 5.56 9.75
CA GLN D 62 3.02 4.20 9.37
C GLN D 62 1.49 4.18 9.23
N PHE D 63 0.95 3.21 8.50
CA PHE D 63 -0.48 3.17 8.24
C PHE D 63 -1.34 2.95 9.48
N GLU D 64 -2.37 3.78 9.65
CA GLU D 64 -3.32 3.60 10.75
C GLU D 64 -4.71 3.24 10.23
N ALA D 65 -5.25 2.11 10.67
CA ALA D 65 -6.57 1.70 10.19
C ALA D 65 -7.66 2.49 10.89
N VAL D 66 -8.74 2.75 10.16
CA VAL D 66 -9.91 3.45 10.69
C VAL D 66 -11.15 2.60 10.39
N GLY D 67 -12.12 2.65 11.30
CA GLY D 67 -13.37 1.95 11.11
C GLY D 67 -14.23 2.64 10.04
N ARG D 68 -14.68 1.86 9.06
CA ARG D 68 -15.64 2.33 8.07
C ARG D 68 -16.77 1.33 7.96
N GLU D 69 -17.97 1.81 7.74
CA GLU D 69 -19.14 0.95 7.62
C GLU D 69 -19.75 1.08 6.22
N PHE D 70 -20.41 0.03 5.76
CA PHE D 70 -20.98 0.00 4.40
C PHE D 70 -22.30 -0.76 4.47
N ASN D 71 -23.29 -0.39 3.66
CA ASN D 71 -24.54 -1.15 3.72
C ASN D 71 -24.46 -2.40 2.83
N ASN D 72 -25.57 -3.14 2.75
CA ASN D 72 -25.59 -4.41 2.06
C ASN D 72 -25.37 -4.31 0.55
N LEU D 73 -25.55 -3.14 -0.06
CA LEU D 73 -25.26 -3.07 -1.50
C LEU D 73 -23.97 -2.32 -1.82
N GLU D 74 -23.03 -2.29 -0.88
CA GLU D 74 -21.74 -1.69 -1.10
C GLU D 74 -20.63 -2.71 -0.84
N ARG D 75 -20.88 -3.96 -1.23
CA ARG D 75 -19.93 -5.04 -0.93
C ARG D 75 -18.60 -4.82 -1.64
N ARG D 76 -18.67 -4.23 -2.81
CA ARG D 76 -17.49 -3.96 -3.57
C ARG D 76 -16.65 -2.92 -2.86
N ILE D 77 -17.22 -1.80 -2.39
CA ILE D 77 -16.31 -0.85 -1.73
C ILE D 77 -15.95 -1.32 -0.31
N GLU D 78 -16.83 -2.10 0.32
CA GLU D 78 -16.49 -2.76 1.58
C GLU D 78 -15.29 -3.71 1.43
N ASN D 79 -15.26 -4.47 0.34
CA ASN D 79 -14.16 -5.38 0.11
C ASN D 79 -12.87 -4.64 -0.20
N LEU D 80 -12.98 -3.59 -1.03
CA LEU D 80 -11.84 -2.79 -1.43
C LEU D 80 -11.18 -2.17 -0.20
N ASN D 81 -12.03 -1.66 0.69
CA ASN D 81 -11.58 -1.08 1.94
C ASN D 81 -10.85 -2.08 2.85
N LYS D 82 -11.32 -3.32 2.81
CA LYS D 82 -10.75 -4.37 3.65
C LYS D 82 -9.37 -4.76 3.10
N LYS D 83 -9.28 -4.96 1.78
CA LYS D 83 -8.00 -5.26 1.15
C LYS D 83 -7.00 -4.11 1.32
N MET D 84 -7.46 -2.87 1.22
CA MET D 84 -6.54 -1.77 1.35
C MET D 84 -5.90 -1.71 2.73
N GLU D 85 -6.66 -2.03 3.78
CA GLU D 85 -6.16 -1.90 5.14
C GLU D 85 -5.37 -3.13 5.56
N ASP D 86 -5.85 -4.31 5.16
CA ASP D 86 -5.09 -5.55 5.37
C ASP D 86 -3.76 -5.46 4.62
N GLY D 87 -3.79 -4.86 3.43
CA GLY D 87 -2.61 -4.70 2.59
C GLY D 87 -1.52 -3.85 3.21
N PHE D 88 -1.88 -2.68 3.71
CA PHE D 88 -0.90 -1.82 4.34
C PHE D 88 -0.38 -2.45 5.62
N LEU D 89 -1.24 -3.19 6.30
CA LEU D 89 -0.83 -3.84 7.51
C LEU D 89 0.22 -4.92 7.19
N ASP D 90 0.01 -5.70 6.14
CA ASP D 90 0.99 -6.73 5.78
C ASP D 90 2.33 -6.12 5.35
N VAL D 91 2.26 -5.02 4.60
CA VAL D 91 3.47 -4.32 4.21
C VAL D 91 4.26 -3.85 5.44
N TRP D 92 3.59 -3.21 6.40
CA TRP D 92 4.31 -2.65 7.54
C TRP D 92 4.79 -3.69 8.54
N THR D 93 4.14 -4.86 8.55
CA THR D 93 4.57 -5.96 9.38
C THR D 93 5.86 -6.55 8.80
N TYR D 94 5.88 -6.73 7.47
CA TYR D 94 7.09 -7.18 6.76
C TYR D 94 8.25 -6.20 7.01
N ASN D 95 7.98 -4.91 6.83
CA ASN D 95 9.02 -3.91 7.02
C ASN D 95 9.56 -3.95 8.45
N ALA D 96 8.74 -4.36 9.40
CA ALA D 96 9.16 -4.36 10.79
C ALA D 96 9.96 -5.61 11.10
N GLU D 97 9.46 -6.77 10.67
CA GLU D 97 10.13 -8.02 10.94
C GLU D 97 11.48 -8.09 10.22
N LEU D 98 11.52 -7.66 8.98
CA LEU D 98 12.71 -7.73 8.15
C LEU D 98 13.75 -6.72 8.60
N LEU D 99 13.32 -5.58 9.09
CA LEU D 99 14.26 -4.57 9.59
C LEU D 99 14.94 -5.05 10.86
N VAL D 100 14.19 -5.77 11.68
CA VAL D 100 14.71 -6.34 12.92
C VAL D 100 15.68 -7.48 12.64
N LEU D 101 15.25 -8.43 11.80
CA LEU D 101 16.08 -9.54 11.35
C LEU D 101 17.41 -9.06 10.73
N MET D 102 17.36 -7.97 9.96
CA MET D 102 18.53 -7.49 9.25
C MET D 102 19.46 -6.72 10.17
N GLU D 103 18.91 -6.06 11.17
CA GLU D 103 19.76 -5.29 12.08
C GLU D 103 20.29 -6.15 13.22
N ASN D 104 19.57 -7.22 13.58
CA ASN D 104 20.09 -8.18 14.54
C ASN D 104 21.36 -8.80 14.00
N GLU D 105 21.32 -9.18 12.72
CA GLU D 105 22.50 -9.70 12.06
C GLU D 105 23.68 -8.73 12.16
N ARG D 106 23.41 -7.46 11.93
CA ARG D 106 24.46 -6.47 11.83
C ARG D 106 24.92 -6.00 13.20
N THR D 107 24.12 -6.25 14.23
CA THR D 107 24.51 -5.95 15.60
C THR D 107 25.51 -6.98 16.16
N LEU D 108 25.26 -8.25 15.89
CA LEU D 108 26.14 -9.30 16.35
C LEU D 108 27.50 -9.23 15.67
N ASP D 109 27.52 -8.92 14.37
CA ASP D 109 28.79 -8.84 13.65
C ASP D 109 29.54 -7.54 13.96
N PHE D 110 28.83 -6.55 14.49
CA PHE D 110 29.43 -5.31 14.96
C PHE D 110 30.24 -5.62 16.19
N HIS D 111 29.72 -6.54 17.01
CA HIS D 111 30.39 -6.93 18.24
C HIS D 111 31.61 -7.73 17.89
N ASP D 112 31.48 -8.58 16.88
CA ASP D 112 32.56 -9.40 16.40
C ASP D 112 33.70 -8.51 15.92
N SER D 113 33.36 -7.45 15.20
CA SER D 113 34.31 -6.47 14.72
C SER D 113 35.02 -5.69 15.83
N ASN D 114 34.27 -5.38 16.88
CA ASN D 114 34.80 -4.54 17.94
C ASN D 114 35.81 -5.29 18.79
N VAL D 115 35.60 -6.61 18.89
CA VAL D 115 36.53 -7.46 19.62
C VAL D 115 37.80 -7.68 18.80
N LYS D 116 37.67 -7.98 17.51
CA LYS D 116 38.84 -8.18 16.64
C LYS D 116 39.69 -6.91 16.51
N ASN D 117 39.05 -5.75 16.38
CA ASN D 117 39.80 -4.50 16.27
C ASN D 117 40.50 -4.18 17.58
N LEU D 118 39.96 -4.67 18.68
CA LEU D 118 40.56 -4.46 19.99
C LEU D 118 41.76 -5.37 20.15
N TYR D 119 41.63 -6.57 19.60
CA TYR D 119 42.73 -7.51 19.54
C TYR D 119 43.90 -6.89 18.77
N ASP D 120 43.61 -6.32 17.59
CA ASP D 120 44.63 -5.70 16.75
C ASP D 120 45.18 -4.39 17.32
N LYS D 121 44.48 -3.84 18.31
CA LYS D 121 44.91 -2.59 18.92
C LYS D 121 46.09 -2.83 19.86
N VAL D 122 46.10 -4.01 20.50
CA VAL D 122 47.21 -4.39 21.37
C VAL D 122 48.27 -5.20 20.62
N ARG D 123 47.87 -6.00 19.62
CA ARG D 123 48.84 -6.76 18.83
C ARG D 123 49.85 -5.85 18.11
N LEU D 124 49.38 -4.70 17.64
CA LEU D 124 50.25 -3.78 16.91
C LEU D 124 51.03 -2.87 17.86
N GLN D 125 50.71 -2.93 19.15
CA GLN D 125 51.46 -2.19 20.18
C GLN D 125 52.63 -2.99 20.75
N LEU D 126 52.39 -4.27 21.00
CA LEU D 126 53.37 -5.14 21.62
C LEU D 126 54.37 -5.67 20.59
N ARG D 127 53.91 -5.97 19.38
CA ARG D 127 54.77 -6.52 18.32
C ARG D 127 55.54 -7.75 18.76
N ASP D 128 56.87 -7.64 18.81
CA ASP D 128 57.74 -8.75 19.18
C ASP D 128 58.14 -8.72 20.67
N ASN D 129 57.55 -7.82 21.44
CA ASN D 129 57.73 -7.81 22.89
C ASN D 129 56.77 -8.80 23.53
N ALA D 130 55.99 -9.49 22.69
CA ALA D 130 55.03 -10.49 23.12
C ALA D 130 54.77 -11.54 22.04
N LYS D 131 54.33 -12.69 22.48
CA LYS D 131 54.03 -13.83 21.61
C LYS D 131 52.52 -14.01 21.47
N GLU D 132 52.01 -14.03 20.23
CA GLU D 132 50.59 -14.32 20.05
C GLU D 132 50.40 -15.80 20.29
N LEU D 133 49.65 -16.15 21.33
CA LEU D 133 49.39 -17.56 21.57
C LEU D 133 48.39 -18.08 20.55
N GLY D 134 47.54 -17.20 20.02
CA GLY D 134 46.60 -17.57 18.97
C GLY D 134 45.21 -17.88 19.52
N ASN D 135 45.01 -17.51 20.78
CA ASN D 135 43.72 -17.72 21.43
C ASN D 135 43.17 -16.41 22.00
N GLY D 136 43.79 -15.31 21.62
CA GLY D 136 43.33 -14.01 22.07
C GLY D 136 44.25 -13.48 23.15
N CYS D 137 45.28 -14.27 23.43
CA CYS D 137 46.20 -13.97 24.51
C CYS D 137 47.60 -13.62 24.01
N PHE D 138 48.30 -12.80 24.79
CA PHE D 138 49.69 -12.45 24.52
C PHE D 138 50.60 -12.71 25.74
N GLU D 139 51.58 -13.60 25.59
CA GLU D 139 52.61 -13.83 26.61
C GLU D 139 53.80 -12.89 26.40
N PHE D 140 54.05 -12.03 27.38
CA PHE D 140 55.11 -11.03 27.26
C PHE D 140 56.50 -11.66 27.22
N TYR D 141 57.46 -10.94 26.64
CA TYR D 141 58.85 -11.38 26.57
C TYR D 141 59.62 -10.61 27.63
N HIS D 142 58.87 -10.15 28.63
CA HIS D 142 59.45 -9.44 29.74
C HIS D 142 58.50 -9.48 30.92
N ARG D 143 58.85 -8.73 31.96
CA ARG D 143 58.09 -8.76 33.19
C ARG D 143 57.14 -7.57 33.14
N CYS D 144 55.87 -7.80 33.47
CA CYS D 144 54.84 -6.80 33.28
C CYS D 144 53.94 -6.63 34.48
N ASP D 145 54.19 -5.57 35.25
CA ASP D 145 53.43 -5.30 36.47
C ASP D 145 52.09 -4.64 36.15
N ASN D 146 51.54 -3.94 37.15
CA ASN D 146 50.25 -3.28 36.99
C ASN D 146 50.39 -1.78 36.73
N GLU D 147 51.30 -1.43 35.83
CA GLU D 147 51.35 -0.08 35.26
C GLU D 147 51.82 -0.30 33.84
N CYS D 148 52.44 -1.47 33.65
CA CYS D 148 52.67 -2.02 32.33
C CYS D 148 51.34 -2.50 31.74
N MET D 149 50.55 -3.22 32.54
CA MET D 149 49.26 -3.69 32.05
C MET D 149 48.33 -2.54 31.66
N GLU D 150 48.26 -1.50 32.49
CA GLU D 150 47.43 -0.36 32.12
C GLU D 150 47.98 0.36 30.87
N SER D 151 49.30 0.36 30.70
CA SER D 151 49.91 1.08 29.60
C SER D 151 49.47 0.57 28.22
N VAL D 152 49.13 -0.72 28.14
CA VAL D 152 48.69 -1.30 26.87
C VAL D 152 47.18 -1.06 26.67
N ARG D 153 46.47 -0.85 27.78
CA ARG D 153 45.04 -0.56 27.78
C ARG D 153 44.69 0.86 27.31
N ASN D 154 45.65 1.78 27.42
CA ASN D 154 45.46 3.18 27.04
C ASN D 154 46.18 3.54 25.76
N GLY D 155 46.86 2.55 25.19
CA GLY D 155 47.63 2.78 23.99
C GLY D 155 48.80 3.68 24.30
N THR D 156 49.40 3.47 25.46
CA THR D 156 50.55 4.27 25.89
C THR D 156 51.80 3.40 26.00
N TYR D 157 51.63 2.10 25.72
CA TYR D 157 52.71 1.12 25.76
C TYR D 157 53.94 1.55 24.94
N ASP D 158 55.04 1.85 25.64
CA ASP D 158 56.28 2.23 24.96
C ASP D 158 57.10 1.01 24.56
N TYR D 159 57.21 0.81 23.25
CA TYR D 159 57.90 -0.35 22.69
C TYR D 159 59.41 -0.31 22.93
N PRO D 160 60.11 0.74 22.45
CA PRO D 160 61.57 0.68 22.61
C PRO D 160 62.02 0.81 24.07
N GLN D 161 61.10 1.21 24.95
CA GLN D 161 61.43 1.41 26.36
C GLN D 161 61.89 0.14 27.05
N TYR D 162 61.49 -1.01 26.52
CA TYR D 162 61.88 -2.31 27.09
C TYR D 162 62.11 -3.40 26.05
N SER D 163 62.37 -2.98 24.81
CA SER D 163 62.60 -3.92 23.71
C SER D 163 63.81 -4.81 23.99
N GLU D 164 64.85 -4.23 24.60
CA GLU D 164 66.09 -4.95 24.88
C GLU D 164 65.86 -6.00 25.94
N GLU D 165 65.16 -5.62 27.01
CA GLU D 165 64.75 -6.58 28.03
C GLU D 165 64.07 -7.78 27.36
N ALA D 166 63.21 -7.48 26.39
CA ALA D 166 62.53 -8.49 25.59
C ALA D 166 63.42 -9.21 24.56
N ARG D 167 64.29 -8.47 23.86
CA ARG D 167 65.16 -9.07 22.83
C ARG D 167 66.08 -10.16 23.40
N LEU D 168 66.67 -9.91 24.57
CA LEU D 168 67.50 -10.88 25.26
C LEU D 168 66.73 -12.15 25.65
N LYS D 169 65.46 -11.97 26.04
CA LYS D 169 64.59 -13.07 26.48
C LYS D 169 64.23 -14.01 25.34
N ARG D 170 64.05 -13.44 24.15
CA ARG D 170 63.82 -14.24 22.96
C ARG D 170 65.06 -15.03 22.59
N GLU D 171 66.21 -14.40 22.74
CA GLU D 171 67.47 -15.05 22.44
C GLU D 171 67.80 -16.07 23.54
N GLU D 172 67.28 -15.83 24.74
CA GLU D 172 67.44 -16.81 25.81
C GLU D 172 66.65 -18.06 25.44
N ILE D 173 65.49 -17.86 24.81
CA ILE D 173 64.68 -18.97 24.31
C ILE D 173 65.32 -19.47 23.00
N SER D 174 65.99 -18.57 22.31
CA SER D 174 66.63 -18.87 21.03
C SER D 174 68.05 -19.40 21.22
N GLY D 175 68.25 -20.17 22.28
CA GLY D 175 69.55 -20.76 22.55
C GLY D 175 69.47 -22.24 22.83
N ASP E 2 70.06 3.56 11.42
CA ASP E 2 69.27 4.69 10.94
C ASP E 2 67.99 4.23 10.27
N PRO E 3 66.83 4.79 10.70
CA PRO E 3 65.59 4.57 9.96
C PRO E 3 65.72 4.85 8.44
N GLY E 4 65.27 3.90 7.65
CA GLY E 4 65.46 3.93 6.21
C GLY E 4 64.27 4.33 5.38
N ASP E 5 64.16 3.71 4.21
CA ASP E 5 63.11 4.02 3.27
C ASP E 5 61.82 3.37 3.72
N GLN E 6 60.71 4.08 3.57
CA GLN E 6 59.43 3.57 4.01
C GLN E 6 58.31 3.87 3.01
N ILE E 7 57.36 2.94 2.93
CA ILE E 7 56.16 3.12 2.13
C ILE E 7 54.97 3.00 3.08
N CYS E 8 54.02 3.92 2.92
CA CYS E 8 52.85 4.00 3.78
C CYS E 8 51.54 3.94 2.99
N ILE E 9 50.52 3.35 3.60
CA ILE E 9 49.20 3.24 2.98
C ILE E 9 48.19 4.15 3.67
N GLY E 10 47.46 4.90 2.87
CA GLY E 10 46.52 5.87 3.40
C GLY E 10 45.40 6.13 2.41
N TYR E 11 44.50 7.03 2.79
CA TYR E 11 43.32 7.29 2.00
C TYR E 11 43.11 8.78 1.80
N HIS E 12 42.22 9.12 0.88
CA HIS E 12 41.96 10.50 0.51
C HIS E 12 41.33 11.25 1.69
N ALA E 13 41.57 12.56 1.75
CA ALA E 13 40.86 13.45 2.65
C ALA E 13 40.83 14.85 2.03
N ASN E 14 39.86 15.66 2.42
CA ASN E 14 39.76 17.03 1.90
C ASN E 14 39.03 17.99 2.85
N ASN E 15 38.61 19.13 2.33
CA ASN E 15 38.03 20.20 3.14
C ASN E 15 36.51 20.18 3.11
N SER E 16 35.96 19.09 2.58
CA SER E 16 34.52 18.96 2.42
C SER E 16 33.77 19.02 3.75
N THR E 17 32.53 19.49 3.70
CA THR E 17 31.76 19.71 4.89
C THR E 17 30.45 18.91 4.81
N GLU E 18 30.22 18.30 3.66
CA GLU E 18 29.01 17.54 3.39
C GLU E 18 28.85 16.36 4.33
N GLN E 19 27.68 16.27 4.97
CA GLN E 19 27.42 15.20 5.93
C GLN E 19 26.42 14.18 5.38
N VAL E 20 26.39 13.01 5.99
CA VAL E 20 25.58 11.91 5.50
C VAL E 20 25.08 11.13 6.72
N ASP E 21 23.88 10.55 6.64
CA ASP E 21 23.34 9.80 7.76
C ASP E 21 23.48 8.30 7.55
N THR E 22 23.56 7.58 8.66
CA THR E 22 23.75 6.14 8.65
C THR E 22 22.87 5.57 9.76
N ILE E 23 22.68 4.27 9.80
CA ILE E 23 21.83 3.69 10.82
C ILE E 23 22.35 4.01 12.25
N MET E 24 23.64 3.80 12.49
CA MET E 24 24.20 3.94 13.84
C MET E 24 24.74 5.33 14.18
N GLU E 25 24.96 6.16 13.17
CA GLU E 25 25.59 7.46 13.37
C GLU E 25 25.07 8.52 12.40
N LYS E 26 24.76 9.71 12.93
CA LYS E 26 24.25 10.82 12.13
C LYS E 26 25.33 11.85 11.84
N ASN E 27 25.12 12.62 10.78
CA ASN E 27 26.00 13.73 10.43
C ASN E 27 27.47 13.30 10.29
N VAL E 28 27.69 12.19 9.62
CA VAL E 28 29.04 11.70 9.38
C VAL E 28 29.58 12.48 8.20
N THR E 29 30.65 13.22 8.42
CA THR E 29 31.24 14.02 7.35
C THR E 29 31.99 13.12 6.36
N VAL E 30 31.79 13.35 5.07
CA VAL E 30 32.33 12.47 4.03
C VAL E 30 33.01 13.27 2.91
N THR E 31 33.93 12.64 2.20
CA THR E 31 34.69 13.33 1.16
C THR E 31 33.85 13.71 -0.06
N HIS E 32 33.02 12.77 -0.50
CA HIS E 32 32.16 12.99 -1.65
C HIS E 32 30.77 12.40 -1.43
N ALA E 33 29.76 13.24 -1.64
CA ALA E 33 28.36 12.83 -1.50
C ALA E 33 27.54 13.33 -2.68
N GLN E 34 26.45 12.64 -2.97
CA GLN E 34 25.55 12.99 -4.07
C GLN E 34 24.11 13.20 -3.57
N ASP E 35 23.58 14.41 -3.79
CA ASP E 35 22.21 14.74 -3.43
C ASP E 35 21.26 14.16 -4.48
N ILE E 36 20.19 13.53 -4.03
CA ILE E 36 19.27 12.91 -4.97
C ILE E 36 17.84 13.43 -4.79
N LEU E 37 17.68 14.51 -4.02
CA LEU E 37 16.35 15.03 -3.73
C LEU E 37 16.19 16.47 -4.26
N GLU E 38 15.41 16.62 -5.34
CA GLU E 38 15.10 17.94 -5.86
C GLU E 38 14.14 18.66 -4.91
N LYS E 39 14.47 19.89 -4.55
CA LYS E 39 13.69 20.61 -3.55
C LYS E 39 13.25 21.98 -4.05
N THR E 40 13.42 22.26 -5.34
CA THR E 40 13.14 23.62 -5.83
C THR E 40 12.20 23.68 -7.02
N HIS E 41 11.34 24.69 -7.04
CA HIS E 41 10.42 24.87 -8.17
C HIS E 41 10.28 26.34 -8.54
N ASN E 42 9.82 26.61 -9.75
CA ASN E 42 9.82 27.98 -10.22
C ASN E 42 8.61 28.82 -9.80
N GLY E 43 7.60 28.18 -9.21
CA GLY E 43 6.44 28.90 -8.69
C GLY E 43 5.46 29.43 -9.75
N LYS E 44 5.51 28.86 -10.95
CA LYS E 44 4.62 29.29 -12.04
C LYS E 44 3.99 28.09 -12.75
N LEU E 45 2.86 28.32 -13.44
CA LEU E 45 2.26 27.32 -14.34
C LEU E 45 2.72 27.51 -15.76
N CYS E 46 3.32 26.47 -16.32
CA CYS E 46 4.00 26.55 -17.62
C CYS E 46 3.37 25.61 -18.62
N ASN E 47 3.86 25.64 -19.85
CA ASN E 47 3.41 24.68 -20.84
C ASN E 47 4.01 23.32 -20.52
N LEU E 48 3.36 22.26 -20.97
CA LEU E 48 3.89 20.93 -20.78
C LEU E 48 4.36 20.40 -22.10
N ASP E 49 5.67 20.14 -22.20
CA ASP E 49 6.39 20.11 -23.48
C ASP E 49 5.94 21.39 -24.23
N GLY E 50 5.36 21.33 -25.42
CA GLY E 50 5.00 22.59 -26.04
C GLY E 50 3.59 23.07 -25.78
N VAL E 51 2.84 22.30 -25.01
CA VAL E 51 1.39 22.46 -25.01
C VAL E 51 0.92 23.25 -23.81
N LYS E 52 0.15 24.29 -24.07
CA LYS E 52 -0.34 25.16 -23.02
C LYS E 52 -1.50 24.52 -22.21
N PRO E 53 -1.50 24.74 -20.90
CA PRO E 53 -2.69 24.31 -20.18
C PRO E 53 -3.93 25.16 -20.50
N LEU E 54 -5.11 24.60 -20.27
CA LEU E 54 -6.38 25.34 -20.24
C LEU E 54 -6.48 25.94 -18.87
N ILE E 55 -6.34 27.26 -18.78
CA ILE E 55 -6.38 27.92 -17.50
C ILE E 55 -7.73 28.60 -17.36
N LEU E 56 -8.59 28.02 -16.53
CA LEU E 56 -9.87 28.66 -16.24
C LEU E 56 -9.54 29.76 -15.26
N ARG E 57 -10.17 30.92 -15.37
CA ARG E 57 -9.73 31.98 -14.45
C ARG E 57 -10.48 31.83 -13.15
N ASP E 58 -11.59 32.56 -13.05
CA ASP E 58 -12.54 32.39 -11.98
C ASP E 58 -13.68 31.57 -12.52
N CYS E 59 -13.42 30.79 -13.57
CA CYS E 59 -14.49 29.93 -14.07
C CYS E 59 -14.23 28.48 -13.64
N SER E 60 -15.30 27.79 -13.29
CA SER E 60 -15.23 26.38 -12.95
C SER E 60 -15.55 25.52 -14.17
N VAL E 61 -15.29 24.22 -14.07
CA VAL E 61 -15.61 23.31 -15.15
C VAL E 61 -17.10 23.40 -15.53
N ALA E 62 -18.00 23.53 -14.56
CA ALA E 62 -19.41 23.67 -14.93
C ALA E 62 -19.64 25.00 -15.68
N GLY E 63 -19.03 26.10 -15.22
CA GLY E 63 -19.24 27.37 -15.89
C GLY E 63 -18.80 27.31 -17.34
N TRP E 64 -17.64 26.70 -17.55
CA TRP E 64 -17.16 26.52 -18.89
C TRP E 64 -18.11 25.64 -19.70
N LEU E 65 -18.41 24.43 -19.21
CA LEU E 65 -19.13 23.49 -20.07
C LEU E 65 -20.55 23.95 -20.32
N LEU E 66 -21.21 24.48 -19.30
CA LEU E 66 -22.58 24.93 -19.46
C LEU E 66 -22.67 26.26 -20.20
N GLY E 67 -21.60 27.07 -20.17
CA GLY E 67 -21.64 28.31 -20.89
C GLY E 67 -22.18 29.44 -20.03
N ASN E 68 -21.66 29.52 -18.81
CA ASN E 68 -21.86 30.69 -18.01
C ASN E 68 -21.49 31.90 -18.85
N PRO E 69 -22.38 32.90 -18.93
CA PRO E 69 -22.09 34.09 -19.75
C PRO E 69 -20.80 34.82 -19.34
N MET E 70 -20.38 34.64 -18.09
CA MET E 70 -19.15 35.22 -17.56
C MET E 70 -17.89 34.40 -17.90
N CYS E 71 -18.04 33.36 -18.71
CA CYS E 71 -16.93 32.50 -19.04
C CYS E 71 -16.75 32.41 -20.54
N ASP E 72 -17.19 33.44 -21.26
CA ASP E 72 -17.22 33.39 -22.72
C ASP E 72 -15.81 33.28 -23.27
N GLU E 73 -14.81 33.54 -22.41
CA GLU E 73 -13.39 33.35 -22.77
C GLU E 73 -13.16 31.91 -23.29
N PHE E 74 -14.02 31.00 -22.86
CA PHE E 74 -13.79 29.59 -23.14
C PHE E 74 -14.82 28.98 -24.08
N LEU E 75 -15.46 29.82 -24.90
CA LEU E 75 -16.49 29.33 -25.81
C LEU E 75 -15.93 28.29 -26.76
N ASN E 76 -14.66 28.43 -27.15
CA ASN E 76 -14.01 27.44 -28.05
C ASN E 76 -12.52 27.31 -27.77
N VAL E 77 -12.16 26.43 -26.84
CA VAL E 77 -10.78 26.35 -26.41
C VAL E 77 -9.99 25.42 -27.34
N PRO E 78 -8.71 25.72 -27.52
CA PRO E 78 -7.82 24.85 -28.29
C PRO E 78 -7.39 23.67 -27.43
N GLU E 79 -6.72 22.69 -28.04
CA GLU E 79 -6.13 21.58 -27.34
C GLU E 79 -5.32 22.05 -26.13
N TRP E 80 -5.46 21.36 -25.00
CA TRP E 80 -4.75 21.72 -23.77
C TRP E 80 -3.86 20.56 -23.28
N SER E 81 -2.95 20.86 -22.37
CA SER E 81 -2.09 19.83 -21.81
C SER E 81 -2.60 19.36 -20.44
N TYR E 82 -3.18 20.29 -19.68
CA TYR E 82 -3.89 20.02 -18.42
C TYR E 82 -4.86 21.17 -18.12
N ILE E 83 -5.75 21.00 -17.15
CA ILE E 83 -6.72 22.04 -16.81
C ILE E 83 -6.37 22.61 -15.46
N VAL E 84 -6.43 23.94 -15.34
CA VAL E 84 -6.22 24.59 -14.05
C VAL E 84 -7.49 25.29 -13.62
N GLU E 85 -7.93 24.99 -12.41
CA GLU E 85 -9.16 25.51 -11.86
C GLU E 85 -8.80 25.94 -10.43
N LYS E 86 -9.41 27.02 -9.94
CA LYS E 86 -9.21 27.46 -8.55
C LYS E 86 -10.09 26.65 -7.59
N ILE E 87 -9.79 26.75 -6.30
CA ILE E 87 -10.49 26.02 -5.23
C ILE E 87 -11.95 26.44 -5.04
N ASN E 88 -12.20 27.74 -5.14
CA ASN E 88 -13.55 28.25 -5.01
C ASN E 88 -13.86 29.22 -6.13
N PRO E 89 -14.05 28.70 -7.35
CA PRO E 89 -14.26 29.50 -8.56
C PRO E 89 -15.46 30.40 -8.45
N ALA E 90 -15.37 31.61 -9.00
CA ALA E 90 -16.43 32.59 -8.80
C ALA E 90 -17.55 32.42 -9.80
N ASN E 91 -17.20 31.99 -10.99
CA ASN E 91 -18.20 31.83 -12.03
C ASN E 91 -18.47 30.35 -12.31
N ASP E 92 -19.44 29.81 -11.58
CA ASP E 92 -19.78 28.40 -11.61
C ASP E 92 -21.21 28.27 -12.18
N LEU E 93 -22.12 27.67 -11.42
CA LEU E 93 -23.50 27.72 -11.87
C LEU E 93 -24.05 29.09 -11.49
N CYS E 94 -24.29 29.93 -12.50
CA CYS E 94 -24.81 31.26 -12.26
C CYS E 94 -26.24 31.16 -11.66
N TYR E 95 -27.15 30.43 -12.32
CA TYR E 95 -28.44 30.09 -11.72
C TYR E 95 -28.25 28.98 -10.65
N PRO E 96 -28.87 29.12 -9.48
CA PRO E 96 -28.56 28.11 -8.48
C PRO E 96 -29.07 26.72 -8.83
N GLY E 97 -28.36 25.72 -8.35
CA GLY E 97 -28.78 24.35 -8.60
C GLY E 97 -27.57 23.44 -8.53
N ASN E 98 -27.62 22.34 -9.26
CA ASN E 98 -26.51 21.41 -9.21
C ASN E 98 -26.27 20.69 -10.54
N PHE E 99 -25.07 20.10 -10.64
CA PHE E 99 -24.65 19.37 -11.83
C PHE E 99 -24.61 17.86 -11.53
N ASN E 100 -25.52 17.12 -12.16
CA ASN E 100 -25.60 15.68 -11.90
C ASN E 100 -24.35 14.92 -12.34
N ASP E 101 -23.88 14.01 -11.46
CA ASP E 101 -22.65 13.24 -11.67
C ASP E 101 -21.48 14.13 -12.05
N TYR E 102 -21.34 15.24 -11.32
CA TYR E 102 -20.34 16.21 -11.62
C TYR E 102 -18.92 15.59 -11.53
N GLU E 103 -18.67 14.83 -10.47
CA GLU E 103 -17.34 14.30 -10.26
C GLU E 103 -17.02 13.21 -11.29
N GLU E 104 -18.00 12.43 -11.71
CA GLU E 104 -17.73 11.46 -12.77
C GLU E 104 -17.46 12.20 -14.07
N LEU E 105 -18.11 13.34 -14.29
CA LEU E 105 -17.81 14.15 -15.49
C LEU E 105 -16.40 14.70 -15.45
N LYS E 106 -16.02 15.25 -14.29
CA LYS E 106 -14.69 15.85 -14.18
C LYS E 106 -13.61 14.79 -14.41
N HIS E 107 -13.90 13.56 -13.99
CA HIS E 107 -12.94 12.49 -14.16
C HIS E 107 -12.76 12.08 -15.64
N LEU E 108 -13.85 12.13 -16.41
CA LEU E 108 -13.85 11.90 -17.85
C LEU E 108 -13.00 12.98 -18.57
N LEU E 109 -13.09 14.18 -18.02
CA LEU E 109 -12.40 15.33 -18.56
C LEU E 109 -10.88 15.16 -18.42
N SER E 110 -10.44 14.45 -17.38
CA SER E 110 -9.03 14.20 -17.15
C SER E 110 -8.46 13.15 -18.12
N ARG E 111 -9.34 12.61 -18.94
CA ARG E 111 -8.83 11.75 -19.97
C ARG E 111 -8.99 12.42 -21.34
N ILE E 112 -9.25 13.73 -21.35
CA ILE E 112 -9.52 14.45 -22.58
C ILE E 112 -8.63 15.69 -22.77
N ASN E 113 -8.06 15.83 -23.97
CA ASN E 113 -7.17 16.96 -24.26
C ASN E 113 -7.80 17.99 -25.20
N HIS E 114 -8.88 17.63 -25.90
CA HIS E 114 -9.48 18.60 -26.80
C HIS E 114 -10.97 18.35 -27.12
N PHE E 115 -11.75 19.43 -26.93
CA PHE E 115 -13.16 19.46 -27.32
C PHE E 115 -13.35 20.30 -28.56
N GLU E 116 -14.34 19.95 -29.36
CA GLU E 116 -14.80 20.86 -30.39
C GLU E 116 -16.29 21.09 -30.29
N LYS E 117 -16.68 22.34 -30.01
CA LYS E 117 -18.08 22.67 -29.81
C LYS E 117 -18.83 22.71 -31.12
N ILE E 118 -19.97 22.03 -31.17
CA ILE E 118 -20.82 22.14 -32.35
C ILE E 118 -22.23 22.48 -31.91
N GLN E 119 -22.96 23.13 -32.81
CA GLN E 119 -24.32 23.51 -32.48
C GLN E 119 -25.24 22.42 -32.94
N ILE E 120 -26.07 21.88 -32.05
CA ILE E 120 -26.93 20.79 -32.48
C ILE E 120 -28.41 21.17 -32.51
N THR E 121 -28.76 22.31 -31.92
CA THR E 121 -30.09 22.89 -32.08
C THR E 121 -30.01 24.39 -32.20
N PRO E 122 -30.31 24.91 -33.40
CA PRO E 122 -30.39 26.35 -33.68
C PRO E 122 -31.56 27.00 -32.90
N LYS E 123 -31.34 28.14 -32.23
CA LYS E 123 -32.35 28.81 -31.38
C LYS E 123 -33.64 29.16 -32.13
N ASN E 124 -33.51 29.25 -33.46
CA ASN E 124 -34.63 29.55 -34.34
C ASN E 124 -35.28 28.28 -34.87
N SER E 125 -35.25 27.21 -34.09
CA SER E 125 -35.93 25.99 -34.48
C SER E 125 -37.07 25.69 -33.48
N TRP E 126 -37.22 26.57 -32.49
CA TRP E 126 -38.33 26.46 -31.57
C TRP E 126 -39.42 27.43 -32.00
N SER E 127 -40.35 26.94 -32.82
CA SER E 127 -41.35 27.82 -33.40
C SER E 127 -42.67 27.82 -32.62
N ASP E 128 -42.84 26.89 -31.68
CA ASP E 128 -44.05 26.83 -30.86
C ASP E 128 -43.76 27.07 -29.39
N HIS E 129 -42.53 27.51 -29.10
CA HIS E 129 -42.14 27.84 -27.75
C HIS E 129 -41.32 29.09 -27.80
N GLU E 130 -41.26 29.75 -26.65
CA GLU E 130 -40.39 30.89 -26.49
C GLU E 130 -39.02 30.36 -26.08
N ALA E 131 -37.99 30.74 -26.81
CA ALA E 131 -36.66 30.18 -26.55
C ALA E 131 -35.70 31.24 -26.01
N SER E 132 -36.17 32.01 -25.04
CA SER E 132 -35.46 33.19 -24.60
C SER E 132 -35.36 33.33 -23.07
N GLY E 133 -35.46 32.23 -22.34
CA GLY E 133 -35.35 32.32 -20.91
C GLY E 133 -34.03 32.93 -20.45
N VAL E 134 -34.13 33.81 -19.46
CA VAL E 134 -32.99 34.59 -18.97
C VAL E 134 -33.25 34.84 -17.50
N SER E 135 -32.22 35.26 -16.78
CA SER E 135 -32.27 35.44 -15.35
C SER E 135 -31.30 36.50 -14.88
N SER E 136 -31.71 37.24 -13.86
CA SER E 136 -30.84 38.28 -13.30
C SER E 136 -29.63 37.69 -12.55
N ALA E 137 -29.64 36.37 -12.30
CA ALA E 137 -28.51 35.69 -11.67
C ALA E 137 -27.40 35.33 -12.69
N CYS E 138 -27.74 35.40 -13.98
CA CYS E 138 -26.76 35.14 -15.03
C CYS E 138 -26.58 36.34 -15.91
N PRO E 139 -25.99 37.42 -15.37
CA PRO E 139 -25.82 38.64 -16.18
C PRO E 139 -24.73 38.49 -17.23
N TYR E 140 -24.91 39.19 -18.34
CA TYR E 140 -23.91 39.16 -19.38
C TYR E 140 -23.27 40.51 -19.54
N GLN E 141 -24.00 41.47 -20.07
CA GLN E 141 -23.35 42.79 -20.17
C GLN E 141 -24.23 43.85 -19.59
N GLY E 142 -24.49 43.74 -18.28
CA GLY E 142 -25.41 44.61 -17.59
C GLY E 142 -26.86 44.17 -17.80
N ARG E 143 -27.06 43.08 -18.52
CA ARG E 143 -28.43 42.62 -18.70
C ARG E 143 -28.59 41.15 -18.26
N SER E 144 -29.82 40.69 -18.18
CA SER E 144 -30.07 39.32 -17.84
C SER E 144 -29.80 38.38 -19.04
N SER E 145 -29.03 37.32 -18.80
CA SER E 145 -28.88 36.30 -19.83
C SER E 145 -29.03 34.95 -19.12
N PHE E 146 -28.34 33.95 -19.69
CA PHE E 146 -28.46 32.56 -19.30
C PHE E 146 -27.26 31.79 -19.84
N PHE E 147 -27.12 30.52 -19.46
CA PHE E 147 -26.07 29.67 -20.03
C PHE E 147 -26.15 29.66 -21.57
N ARG E 148 -25.01 29.54 -22.24
CA ARG E 148 -25.01 29.65 -23.69
C ARG E 148 -25.22 28.33 -24.40
N ASN E 149 -24.91 27.24 -23.72
CA ASN E 149 -24.88 25.96 -24.40
C ASN E 149 -26.17 25.19 -24.21
N VAL E 150 -27.04 25.75 -23.37
CA VAL E 150 -28.38 25.20 -23.20
C VAL E 150 -29.33 26.34 -23.35
N VAL E 151 -30.56 26.02 -23.75
CA VAL E 151 -31.58 27.04 -23.93
C VAL E 151 -32.80 26.81 -23.02
N TRP E 152 -33.22 27.87 -22.33
CA TRP E 152 -34.40 27.85 -21.46
C TRP E 152 -35.70 28.14 -22.19
N LEU E 153 -36.46 27.11 -22.54
CA LEU E 153 -37.72 27.27 -23.29
C LEU E 153 -38.90 27.59 -22.34
N THR E 154 -39.79 28.48 -22.77
CA THR E 154 -41.01 28.79 -22.00
C THR E 154 -42.22 28.74 -22.92
N LYS E 155 -43.42 28.98 -22.38
CA LYS E 155 -44.64 28.87 -23.19
C LYS E 155 -44.71 30.07 -24.14
N LYS E 156 -45.34 29.85 -25.30
CA LYS E 156 -45.54 30.90 -26.29
C LYS E 156 -47.03 31.08 -26.52
N ASP E 157 -47.48 32.34 -26.55
CA ASP E 157 -48.90 32.69 -26.40
C ASP E 157 -49.32 32.23 -25.01
N ASN E 158 -50.23 31.26 -24.92
CA ASN E 158 -50.47 30.65 -23.60
C ASN E 158 -50.50 29.14 -23.72
N ALA E 159 -49.54 28.59 -24.46
CA ALA E 159 -49.50 27.15 -24.68
C ALA E 159 -48.08 26.59 -24.65
N TYR E 160 -47.96 25.32 -24.27
CA TYR E 160 -46.68 24.61 -24.34
C TYR E 160 -46.89 23.24 -24.97
N PRO E 161 -46.90 23.17 -26.31
CA PRO E 161 -47.07 21.88 -26.96
C PRO E 161 -45.97 20.90 -26.55
N THR E 162 -46.27 19.61 -26.59
CA THR E 162 -45.27 18.62 -26.23
C THR E 162 -44.14 18.66 -27.26
N ILE E 163 -42.91 18.78 -26.76
CA ILE E 163 -41.73 18.79 -27.61
C ILE E 163 -41.30 17.37 -27.84
N LYS E 164 -41.22 16.96 -29.10
CA LYS E 164 -40.68 15.65 -29.44
C LYS E 164 -39.55 15.89 -30.41
N ARG E 165 -38.34 15.89 -29.86
CA ARG E 165 -37.17 16.19 -30.65
C ARG E 165 -36.10 15.10 -30.55
N SER E 166 -35.47 14.79 -31.68
CA SER E 166 -34.44 13.75 -31.69
C SER E 166 -33.22 14.31 -32.43
N TYR E 167 -32.03 13.89 -32.02
CA TYR E 167 -30.80 14.32 -32.66
C TYR E 167 -29.89 13.12 -32.90
N ASN E 168 -29.41 12.99 -34.12
CA ASN E 168 -28.57 11.84 -34.44
C ASN E 168 -27.10 12.24 -34.53
N ASN E 169 -26.24 11.61 -33.72
CA ASN E 169 -24.82 11.95 -33.80
C ASN E 169 -24.19 11.39 -35.06
N THR E 170 -24.30 12.16 -36.15
CA THR E 170 -23.75 11.76 -37.45
C THR E 170 -22.24 12.01 -37.60
N ASN E 171 -21.62 12.56 -36.56
CA ASN E 171 -20.17 12.76 -36.51
C ASN E 171 -19.45 11.46 -36.24
N GLN E 172 -18.13 11.49 -36.41
CA GLN E 172 -17.29 10.34 -36.10
C GLN E 172 -16.99 10.32 -34.60
N GLU E 173 -16.87 11.50 -34.02
CA GLU E 173 -16.49 11.56 -32.63
C GLU E 173 -17.71 11.40 -31.70
N ASP E 174 -17.46 10.89 -30.50
CA ASP E 174 -18.48 10.82 -29.46
C ASP E 174 -18.84 12.24 -29.06
N LEU E 175 -20.07 12.41 -28.60
CA LEU E 175 -20.59 13.73 -28.24
C LEU E 175 -20.93 13.85 -26.76
N LEU E 176 -20.40 14.90 -26.11
CA LEU E 176 -20.87 15.30 -24.78
C LEU E 176 -22.03 16.30 -24.89
N VAL E 177 -23.20 15.83 -24.50
CA VAL E 177 -24.43 16.59 -24.63
C VAL E 177 -24.96 16.97 -23.23
N LEU E 178 -25.37 18.22 -23.05
CA LEU E 178 -25.79 18.70 -21.73
C LEU E 178 -27.24 19.12 -21.78
N TRP E 179 -27.97 18.94 -20.68
CA TRP E 179 -29.32 19.47 -20.59
C TRP E 179 -29.77 19.66 -19.15
N GLY E 180 -30.99 20.18 -19.01
CA GLY E 180 -31.48 20.56 -17.72
C GLY E 180 -32.98 20.47 -17.52
N ILE E 181 -33.36 20.67 -16.26
CA ILE E 181 -34.75 20.75 -15.83
C ILE E 181 -34.88 21.87 -14.79
N HIS E 182 -35.97 22.62 -14.86
CA HIS E 182 -36.16 23.72 -13.93
C HIS E 182 -37.11 23.32 -12.82
N HIS E 183 -36.68 23.52 -11.57
CA HIS E 183 -37.57 23.29 -10.42
C HIS E 183 -38.02 24.63 -9.90
N PRO E 184 -39.27 25.02 -10.19
CA PRO E 184 -39.88 26.26 -9.68
C PRO E 184 -40.26 26.21 -8.18
N ASN E 185 -40.78 27.33 -7.68
CA ASN E 185 -41.16 27.44 -6.26
C ASN E 185 -42.62 27.19 -5.93
N ASP E 186 -43.52 27.32 -6.89
CA ASP E 186 -44.95 27.17 -6.60
C ASP E 186 -45.76 26.93 -7.85
N ALA E 187 -47.01 26.52 -7.69
CA ALA E 187 -47.82 26.17 -8.85
C ALA E 187 -48.09 27.37 -9.75
N THR E 188 -48.06 28.58 -9.18
CA THR E 188 -48.36 29.77 -9.98
C THR E 188 -47.26 30.06 -10.98
N GLU E 189 -46.02 30.02 -10.47
CA GLU E 189 -44.85 30.22 -11.31
C GLU E 189 -44.76 29.12 -12.33
N GLN E 190 -45.13 27.90 -11.93
CA GLN E 190 -45.17 26.79 -12.90
C GLN E 190 -46.10 27.09 -14.07
N THR E 191 -47.29 27.58 -13.77
CA THR E 191 -48.27 27.82 -14.82
C THR E 191 -47.89 29.06 -15.67
N ARG E 192 -47.21 30.02 -15.07
CA ARG E 192 -46.79 31.18 -15.84
C ARG E 192 -45.74 30.87 -16.93
N LEU E 193 -44.82 29.97 -16.61
CA LEU E 193 -43.69 29.71 -17.49
C LEU E 193 -44.02 28.62 -18.49
N TYR E 194 -44.78 27.60 -18.07
CA TYR E 194 -44.94 26.42 -18.90
C TYR E 194 -46.39 26.05 -19.13
N GLN E 195 -47.29 26.81 -18.51
CA GLN E 195 -48.75 26.58 -18.62
C GLN E 195 -49.22 25.25 -18.03
N ASN E 196 -48.69 24.15 -18.53
CA ASN E 196 -49.07 22.82 -18.06
C ASN E 196 -48.65 22.63 -16.62
N PRO E 197 -49.59 22.15 -15.78
CA PRO E 197 -49.29 22.15 -14.35
C PRO E 197 -48.40 20.97 -13.97
N THR E 198 -48.59 19.84 -14.65
CA THR E 198 -47.81 18.64 -14.38
C THR E 198 -47.05 18.19 -15.62
N THR E 199 -45.74 18.32 -15.54
CA THR E 199 -44.84 18.16 -16.67
C THR E 199 -43.80 17.07 -16.43
N TYR E 200 -43.14 16.68 -17.52
CA TYR E 200 -42.13 15.64 -17.52
C TYR E 200 -41.04 15.93 -18.56
N ILE E 201 -39.93 15.21 -18.46
CA ILE E 201 -38.90 15.26 -19.48
C ILE E 201 -38.42 13.83 -19.72
N SER E 202 -38.49 13.33 -20.95
CA SER E 202 -37.92 12.02 -21.23
C SER E 202 -36.67 12.18 -22.07
N VAL E 203 -35.61 11.50 -21.69
CA VAL E 203 -34.38 11.51 -22.49
C VAL E 203 -34.04 10.08 -22.84
N GLY E 204 -33.83 9.82 -24.13
CA GLY E 204 -33.59 8.46 -24.56
C GLY E 204 -32.39 8.32 -25.49
N THR E 205 -31.68 7.23 -25.28
CA THR E 205 -30.42 6.96 -25.98
C THR E 205 -30.42 5.45 -26.11
N SER E 206 -29.45 4.88 -26.78
CA SER E 206 -29.31 3.44 -26.80
C SER E 206 -29.07 2.90 -25.40
N THR E 207 -28.55 3.73 -24.50
CA THR E 207 -28.25 3.26 -23.14
C THR E 207 -28.99 4.05 -22.06
N LEU E 208 -29.28 5.31 -22.33
CA LEU E 208 -29.93 6.16 -21.36
C LEU E 208 -31.42 5.97 -21.49
N ASN E 209 -32.14 5.89 -20.37
CA ASN E 209 -33.61 5.73 -20.37
C ASN E 209 -34.16 6.54 -19.23
N GLN E 210 -34.17 7.87 -19.37
CA GLN E 210 -34.34 8.77 -18.25
C GLN E 210 -35.69 9.52 -18.21
N LYS E 211 -36.24 9.70 -17.01
CA LYS E 211 -37.47 10.51 -16.86
C LYS E 211 -37.42 11.47 -15.69
N LEU E 212 -37.45 12.76 -15.99
CA LEU E 212 -37.37 13.78 -14.98
C LEU E 212 -38.71 14.44 -14.77
N VAL E 213 -38.97 14.82 -13.53
CA VAL E 213 -40.19 15.50 -13.11
C VAL E 213 -39.81 16.61 -12.16
N PRO E 214 -40.37 17.82 -12.39
CA PRO E 214 -40.06 18.99 -11.58
C PRO E 214 -40.46 18.78 -10.12
N LYS E 215 -39.69 19.38 -9.23
CA LYS E 215 -39.99 19.40 -7.83
C LYS E 215 -40.38 20.81 -7.48
N ILE E 216 -41.68 21.10 -7.55
CA ILE E 216 -42.20 22.45 -7.30
C ILE E 216 -42.37 22.63 -5.81
N ALA E 217 -41.56 23.48 -5.18
CA ALA E 217 -41.53 23.56 -3.70
C ALA E 217 -40.83 24.84 -3.19
N THR E 218 -41.01 25.16 -1.90
CA THR E 218 -40.41 26.36 -1.32
C THR E 218 -39.01 26.07 -0.81
N ARG E 219 -38.03 26.91 -1.13
CA ARG E 219 -36.67 26.69 -0.66
C ARG E 219 -35.91 27.99 -0.46
N SER E 220 -34.75 27.89 0.19
CA SER E 220 -33.97 29.08 0.48
C SER E 220 -33.54 29.88 -0.78
N LYS E 221 -33.43 31.19 -0.62
CA LYS E 221 -32.91 32.02 -1.70
C LYS E 221 -31.41 31.91 -1.72
N VAL E 222 -30.87 31.57 -2.89
CA VAL E 222 -29.46 31.63 -3.14
C VAL E 222 -29.27 32.61 -4.25
N LYS E 223 -28.50 33.68 -3.99
CA LYS E 223 -28.40 34.77 -4.94
C LYS E 223 -29.80 35.26 -5.32
N GLY E 224 -30.66 35.40 -4.32
CA GLY E 224 -31.96 36.01 -4.48
C GLY E 224 -32.99 35.14 -5.15
N LEU E 225 -32.59 33.95 -5.58
CA LEU E 225 -33.53 33.05 -6.22
C LEU E 225 -33.75 31.83 -5.39
N SER E 226 -34.99 31.35 -5.39
CA SER E 226 -35.27 30.11 -4.69
C SER E 226 -35.67 29.00 -5.68
N GLY E 227 -35.70 29.32 -6.99
CA GLY E 227 -35.84 28.29 -8.01
C GLY E 227 -34.50 27.55 -8.11
N ARG E 228 -34.47 26.44 -8.84
CA ARG E 228 -33.24 25.65 -9.00
C ARG E 228 -33.13 25.11 -10.43
N MET E 229 -31.91 24.99 -10.94
CA MET E 229 -31.68 24.35 -12.26
C MET E 229 -30.88 23.07 -12.02
N GLU E 230 -31.36 21.94 -12.54
CA GLU E 230 -30.61 20.68 -12.37
C GLU E 230 -30.07 20.20 -13.74
N PHE E 231 -28.76 20.03 -13.87
CA PHE E 231 -28.24 19.68 -15.19
C PHE E 231 -27.80 18.24 -15.33
N PHE E 232 -27.85 17.74 -16.55
CA PHE E 232 -27.52 16.36 -16.82
C PHE E 232 -26.59 16.23 -18.01
N TRP E 233 -25.91 15.11 -18.11
CA TRP E 233 -25.02 14.91 -19.22
C TRP E 233 -24.97 13.46 -19.65
N THR E 234 -24.67 13.27 -20.92
CA THR E 234 -24.46 11.95 -21.45
C THR E 234 -23.40 12.04 -22.54
N ILE E 235 -22.79 10.90 -22.83
CA ILE E 235 -21.91 10.84 -23.96
C ILE E 235 -22.66 10.13 -25.06
N LEU E 236 -23.04 10.87 -26.10
CA LEU E 236 -23.74 10.29 -27.22
C LEU E 236 -22.69 9.66 -28.14
N LYS E 237 -22.71 8.34 -28.25
CA LYS E 237 -21.72 7.65 -29.09
C LYS E 237 -21.96 8.04 -30.52
N SER E 238 -20.88 7.95 -31.31
CA SER E 238 -20.96 8.16 -32.75
C SER E 238 -22.03 7.23 -33.31
N ASN E 239 -22.92 7.82 -34.10
CA ASN E 239 -24.01 7.14 -34.79
C ASN E 239 -25.24 6.72 -33.99
N ASP E 240 -25.23 7.00 -32.69
CA ASP E 240 -26.40 6.78 -31.86
C ASP E 240 -27.23 8.06 -31.82
N ALA E 241 -28.49 7.94 -31.43
CA ALA E 241 -29.34 9.15 -31.39
C ALA E 241 -29.91 9.42 -30.01
N ILE E 242 -30.13 10.70 -29.72
CA ILE E 242 -30.72 11.06 -28.45
C ILE E 242 -32.14 11.63 -28.69
N ASN E 243 -33.06 11.26 -27.80
CA ASN E 243 -34.48 11.62 -27.97
C ASN E 243 -35.04 12.37 -26.81
N PHE E 244 -35.60 13.55 -27.06
CA PHE E 244 -36.20 14.33 -26.00
C PHE E 244 -37.72 14.42 -26.19
N GLU E 245 -38.47 14.07 -25.16
CA GLU E 245 -39.92 14.33 -25.15
C GLU E 245 -40.21 15.14 -23.89
N SER E 246 -41.01 16.20 -24.01
CA SER E 246 -41.23 17.10 -22.87
C SER E 246 -42.46 17.97 -22.96
N ASN E 247 -43.13 18.23 -21.82
CA ASN E 247 -44.22 19.24 -21.83
C ASN E 247 -44.00 20.39 -20.82
N GLY E 248 -42.73 20.66 -20.50
CA GLY E 248 -42.39 21.81 -19.68
C GLY E 248 -41.12 21.63 -18.88
N ASN E 249 -40.60 22.74 -18.36
CA ASN E 249 -39.46 22.71 -17.44
C ASN E 249 -38.18 22.18 -18.12
N PHE E 250 -38.16 22.15 -19.45
CA PHE E 250 -37.03 21.59 -20.22
C PHE E 250 -35.95 22.66 -20.47
N ILE E 251 -34.72 22.40 -20.02
CA ILE E 251 -33.64 23.28 -20.44
C ILE E 251 -32.94 22.55 -21.58
N ALA E 252 -33.27 22.90 -22.81
CA ALA E 252 -32.87 22.10 -23.96
C ALA E 252 -31.43 22.34 -24.37
N PRO E 253 -30.76 21.28 -24.85
CA PRO E 253 -29.39 21.39 -25.36
C PRO E 253 -29.32 22.39 -26.51
N GLU E 254 -28.32 23.27 -26.49
CA GLU E 254 -28.08 24.07 -27.70
C GLU E 254 -26.78 23.65 -28.39
N ASN E 255 -25.69 23.64 -27.63
CA ASN E 255 -24.38 23.25 -28.13
C ASN E 255 -23.92 21.98 -27.46
N ALA E 256 -23.18 21.17 -28.19
CA ALA E 256 -22.64 19.92 -27.66
C ALA E 256 -21.15 19.85 -27.96
N TYR E 257 -20.45 18.90 -27.35
CA TYR E 257 -18.99 18.86 -27.49
C TYR E 257 -18.50 17.58 -28.15
N LYS E 258 -17.80 17.73 -29.27
CA LYS E 258 -17.17 16.59 -29.89
C LYS E 258 -15.89 16.27 -29.15
N ILE E 259 -15.70 15.00 -28.83
CA ILE E 259 -14.46 14.60 -28.18
C ILE E 259 -13.45 14.33 -29.27
N VAL E 260 -12.52 15.25 -29.43
CA VAL E 260 -11.65 15.26 -30.60
C VAL E 260 -10.37 14.47 -30.36
N LYS E 261 -9.82 14.66 -29.18
CA LYS E 261 -8.61 14.01 -28.76
C LYS E 261 -8.69 13.55 -27.28
N LYS E 262 -8.47 12.26 -27.06
CA LYS E 262 -8.32 11.70 -25.71
C LYS E 262 -6.84 11.51 -25.42
N GLY E 263 -6.45 11.51 -24.16
CA GLY E 263 -5.05 11.33 -23.78
C GLY E 263 -4.89 11.60 -22.30
N ASP E 264 -3.65 11.76 -21.84
CA ASP E 264 -3.41 12.09 -20.43
C ASP E 264 -3.55 13.56 -20.17
N SER E 265 -4.23 13.86 -19.08
CA SER E 265 -4.47 15.22 -18.65
C SER E 265 -4.73 15.11 -17.16
N THR E 266 -4.93 16.24 -16.49
CA THR E 266 -5.35 16.24 -15.11
C THR E 266 -6.08 17.56 -14.94
N ILE E 267 -6.85 17.70 -13.86
CA ILE E 267 -7.41 18.98 -13.46
C ILE E 267 -6.69 19.31 -12.19
N MET E 268 -5.92 20.40 -12.23
CA MET E 268 -5.12 20.84 -11.09
C MET E 268 -5.84 21.95 -10.32
N LYS E 269 -5.76 21.93 -9.02
CA LYS E 269 -6.30 23.03 -8.24
C LYS E 269 -5.17 23.97 -7.93
N SER E 270 -5.23 25.17 -8.49
CA SER E 270 -4.18 26.13 -8.22
C SER E 270 -4.76 27.54 -8.27
N GLU E 271 -4.14 28.44 -7.53
CA GLU E 271 -4.57 29.83 -7.55
C GLU E 271 -3.64 30.59 -8.49
N LEU E 272 -2.60 29.92 -8.93
CA LEU E 272 -1.57 30.55 -9.75
C LEU E 272 -2.10 30.91 -11.12
N GLU E 273 -1.32 31.74 -11.84
CA GLU E 273 -1.67 32.17 -13.18
C GLU E 273 -0.61 31.71 -14.17
N TYR E 274 -0.92 31.83 -15.45
CA TYR E 274 0.02 31.45 -16.49
C TYR E 274 1.38 32.18 -16.32
N GLY E 275 2.45 31.55 -16.78
CA GLY E 275 3.80 32.02 -16.53
C GLY E 275 4.65 32.22 -17.78
N ASP E 276 4.07 31.89 -18.93
CA ASP E 276 4.72 32.07 -20.23
C ASP E 276 6.06 31.31 -20.31
N CYS E 277 6.23 30.30 -19.47
CA CYS E 277 7.45 29.50 -19.49
C CYS E 277 7.12 28.09 -19.96
N ASN E 278 8.10 27.20 -19.88
CA ASN E 278 7.89 25.83 -20.32
C ASN E 278 8.60 24.80 -19.47
N THR E 279 7.99 23.63 -19.34
CA THR E 279 8.57 22.55 -18.54
C THR E 279 8.15 21.18 -19.00
N LYS E 280 8.75 20.17 -18.38
CA LYS E 280 8.36 18.77 -18.62
C LYS E 280 7.67 18.19 -17.39
N CYS E 281 7.64 18.95 -16.29
CA CYS E 281 7.05 18.49 -15.05
C CYS E 281 6.38 19.64 -14.34
N GLN E 282 5.08 19.50 -14.09
CA GLN E 282 4.29 20.58 -13.50
C GLN E 282 3.58 20.12 -12.25
N THR E 283 3.59 20.94 -11.20
CA THR E 283 2.79 20.71 -10.00
C THR E 283 1.93 21.93 -9.76
N PRO E 284 0.88 21.79 -8.94
CA PRO E 284 0.00 22.93 -8.68
C PRO E 284 0.69 24.16 -8.08
N ILE E 285 1.90 24.02 -7.54
CA ILE E 285 2.53 25.18 -6.89
C ILE E 285 3.79 25.66 -7.62
N GLY E 286 4.11 25.02 -8.75
CA GLY E 286 5.25 25.41 -9.55
C GLY E 286 5.78 24.25 -10.37
N ALA E 287 6.56 24.54 -11.41
CA ALA E 287 7.09 23.50 -12.29
C ALA E 287 8.48 23.05 -11.83
N ILE E 288 8.88 21.86 -12.31
CA ILE E 288 10.14 21.20 -11.94
C ILE E 288 11.05 20.92 -13.13
N ASN E 289 12.29 21.41 -13.09
CA ASN E 289 13.29 21.05 -14.09
C ASN E 289 14.48 20.45 -13.36
N SER E 290 14.51 19.13 -13.21
CA SER E 290 15.62 18.51 -12.50
C SER E 290 15.87 17.12 -13.02
N SER E 291 17.07 16.61 -12.73
CA SER E 291 17.46 15.28 -13.21
C SER E 291 17.63 14.33 -12.05
N MET E 292 17.52 14.87 -10.83
CA MET E 292 17.46 14.02 -9.65
C MET E 292 16.23 13.11 -9.72
N PRO E 293 16.32 11.92 -9.11
CA PRO E 293 15.25 10.92 -9.19
C PRO E 293 14.14 11.13 -8.15
N PHE E 294 14.34 12.03 -7.20
CA PHE E 294 13.35 12.30 -6.18
C PHE E 294 13.04 13.78 -6.06
N HIS E 295 11.87 14.11 -5.53
CA HIS E 295 11.54 15.49 -5.17
C HIS E 295 10.49 15.47 -4.08
N ASN E 296 10.28 16.62 -3.43
CA ASN E 296 9.36 16.69 -2.31
C ASN E 296 8.49 17.93 -2.36
N ILE E 297 8.20 18.43 -3.56
CA ILE E 297 7.50 19.71 -3.62
C ILE E 297 5.96 19.55 -3.57
N HIS E 298 5.43 18.54 -4.26
CA HIS E 298 3.99 18.25 -4.27
C HIS E 298 3.72 16.83 -4.80
N PRO E 299 2.73 16.13 -4.20
CA PRO E 299 2.44 14.77 -4.68
C PRO E 299 1.71 14.74 -6.03
N LEU E 300 0.96 15.79 -6.35
CA LEU E 300 0.23 15.81 -7.62
C LEU E 300 1.06 16.48 -8.72
N THR E 301 1.62 15.66 -9.61
CA THR E 301 2.41 16.18 -10.72
C THR E 301 1.84 15.64 -12.03
N ILE E 302 2.23 16.25 -13.14
CA ILE E 302 1.93 15.69 -14.46
C ILE E 302 3.17 15.84 -15.32
N GLY E 303 3.47 14.84 -16.15
CA GLY E 303 4.63 14.88 -17.03
C GLY E 303 5.78 13.94 -16.65
N GLU E 304 6.96 14.17 -17.20
CA GLU E 304 8.11 13.34 -16.85
C GLU E 304 8.69 13.84 -15.55
N CYS E 305 8.43 13.15 -14.44
CA CYS E 305 8.81 13.69 -13.13
C CYS E 305 9.64 12.76 -12.26
N PRO E 306 10.37 13.36 -11.30
CA PRO E 306 11.01 12.56 -10.25
C PRO E 306 9.95 11.85 -9.43
N LYS E 307 10.34 11.05 -8.46
CA LYS E 307 9.34 10.35 -7.67
C LYS E 307 9.09 11.21 -6.43
N TYR E 308 7.83 11.41 -6.05
CA TYR E 308 7.57 12.22 -4.87
C TYR E 308 7.89 11.41 -3.61
N VAL E 309 8.49 12.06 -2.60
CA VAL E 309 8.70 11.51 -1.25
C VAL E 309 8.50 12.63 -0.24
N LYS E 310 8.18 12.30 1.01
CA LYS E 310 7.94 13.30 2.06
C LYS E 310 9.20 13.73 2.78
N SER E 311 10.37 13.42 2.22
CA SER E 311 11.64 13.66 2.91
C SER E 311 12.06 15.10 2.83
N ASN E 312 12.71 15.60 3.88
CA ASN E 312 13.26 16.95 3.82
C ASN E 312 14.68 16.95 3.27
N ARG E 313 15.33 15.79 3.41
CA ARG E 313 16.73 15.64 3.05
C ARG E 313 16.99 14.20 2.66
N LEU E 314 17.77 14.00 1.61
CA LEU E 314 18.06 12.64 1.17
C LEU E 314 19.43 12.62 0.49
N VAL E 315 20.48 12.34 1.26
CA VAL E 315 21.84 12.44 0.71
C VAL E 315 22.56 11.11 0.73
N LEU E 316 23.14 10.75 -0.42
CA LEU E 316 23.89 9.51 -0.58
C LEU E 316 25.39 9.74 -0.31
N ALA E 317 26.04 8.77 0.33
CA ALA E 317 27.50 8.79 0.47
C ALA E 317 28.13 8.12 -0.74
N THR E 318 29.04 8.80 -1.44
CA THR E 318 29.79 8.18 -2.54
C THR E 318 31.25 8.01 -2.15
N GLY E 319 31.78 9.01 -1.46
CA GLY E 319 33.17 8.99 -1.01
C GLY E 319 33.31 8.32 0.34
N LEU E 320 34.40 8.61 1.05
CA LEU E 320 34.68 7.95 2.32
C LEU E 320 34.60 8.90 3.52
N ARG E 321 34.69 8.34 4.71
CA ARG E 321 34.61 9.12 5.95
C ARG E 321 35.75 10.12 5.99
N ASN E 322 35.47 11.35 6.42
CA ASN E 322 36.47 12.41 6.36
C ASN E 322 37.09 12.76 7.72
N SER E 323 38.41 12.95 7.71
CA SER E 323 39.18 13.23 8.92
C SER E 323 39.21 14.72 9.25
N PRO E 324 39.08 15.06 10.54
CA PRO E 324 39.10 16.45 11.01
C PRO E 324 40.43 17.16 10.70
N GLY F 1 35.42 2.32 11.71
CA GLY F 1 34.74 1.40 10.82
C GLY F 1 34.79 -0.05 11.27
N LEU F 2 34.25 -0.93 10.43
CA LEU F 2 34.13 -2.35 10.76
C LEU F 2 35.40 -3.17 10.54
N PHE F 3 36.41 -2.54 9.95
CA PHE F 3 37.60 -3.25 9.50
C PHE F 3 38.85 -2.72 10.16
N GLY F 4 38.73 -1.55 10.75
CA GLY F 4 39.78 -0.96 11.56
C GLY F 4 40.81 -0.20 10.76
N ALA F 5 40.59 -0.04 9.46
CA ALA F 5 41.55 0.69 8.64
C ALA F 5 41.35 2.20 8.72
N ILE F 6 40.31 2.69 8.06
CA ILE F 6 40.02 4.12 8.09
C ILE F 6 39.62 4.53 9.52
N ALA F 7 40.27 5.57 10.04
CA ALA F 7 40.08 6.03 11.41
C ALA F 7 40.30 4.90 12.44
N GLY F 8 41.23 4.00 12.12
CA GLY F 8 41.57 2.88 12.98
C GLY F 8 43.06 2.72 13.18
N PHE F 9 43.62 1.61 12.68
CA PHE F 9 45.04 1.34 12.86
C PHE F 9 45.85 2.30 11.99
N ILE F 10 45.19 2.86 10.97
CA ILE F 10 45.75 4.01 10.27
C ILE F 10 44.82 5.21 10.49
N GLU F 11 45.30 6.15 11.30
CA GLU F 11 44.57 7.34 11.69
C GLU F 11 44.63 8.36 10.57
N GLY F 12 43.60 9.19 10.47
CA GLY F 12 43.66 10.37 9.62
C GLY F 12 43.76 10.17 8.12
N GLY F 13 43.31 11.17 7.36
CA GLY F 13 43.41 11.10 5.92
C GLY F 13 44.48 12.03 5.40
N TRP F 14 44.81 11.84 4.13
CA TRP F 14 45.87 12.61 3.48
C TRP F 14 45.30 13.74 2.63
N GLN F 15 45.38 14.95 3.16
CA GLN F 15 44.95 16.13 2.42
C GLN F 15 45.69 16.23 1.07
N GLY F 16 46.95 15.83 1.08
CA GLY F 16 47.82 16.02 -0.06
C GLY F 16 47.65 15.00 -1.17
N MET F 17 46.81 13.99 -0.93
CA MET F 17 46.57 12.99 -1.96
C MET F 17 45.29 13.35 -2.70
N VAL F 18 45.44 13.83 -3.94
CA VAL F 18 44.35 14.46 -4.68
C VAL F 18 44.02 13.63 -5.90
N ASP F 19 44.71 12.51 -6.07
CA ASP F 19 44.61 11.74 -7.30
C ASP F 19 43.62 10.58 -7.19
N GLY F 20 43.32 10.16 -5.97
CA GLY F 20 42.41 9.05 -5.78
C GLY F 20 41.86 8.94 -4.37
N TRP F 21 41.28 7.78 -4.08
CA TRP F 21 40.69 7.52 -2.77
C TRP F 21 41.71 6.82 -1.86
N TYR F 22 42.38 5.81 -2.39
CA TYR F 22 43.37 5.05 -1.63
C TYR F 22 44.72 5.07 -2.34
N GLY F 23 45.82 5.09 -1.58
CA GLY F 23 47.14 5.09 -2.18
C GLY F 23 48.35 5.06 -1.25
N TYR F 24 49.49 5.55 -1.77
CA TYR F 24 50.78 5.42 -1.10
C TYR F 24 51.53 6.74 -0.93
N HIS F 25 52.20 6.86 0.22
CA HIS F 25 53.18 7.91 0.48
C HIS F 25 54.56 7.27 0.67
N HIS F 26 55.56 7.74 -0.08
CA HIS F 26 56.90 7.14 -0.03
C HIS F 26 57.94 8.16 0.40
N SER F 27 59.00 7.67 1.07
CA SER F 27 60.08 8.53 1.51
C SER F 27 61.40 7.77 1.40
N ASN F 28 62.09 8.00 0.29
CA ASN F 28 63.45 7.52 0.08
C ASN F 28 64.39 8.71 -0.21
N GLU F 29 65.55 8.43 -0.79
CA GLU F 29 66.55 9.47 -1.07
C GLU F 29 66.09 10.52 -2.08
N GLN F 30 65.28 10.12 -3.05
CA GLN F 30 64.64 11.09 -3.93
C GLN F 30 63.36 11.66 -3.31
N GLY F 31 63.52 12.32 -2.17
CA GLY F 31 62.41 13.01 -1.53
C GLY F 31 61.16 12.20 -1.30
N SER F 32 60.08 12.92 -1.00
CA SER F 32 58.79 12.31 -0.75
C SER F 32 57.83 12.56 -1.91
N GLY F 33 56.61 12.03 -1.77
CA GLY F 33 55.58 12.23 -2.77
C GLY F 33 54.42 11.27 -2.58
N TYR F 34 53.27 11.63 -3.15
CA TYR F 34 52.07 10.80 -3.09
C TYR F 34 51.75 10.15 -4.42
N ALA F 35 51.15 8.97 -4.36
CA ALA F 35 50.76 8.27 -5.57
C ALA F 35 49.57 7.39 -5.29
N ALA F 36 48.57 7.49 -6.16
CA ALA F 36 47.32 6.75 -5.99
C ALA F 36 47.40 5.34 -6.55
N ASP F 37 46.71 4.41 -5.91
CA ASP F 37 46.51 3.09 -6.49
C ASP F 37 45.31 3.15 -7.43
N LYS F 38 45.58 3.09 -8.73
CA LYS F 38 44.56 3.28 -9.73
C LYS F 38 43.59 2.08 -9.72
N GLU F 39 44.12 0.88 -9.52
CA GLU F 39 43.34 -0.34 -9.60
C GLU F 39 42.28 -0.42 -8.50
N SER F 40 42.63 -0.03 -7.28
CA SER F 40 41.73 -0.17 -6.14
C SER F 40 40.72 0.98 -6.06
N THR F 41 41.01 2.08 -6.74
CA THR F 41 40.10 3.23 -6.80
C THR F 41 39.15 3.15 -7.99
N GLN F 42 39.58 2.50 -9.07
CA GLN F 42 38.74 2.36 -10.24
C GLN F 42 37.69 1.30 -9.91
N LYS F 43 38.10 0.26 -9.19
CA LYS F 43 37.17 -0.76 -8.70
C LYS F 43 36.13 -0.17 -7.75
N ALA F 44 36.52 0.87 -7.02
CA ALA F 44 35.68 1.51 -6.01
C ALA F 44 34.75 2.58 -6.59
N ILE F 45 35.22 3.34 -7.58
CA ILE F 45 34.34 4.33 -8.22
C ILE F 45 33.30 3.61 -9.09
N ASP F 46 33.68 2.49 -9.71
CA ASP F 46 32.75 1.66 -10.47
C ASP F 46 31.77 0.92 -9.56
N GLY F 47 32.20 0.56 -8.36
CA GLY F 47 31.34 -0.12 -7.41
C GLY F 47 30.26 0.77 -6.82
N VAL F 48 30.64 2.00 -6.50
CA VAL F 48 29.74 2.96 -5.88
C VAL F 48 28.77 3.55 -6.91
N THR F 49 29.24 3.75 -8.15
CA THR F 49 28.39 4.29 -9.20
C THR F 49 27.28 3.31 -9.54
N ASN F 50 27.64 2.04 -9.61
CA ASN F 50 26.67 1.00 -9.93
C ASN F 50 25.59 0.97 -8.86
N LYS F 51 26.00 1.08 -7.61
CA LYS F 51 25.03 1.09 -6.51
C LYS F 51 24.08 2.27 -6.59
N VAL F 52 24.63 3.46 -6.83
CA VAL F 52 23.82 4.69 -6.92
C VAL F 52 22.75 4.57 -8.01
N ASN F 53 23.16 4.01 -9.15
CA ASN F 53 22.25 3.77 -10.26
C ASN F 53 21.28 2.66 -9.94
N SER F 54 21.72 1.72 -9.09
CA SER F 54 20.91 0.58 -8.68
C SER F 54 19.85 1.04 -7.66
N ILE F 55 20.09 2.18 -7.04
CA ILE F 55 19.13 2.73 -6.09
C ILE F 55 18.05 3.49 -6.84
N ILE F 56 18.48 4.23 -7.86
CA ILE F 56 17.59 5.00 -8.69
C ILE F 56 16.69 4.08 -9.54
N ASP F 57 17.25 2.95 -9.98
CA ASP F 57 16.52 2.06 -10.88
C ASP F 57 15.42 1.29 -10.15
N LYS F 58 15.53 1.19 -8.83
CA LYS F 58 14.56 0.44 -8.05
C LYS F 58 13.35 1.29 -7.73
N MET F 59 13.36 2.55 -8.13
CA MET F 59 12.26 3.45 -7.78
C MET F 59 11.52 3.97 -9.01
N ASN F 60 11.77 3.32 -10.15
CA ASN F 60 11.15 3.70 -11.42
C ASN F 60 9.65 3.39 -11.42
N THR F 61 9.31 2.26 -10.80
CA THR F 61 7.94 1.85 -10.60
C THR F 61 7.58 2.15 -9.17
N GLN F 62 6.72 3.13 -8.96
CA GLN F 62 6.43 3.65 -7.64
C GLN F 62 5.07 4.34 -7.71
N PHE F 63 4.42 4.53 -6.59
CA PHE F 63 3.06 5.07 -6.60
C PHE F 63 2.98 6.53 -7.04
N GLU F 64 2.11 6.80 -8.01
CA GLU F 64 1.83 8.17 -8.42
C GLU F 64 0.41 8.56 -8.07
N ALA F 65 0.30 9.63 -7.28
CA ALA F 65 -0.99 10.09 -6.82
C ALA F 65 -1.73 10.79 -7.96
N VAL F 66 -3.05 10.63 -8.03
CA VAL F 66 -3.85 11.37 -8.99
C VAL F 66 -5.02 12.01 -8.26
N GLY F 67 -5.44 13.19 -8.71
CA GLY F 67 -6.58 13.87 -8.15
C GLY F 67 -7.90 13.18 -8.45
N ARG F 68 -8.69 12.94 -7.39
CA ARG F 68 -10.07 12.47 -7.55
C ARG F 68 -10.96 13.33 -6.74
N GLU F 69 -12.17 13.58 -7.21
CA GLU F 69 -13.09 14.43 -6.46
C GLU F 69 -14.33 13.67 -6.03
N PHE F 70 -14.93 14.11 -4.93
CA PHE F 70 -16.08 13.44 -4.31
C PHE F 70 -17.09 14.44 -3.81
N ASN F 71 -18.38 14.11 -3.86
CA ASN F 71 -19.36 15.06 -3.37
C ASN F 71 -19.53 14.93 -1.85
N ASN F 72 -20.38 15.78 -1.27
CA ASN F 72 -20.48 15.90 0.19
C ASN F 72 -21.06 14.64 0.82
N LEU F 73 -21.73 13.80 0.03
CA LEU F 73 -22.21 12.51 0.53
C LEU F 73 -21.38 11.32 0.06
N GLU F 74 -20.12 11.56 -0.29
CA GLU F 74 -19.17 10.51 -0.63
C GLU F 74 -17.97 10.64 0.30
N ARG F 75 -18.22 11.03 1.56
CA ARG F 75 -17.14 11.24 2.54
C ARG F 75 -16.37 9.96 2.87
N ARG F 76 -17.05 8.82 2.81
CA ARG F 76 -16.37 7.57 3.10
C ARG F 76 -15.36 7.20 2.02
N ILE F 77 -15.72 7.27 0.73
CA ILE F 77 -14.73 6.89 -0.29
C ILE F 77 -13.68 7.99 -0.46
N GLU F 78 -14.03 9.24 -0.21
CA GLU F 78 -13.03 10.29 -0.17
C GLU F 78 -11.95 9.99 0.88
N ASN F 79 -12.37 9.50 2.03
CA ASN F 79 -11.44 9.16 3.12
C ASN F 79 -10.62 7.90 2.78
N LEU F 80 -11.27 6.94 2.15
CA LEU F 80 -10.60 5.73 1.71
C LEU F 80 -9.49 6.12 0.72
N ASN F 81 -9.82 7.03 -0.19
CA ASN F 81 -8.88 7.50 -1.17
C ASN F 81 -7.70 8.28 -0.60
N LYS F 82 -7.95 9.08 0.41
CA LYS F 82 -6.88 9.88 0.98
C LYS F 82 -5.91 8.99 1.76
N LYS F 83 -6.44 8.06 2.55
CA LYS F 83 -5.60 7.16 3.33
C LYS F 83 -4.73 6.31 2.43
N MET F 84 -5.33 5.86 1.32
CA MET F 84 -4.65 4.99 0.40
C MET F 84 -3.49 5.71 -0.24
N GLU F 85 -3.68 7.00 -0.50
CA GLU F 85 -2.65 7.74 -1.20
C GLU F 85 -1.58 8.18 -0.26
N ASP F 86 -1.93 8.63 0.92
CA ASP F 86 -0.92 8.88 1.94
C ASP F 86 -0.21 7.58 2.34
N GLY F 87 -0.95 6.48 2.33
CA GLY F 87 -0.39 5.19 2.74
C GLY F 87 0.79 4.76 1.87
N PHE F 88 0.64 4.86 0.55
CA PHE F 88 1.72 4.54 -0.36
C PHE F 88 2.85 5.56 -0.31
N LEU F 89 2.53 6.84 -0.10
CA LEU F 89 3.60 7.82 -0.02
C LEU F 89 4.44 7.52 1.21
N ASP F 90 3.81 7.14 2.31
CA ASP F 90 4.56 6.79 3.51
C ASP F 90 5.44 5.57 3.29
N VAL F 91 4.90 4.58 2.60
CA VAL F 91 5.62 3.36 2.28
C VAL F 91 6.86 3.64 1.44
N TRP F 92 6.72 4.45 0.39
CA TRP F 92 7.85 4.73 -0.49
C TRP F 92 8.80 5.74 0.15
N THR F 93 8.29 6.58 1.02
CA THR F 93 9.15 7.49 1.74
C THR F 93 10.02 6.69 2.68
N TYR F 94 9.40 5.73 3.38
CA TYR F 94 10.15 4.83 4.23
C TYR F 94 11.17 4.07 3.38
N ASN F 95 10.74 3.52 2.26
CA ASN F 95 11.64 2.73 1.43
C ASN F 95 12.85 3.46 0.90
N ALA F 96 12.72 4.74 0.65
CA ALA F 96 13.84 5.45 0.07
C ALA F 96 14.79 5.82 1.19
N GLU F 97 14.23 6.35 2.27
CA GLU F 97 15.04 6.82 3.38
C GLU F 97 15.82 5.69 4.01
N LEU F 98 15.22 4.51 4.06
CA LEU F 98 15.88 3.36 4.65
C LEU F 98 16.94 2.87 3.68
N LEU F 99 16.66 2.96 2.39
CA LEU F 99 17.63 2.50 1.40
C LEU F 99 18.84 3.42 1.43
N VAL F 100 18.62 4.69 1.68
CA VAL F 100 19.73 5.63 1.75
C VAL F 100 20.57 5.35 3.00
N LEU F 101 19.95 5.28 4.16
CA LEU F 101 20.67 4.95 5.41
C LEU F 101 21.42 3.62 5.33
N MET F 102 20.84 2.64 4.66
CA MET F 102 21.42 1.31 4.69
C MET F 102 22.63 1.25 3.80
N GLU F 103 22.60 1.95 2.67
CA GLU F 103 23.70 1.87 1.73
C GLU F 103 24.80 2.85 2.07
N ASN F 104 24.46 3.92 2.77
CA ASN F 104 25.47 4.83 3.27
C ASN F 104 26.40 4.11 4.24
N GLU F 105 25.81 3.32 5.12
CA GLU F 105 26.59 2.51 6.04
C GLU F 105 27.52 1.57 5.29
N ARG F 106 27.03 0.93 4.23
CA ARG F 106 27.81 -0.12 3.60
C ARG F 106 28.79 0.48 2.59
N THR F 107 28.58 1.73 2.22
CA THR F 107 29.53 2.44 1.37
C THR F 107 30.74 2.86 2.18
N LEU F 108 30.51 3.35 3.39
CA LEU F 108 31.61 3.77 4.25
C LEU F 108 32.47 2.58 4.66
N ASP F 109 31.84 1.42 4.91
CA ASP F 109 32.59 0.21 5.26
C ASP F 109 33.24 -0.37 4.00
N PHE F 110 32.75 0.02 2.83
CA PHE F 110 33.36 -0.42 1.59
C PHE F 110 34.72 0.24 1.44
N HIS F 111 34.77 1.52 1.81
CA HIS F 111 36.00 2.28 1.75
C HIS F 111 36.95 1.77 2.82
N ASP F 112 36.41 1.42 3.98
CA ASP F 112 37.22 0.84 5.04
C ASP F 112 37.83 -0.50 4.64
N SER F 113 37.03 -1.36 4.02
CA SER F 113 37.55 -2.65 3.59
C SER F 113 38.61 -2.47 2.51
N ASN F 114 38.42 -1.49 1.64
CA ASN F 114 39.31 -1.34 0.51
C ASN F 114 40.69 -0.85 0.89
N VAL F 115 40.76 -0.03 1.94
CA VAL F 115 42.02 0.47 2.45
C VAL F 115 42.79 -0.62 3.18
N LYS F 116 42.11 -1.36 4.05
CA LYS F 116 42.74 -2.47 4.76
C LYS F 116 43.18 -3.55 3.78
N ASN F 117 42.37 -3.80 2.76
CA ASN F 117 42.71 -4.79 1.75
C ASN F 117 43.92 -4.35 0.93
N LEU F 118 44.14 -3.04 0.85
CA LEU F 118 45.29 -2.51 0.14
C LEU F 118 46.56 -2.64 0.98
N TYR F 119 46.39 -2.44 2.28
CA TYR F 119 47.46 -2.60 3.24
C TYR F 119 48.01 -4.02 3.22
N ASP F 120 47.12 -5.01 3.29
CA ASP F 120 47.54 -6.41 3.30
C ASP F 120 48.07 -6.88 1.96
N LYS F 121 47.86 -6.08 0.91
CA LYS F 121 48.34 -6.42 -0.42
C LYS F 121 49.84 -6.09 -0.50
N VAL F 122 50.22 -5.08 0.27
CA VAL F 122 51.60 -4.62 0.35
C VAL F 122 52.35 -5.36 1.47
N ARG F 123 51.65 -5.61 2.57
CA ARG F 123 52.22 -6.32 3.73
C ARG F 123 52.66 -7.73 3.33
N LEU F 124 51.91 -8.38 2.44
CA LEU F 124 52.25 -9.73 2.04
C LEU F 124 53.33 -9.76 0.94
N GLN F 125 53.70 -8.58 0.44
CA GLN F 125 54.77 -8.48 -0.56
C GLN F 125 56.14 -8.29 0.08
N LEU F 126 56.20 -7.46 1.12
CA LEU F 126 57.48 -7.16 1.77
C LEU F 126 57.86 -8.26 2.75
N ARG F 127 56.87 -8.84 3.42
CA ARG F 127 57.09 -9.84 4.45
C ARG F 127 58.07 -9.32 5.50
N ASP F 128 59.22 -9.98 5.61
CA ASP F 128 60.24 -9.60 6.58
C ASP F 128 61.34 -8.72 5.98
N ASN F 129 61.14 -8.27 4.73
CA ASN F 129 62.05 -7.32 4.11
C ASN F 129 61.72 -5.88 4.52
N ALA F 130 60.71 -5.72 5.37
CA ALA F 130 60.30 -4.42 5.89
C ALA F 130 59.60 -4.64 7.24
N LYS F 131 59.56 -3.62 8.09
CA LYS F 131 58.90 -3.75 9.40
C LYS F 131 57.57 -3.00 9.48
N GLU F 132 56.55 -3.66 10.01
CA GLU F 132 55.26 -3.00 10.27
C GLU F 132 55.38 -2.04 11.44
N LEU F 133 55.24 -0.75 11.18
CA LEU F 133 55.28 0.24 12.24
C LEU F 133 53.97 0.26 13.04
N GLY F 134 52.87 -0.12 12.38
CA GLY F 134 51.59 -0.20 13.05
C GLY F 134 50.72 1.03 12.87
N ASN F 135 51.10 1.88 11.93
CA ASN F 135 50.33 3.08 11.62
C ASN F 135 50.05 3.12 10.13
N GLY F 136 50.28 1.99 9.47
CA GLY F 136 49.99 1.89 8.05
C GLY F 136 51.27 1.96 7.25
N CYS F 137 52.40 2.05 7.93
CA CYS F 137 53.69 2.19 7.24
C CYS F 137 54.60 0.99 7.43
N PHE F 138 55.43 0.78 6.40
CA PHE F 138 56.45 -0.25 6.41
C PHE F 138 57.81 0.38 6.20
N GLU F 139 58.67 0.20 7.19
CA GLU F 139 60.06 0.59 7.11
C GLU F 139 60.89 -0.52 6.52
N PHE F 140 61.45 -0.27 5.34
CA PHE F 140 62.20 -1.30 4.65
C PHE F 140 63.47 -1.69 5.40
N TYR F 141 63.92 -2.91 5.14
CA TYR F 141 65.15 -3.41 5.73
C TYR F 141 66.25 -3.35 4.66
N HIS F 142 66.02 -2.51 3.65
CA HIS F 142 66.98 -2.33 2.56
C HIS F 142 66.68 -1.03 1.80
N ARG F 143 67.36 -0.80 0.68
CA ARG F 143 67.20 0.45 -0.07
C ARG F 143 66.20 0.28 -1.21
N CYS F 144 65.27 1.22 -1.30
CA CYS F 144 64.20 1.08 -2.28
C CYS F 144 63.98 2.41 -2.98
N ASP F 145 64.47 2.48 -4.22
CA ASP F 145 64.34 3.69 -5.00
C ASP F 145 62.96 3.83 -5.63
N ASN F 146 62.86 4.61 -6.70
CA ASN F 146 61.60 4.91 -7.34
C ASN F 146 61.39 4.04 -8.57
N GLU F 147 61.68 2.75 -8.44
CA GLU F 147 61.26 1.78 -9.43
C GLU F 147 61.03 0.48 -8.67
N CYS F 148 61.70 0.39 -7.52
CA CYS F 148 61.43 -0.61 -6.51
C CYS F 148 60.07 -0.28 -5.86
N MET F 149 59.89 0.99 -5.51
CA MET F 149 58.63 1.48 -4.96
C MET F 149 57.52 1.24 -5.97
N GLU F 150 57.81 1.52 -7.23
CA GLU F 150 56.84 1.29 -8.29
C GLU F 150 56.48 -0.19 -8.40
N SER F 151 57.45 -1.06 -8.15
CA SER F 151 57.24 -2.50 -8.23
C SER F 151 56.26 -3.00 -7.16
N VAL F 152 56.23 -2.33 -6.00
CA VAL F 152 55.30 -2.76 -4.96
C VAL F 152 53.94 -2.07 -5.16
N ARG F 153 53.95 -0.92 -5.83
CA ARG F 153 52.70 -0.21 -6.14
C ARG F 153 51.94 -0.90 -7.28
N ASN F 154 52.64 -1.63 -8.13
CA ASN F 154 51.96 -2.37 -9.18
C ASN F 154 52.03 -3.86 -8.90
N GLY F 155 52.58 -4.21 -7.75
CA GLY F 155 52.66 -5.59 -7.29
C GLY F 155 53.58 -6.52 -8.08
N THR F 156 54.75 -6.00 -8.44
CA THR F 156 55.73 -6.79 -9.19
C THR F 156 56.97 -7.02 -8.31
N TYR F 157 56.91 -6.49 -7.09
CA TYR F 157 58.00 -6.60 -6.12
C TYR F 157 58.49 -8.03 -5.94
N ASP F 158 59.68 -8.31 -6.48
CA ASP F 158 60.27 -9.64 -6.38
C ASP F 158 61.04 -9.72 -5.07
N TYR F 159 60.64 -10.64 -4.19
CA TYR F 159 61.14 -10.74 -2.82
C TYR F 159 62.63 -11.05 -2.68
N PRO F 160 63.13 -12.17 -3.25
CA PRO F 160 64.52 -12.55 -2.95
C PRO F 160 65.54 -11.57 -3.50
N GLN F 161 65.08 -10.67 -4.38
CA GLN F 161 65.91 -9.67 -5.02
C GLN F 161 66.53 -8.72 -3.98
N TYR F 162 65.96 -8.73 -2.78
CA TYR F 162 66.42 -7.90 -1.68
C TYR F 162 66.44 -8.71 -0.39
N SER F 163 66.28 -10.03 -0.51
CA SER F 163 66.19 -10.90 0.68
C SER F 163 67.48 -10.94 1.49
N GLU F 164 68.60 -11.09 0.78
CA GLU F 164 69.89 -11.22 1.44
C GLU F 164 70.35 -9.87 1.99
N GLU F 165 70.21 -8.83 1.19
CA GLU F 165 70.49 -7.45 1.60
C GLU F 165 69.78 -7.05 2.90
N ALA F 166 68.50 -7.42 3.00
CA ALA F 166 67.69 -7.13 4.19
C ALA F 166 68.09 -7.97 5.41
N ARG F 167 68.42 -9.24 5.17
CA ARG F 167 68.78 -10.16 6.25
C ARG F 167 69.94 -9.63 7.08
N LEU F 168 70.93 -9.06 6.38
CA LEU F 168 72.13 -8.48 7.00
C LEU F 168 71.75 -7.31 7.91
N LYS F 169 70.73 -6.56 7.50
CA LYS F 169 70.24 -5.41 8.25
C LYS F 169 69.51 -5.87 9.51
N ARG F 170 68.79 -6.98 9.39
CA ARG F 170 68.15 -7.59 10.56
C ARG F 170 69.16 -8.12 11.57
N GLU F 171 70.27 -8.67 11.07
CA GLU F 171 71.29 -9.21 11.96
C GLU F 171 72.05 -8.10 12.69
N GLU F 172 72.12 -6.93 12.07
CA GLU F 172 72.73 -5.77 12.73
C GLU F 172 71.88 -5.27 13.90
N ILE F 173 70.56 -5.36 13.76
CA ILE F 173 69.63 -4.92 14.82
C ILE F 173 69.53 -5.92 15.98
N SER F 174 69.68 -7.21 15.68
CA SER F 174 69.60 -8.25 16.71
C SER F 174 70.98 -8.54 17.32
N GLY F 175 71.81 -7.49 17.37
CA GLY F 175 73.16 -7.59 17.89
C GLY F 175 73.52 -6.49 18.88
C1 NAG G . -43.39 -17.97 5.82
C2 NAG G . -44.03 -16.96 6.77
C3 NAG G . -43.96 -17.42 8.21
C4 NAG G . -44.23 -18.91 8.39
C5 NAG G . -43.69 -19.78 7.26
C6 NAG G . -44.29 -21.17 7.26
C7 NAG G . -44.07 -14.59 6.15
C8 NAG G . -43.29 -13.31 6.08
N2 NAG G . -43.42 -15.65 6.63
O3 NAG G . -44.99 -16.73 8.91
O4 NAG G . -43.60 -19.32 9.61
O5 NAG G . -44.00 -19.20 5.99
O6 NAG G . -45.67 -21.13 7.64
O7 NAG G . -45.24 -14.66 5.78
C1 FUL G . -44.58 -16.14 10.15
C2 FUL G . -44.66 -14.62 10.03
O2 FUL G . -45.91 -14.20 9.42
C3 FUL G . -44.47 -14.01 11.43
O3 FUL G . -44.45 -12.56 11.36
C4 FUL G . -43.16 -14.55 12.09
O4 FUL G . -42.01 -13.97 11.46
C5 FUL G . -43.09 -16.10 12.03
C6 FUL G . -41.73 -16.69 12.44
O5 FUL G . -43.35 -16.58 10.68
C1 NAG G . -44.51 -19.88 10.59
C2 NAG G . -43.66 -20.49 11.70
C3 NAG G . -44.56 -21.12 12.76
C4 NAG G . -45.58 -20.11 13.25
C5 NAG G . -46.35 -19.51 12.06
C6 NAG G . -47.31 -18.42 12.45
C7 NAG G . -41.41 -21.33 11.26
C8 NAG G . -40.59 -22.42 10.63
N2 NAG G . -42.73 -21.47 11.17
O3 NAG G . -43.76 -21.58 13.85
O4 NAG G . -46.50 -20.74 14.15
O5 NAG G . -45.41 -18.93 11.14
O6 NAG G . -48.06 -17.97 11.32
O7 NAG G . -40.89 -20.37 11.84
C1 NAG H . -31.61 33.07 8.02
C2 NAG H . -31.93 33.53 6.60
C3 NAG H . -31.10 34.76 6.19
C4 NAG H . -30.91 35.78 7.31
C5 NAG H . -30.67 35.14 8.67
C6 NAG H . -30.83 36.14 9.78
C7 NAG H . -32.59 32.13 4.69
C8 NAG H . -32.17 31.03 3.78
N2 NAG H . -31.71 32.45 5.64
O3 NAG H . -31.87 35.41 5.19
O4 NAG H . -29.80 36.61 6.99
O5 NAG H . -31.68 34.14 8.90
O6 NAG H . -32.11 36.75 9.70
O7 NAG H . -33.68 32.70 4.57
C1 FUL H . -31.11 35.82 4.06
C2 FUL H . -31.46 34.93 2.87
O2 FUL H . -32.85 35.08 2.50
C3 FUL H . -30.54 35.23 1.66
O3 FUL H . -30.64 34.14 0.72
C4 FUL H . -29.03 35.41 2.09
O4 FUL H . -28.44 34.14 2.37
C5 FUL H . -28.91 36.35 3.31
C6 FUL H . -27.50 36.44 3.91
O5 FUL H . -29.74 35.88 4.36
C1 NAG H . -30.10 38.03 6.79
C2 NAG H . -28.76 38.77 6.73
C3 NAG H . -28.95 40.26 6.39
C4 NAG H . -29.85 40.42 5.17
C5 NAG H . -31.16 39.72 5.45
C6 NAG H . -32.20 39.86 4.36
C7 NAG H . -26.96 37.87 8.12
C8 NAG H . -26.35 37.82 9.48
N2 NAG H . -28.05 38.63 7.99
O3 NAG H . -27.68 40.84 6.14
O4 NAG H . -30.07 41.81 4.90
O5 NAG H . -30.88 38.32 5.61
O6 NAG H . -33.46 40.22 4.93
O7 NAG H . -26.49 37.26 7.16
C1 FUC H . -32.02 38.19 9.71
C2 FUC H . -33.42 38.81 9.46
C3 FUC H . -34.37 38.19 10.46
C4 FUC H . -33.92 38.72 11.84
C5 FUC H . -32.45 38.18 12.10
C6 FUC H . -31.74 38.56 13.45
O2 FUC H . -33.91 38.70 8.10
O3 FUC H . -35.70 38.57 10.19
O4 FUC H . -33.97 40.18 11.85
O5 FUC H . -31.55 38.57 10.99
C1 NAG I . -28.05 7.90 -37.08
C2 NAG I . -29.03 6.75 -37.05
C3 NAG I . -28.58 5.61 -37.95
C4 NAG I . -28.05 6.09 -39.30
C5 NAG I . -27.25 7.38 -39.23
C6 NAG I . -27.12 8.03 -40.58
C7 NAG I . -30.41 6.03 -35.17
C8 NAG I . -30.43 5.51 -33.75
N2 NAG I . -29.20 6.27 -35.69
O3 NAG I . -29.75 4.86 -38.21
O4 NAG I . -27.22 5.05 -39.83
O5 NAG I . -27.91 8.34 -38.39
O6 NAG I . -28.25 7.75 -41.40
O7 NAG I . -31.44 6.23 -35.81
C1 FUL I . -29.62 3.43 -38.01
C2 FUL I . -30.49 2.95 -36.85
O2 FUL I . -31.85 3.43 -36.94
C3 FUL I . -30.45 1.41 -36.79
O3 FUL I . -31.01 0.96 -35.53
C4 FUL I . -28.97 0.82 -36.99
O4 FUL I . -28.23 0.92 -35.79
C5 FUL I . -28.19 1.55 -38.07
C6 FUL I . -26.71 1.27 -38.01
O5 FUL I . -28.30 2.97 -37.90
C1 NAG I . -27.67 4.54 -41.11
C2 NAG I . -26.54 3.65 -41.63
C3 NAG I . -26.91 3.06 -43.00
C4 NAG I . -28.28 2.40 -42.95
C5 NAG I . -29.32 3.37 -42.38
C6 NAG I . -30.69 2.76 -42.23
C7 NAG I . -24.31 4.25 -40.82
C8 NAG I . -23.10 5.11 -41.04
N2 NAG I . -25.30 4.39 -41.71
O3 NAG I . -25.93 2.11 -43.37
O4 NAG I . -28.69 1.98 -44.24
O5 NAG I . -28.90 3.80 -41.08
O6 NAG I . -31.71 3.74 -42.30
O7 NAG I . -24.38 3.46 -39.88
C1 NAG J . 22.83 -9.12 -18.62
C2 NAG J . 23.21 -8.09 -19.67
C3 NAG J . 22.20 -8.12 -20.81
C4 NAG J . 22.05 -9.54 -21.36
C5 NAG J . 21.81 -10.56 -20.24
C6 NAG J . 21.89 -12.00 -20.70
C7 NAG J . 24.41 -6.22 -18.63
C8 NAG J . 24.29 -4.83 -18.07
N2 NAG J . 23.27 -6.76 -19.10
O3 NAG J . 22.63 -7.23 -21.83
O4 NAG J . 20.92 -9.58 -22.24
O5 NAG J . 22.81 -10.41 -19.20
O6 NAG J . 23.05 -12.24 -21.48
O7 NAG J . 25.48 -6.82 -18.65
C1 NAG K . 11.54 -21.27 18.82
C2 NAG K . 11.65 -22.72 18.42
C3 NAG K . 10.34 -23.45 18.72
C4 NAG K . 9.95 -23.26 20.17
C5 NAG K . 9.98 -21.77 20.55
C6 NAG K . 9.76 -21.52 22.03
C7 NAG K . 12.72 -23.87 16.51
C8 NAG K . 12.99 -23.83 15.04
N2 NAG K . 12.00 -22.85 17.00
O3 NAG K . 10.46 -24.84 18.43
O4 NAG K . 8.65 -23.78 20.41
O5 NAG K . 11.24 -21.18 20.21
O6 NAG K . 10.80 -22.05 22.82
O7 NAG K . 13.12 -24.79 17.23
C1 NAG L . 22.20 17.97 11.90
C2 NAG L . 22.08 18.07 13.43
C3 NAG L . 21.24 19.28 13.80
C4 NAG L . 21.81 20.55 13.17
C5 NAG L . 21.99 20.35 11.66
C6 NAG L . 22.69 21.51 10.99
C7 NAG L . 21.87 16.37 15.18
C8 NAG L . 21.19 15.09 15.60
N2 NAG L . 21.52 16.85 13.98
O3 NAG L . 21.15 19.40 15.22
O4 NAG L . 20.96 21.66 13.41
O5 NAG L . 22.77 19.18 11.40
O6 NAG L . 23.04 22.52 11.91
O7 NAG L . 22.70 16.92 15.89
#